data_3MZS
#
_entry.id   3MZS
#
_cell.length_a   109.450
_cell.length_b   94.630
_cell.length_c   113.500
_cell.angle_alpha   90.000
_cell.angle_beta   89.960
_cell.angle_gamma   90.000
#
_symmetry.space_group_name_H-M   'P 1 21 1'
#
loop_
_entity.id
_entity.type
_entity.pdbx_description
1 polymer 'Cholesterol side-chain cleavage enzyme'
2 non-polymer 'PROTOPORPHYRIN IX CONTAINING FE'
3 non-polymer (3alpha,8alpha,22R)-cholest-5-ene-3,22-diol
4 non-polymer 'ISOPROPYL ALCOHOL'
5 water water
#
_entity_poly.entity_id   1
_entity_poly.type   'polypeptide(L)'
_entity_poly.pdbx_seq_one_letter_code
;MASTKTPRPYSEIPSPGDNGWLNLYHFWREKGSQRIHFRHIENFQKYGPIYREKLGNLESVYIIHPEDVAHLFKFEGSYP
ERYDIPPWLAYHRYYQKPIGVLFKKSGTWKKDRVVLNTEVMAPEAIKNFIPLLNPVSQDFVSLLHKRIKQQGSGKFVGDI
KEDLFHFAFESITNVMFGERLGMLEETVNPEAQKFIDAVYKMFHTSVPLLNVPPELYRLFRTKTWRDHVAAWDTIFNKAE
KYTEIFYQDLRRKTEFRNYPGILYCLLKSEKMLLEDVKANITEMLAGGVNTTSMTLQWHLYEMARSLNVQEMLREEVLNA
RRQAEGDISKMLQMVPLLKASIKETLRLHPISVTLQRYPESDLVLQDYLIPAKTLVQVAIYAMGRDPAFFSSPDKFDPTR
WLSKDKDLIHFRNLGFGWGVRQCVGRRIAELEMTLFLIHILENFKVEMQHIGDVDTIFNLILTPDKPIFLVFRPFNQDPP
QAHHHH
;
_entity_poly.pdbx_strand_id   A,B,C,D
#
# COMPACT_ATOMS: atom_id res chain seq x y z
N THR A 6 2.93 -12.37 -36.44
CA THR A 6 1.89 -12.97 -35.54
C THR A 6 1.86 -12.20 -34.20
N PRO A 7 0.67 -12.05 -33.61
CA PRO A 7 0.57 -11.34 -32.35
C PRO A 7 1.01 -12.27 -31.20
N ARG A 8 1.25 -11.71 -30.02
CA ARG A 8 1.49 -12.53 -28.83
C ARG A 8 0.19 -13.24 -28.46
N PRO A 9 0.27 -14.47 -27.95
CA PRO A 9 -0.94 -15.25 -27.62
C PRO A 9 -1.64 -14.72 -26.35
N TYR A 10 -2.95 -14.92 -26.27
CA TYR A 10 -3.79 -14.46 -25.15
C TYR A 10 -3.13 -14.70 -23.78
N SER A 11 -3.00 -15.98 -23.45
CA SER A 11 -2.36 -16.42 -22.22
C SER A 11 -1.07 -15.69 -21.86
N GLU A 12 -0.59 -14.81 -22.74
CA GLU A 12 0.61 -14.01 -22.47
C GLU A 12 0.33 -12.63 -21.87
N ILE A 13 -0.94 -12.24 -21.82
CA ILE A 13 -1.32 -10.96 -21.19
C ILE A 13 -1.04 -10.98 -19.67
N PRO A 14 -0.23 -10.04 -19.18
CA PRO A 14 0.23 -10.02 -17.79
C PRO A 14 -0.61 -10.79 -16.72
N SER A 15 -1.72 -10.24 -16.22
CA SER A 15 -2.55 -10.94 -15.19
C SER A 15 -1.84 -11.12 -13.83
N PRO A 16 -2.58 -11.57 -12.81
CA PRO A 16 -1.93 -11.85 -11.54
C PRO A 16 -1.86 -13.35 -11.29
N GLY A 17 -2.54 -14.14 -12.12
CA GLY A 17 -2.38 -15.55 -12.08
C GLY A 17 -3.56 -16.26 -12.62
N ASP A 18 -3.32 -17.44 -13.18
CA ASP A 18 -4.37 -18.25 -13.77
C ASP A 18 -5.34 -18.77 -12.73
N ASN A 19 -4.96 -18.65 -11.45
CA ASN A 19 -5.77 -19.22 -10.36
C ASN A 19 -6.86 -18.23 -9.90
N GLY A 20 -8.11 -18.50 -10.32
CA GLY A 20 -9.20 -17.57 -10.07
C GLY A 20 -9.58 -17.46 -8.60
N TRP A 21 -9.85 -18.63 -8.02
CA TRP A 21 -10.06 -18.75 -6.58
C TRP A 21 -8.97 -18.06 -5.74
N LEU A 22 -7.70 -18.32 -6.03
CA LEU A 22 -6.66 -17.63 -5.28
C LEU A 22 -6.83 -16.13 -5.28
N ASN A 23 -7.10 -15.60 -6.46
CA ASN A 23 -7.29 -14.16 -6.67
C ASN A 23 -8.45 -13.61 -5.85
N LEU A 24 -9.54 -14.38 -5.78
CA LEU A 24 -10.69 -14.04 -4.97
C LEU A 24 -10.36 -13.96 -3.49
N TYR A 25 -9.63 -14.96 -2.97
CA TYR A 25 -9.16 -14.86 -1.61
C TYR A 25 -8.51 -13.51 -1.40
N HIS A 26 -7.58 -13.18 -2.28
CA HIS A 26 -6.80 -11.96 -2.15
C HIS A 26 -7.67 -10.70 -2.25
N PHE A 27 -8.52 -10.70 -3.27
CA PHE A 27 -9.51 -9.65 -3.47
C PHE A 27 -10.31 -9.47 -2.17
N TRP A 28 -10.83 -10.57 -1.64
CA TRP A 28 -11.63 -10.51 -0.42
C TRP A 28 -10.88 -10.12 0.82
N ARG A 29 -9.57 -10.35 0.82
CA ARG A 29 -8.72 -10.07 1.98
C ARG A 29 -8.26 -8.63 1.91
N GLU A 30 -8.13 -8.11 0.70
CA GLU A 30 -7.72 -6.71 0.54
C GLU A 30 -8.88 -5.71 0.73
N LYS A 31 -10.09 -6.23 0.84
CA LYS A 31 -11.24 -5.38 1.00
C LYS A 31 -11.49 -4.61 -0.31
N GLY A 32 -11.36 -5.32 -1.43
CA GLY A 32 -11.44 -4.69 -2.76
C GLY A 32 -12.85 -4.58 -3.28
N SER A 33 -13.77 -5.39 -2.74
CA SER A 33 -15.19 -5.36 -3.13
C SER A 33 -15.80 -4.01 -3.53
N GLN A 34 -15.30 -2.94 -2.92
CA GLN A 34 -15.89 -1.60 -3.10
C GLN A 34 -14.81 -0.60 -3.57
N ARG A 35 -13.60 -1.11 -3.78
CA ARG A 35 -12.52 -0.29 -4.27
C ARG A 35 -12.12 -0.67 -5.74
N ILE A 36 -13.01 -1.34 -6.42
CA ILE A 36 -12.72 -1.97 -7.69
C ILE A 36 -12.16 -1.01 -8.78
N HIS A 37 -12.23 0.29 -8.52
CA HIS A 37 -11.80 1.31 -9.44
C HIS A 37 -10.48 1.76 -9.05
N PHE A 38 -10.19 1.67 -7.77
CA PHE A 38 -8.85 1.97 -7.27
C PHE A 38 -7.85 0.88 -7.75
N ARG A 39 -8.34 -0.36 -7.87
CA ARG A 39 -7.48 -1.48 -8.23
C ARG A 39 -7.08 -1.36 -9.71
N HIS A 40 -8.05 -1.02 -10.54
CA HIS A 40 -7.78 -0.67 -11.92
C HIS A 40 -6.53 0.17 -11.97
N ILE A 41 -6.51 1.26 -11.19
CA ILE A 41 -5.38 2.21 -11.28
C ILE A 41 -4.06 1.64 -10.83
N GLU A 42 -4.12 0.63 -9.96
CA GLU A 42 -2.92 0.05 -9.35
C GLU A 42 -2.48 -1.12 -10.27
N ASN A 43 -3.46 -1.91 -10.72
CA ASN A 43 -3.26 -2.95 -11.70
C ASN A 43 -2.61 -2.49 -13.02
N PHE A 44 -3.12 -1.42 -13.64
CA PHE A 44 -2.49 -0.82 -14.83
C PHE A 44 -1.13 -0.27 -14.52
N GLN A 45 -0.93 0.17 -13.29
CA GLN A 45 0.37 0.71 -12.90
C GLN A 45 1.38 -0.42 -12.73
N LYS A 46 0.85 -1.63 -12.53
CA LYS A 46 1.68 -2.78 -12.30
C LYS A 46 1.92 -3.51 -13.61
N TYR A 47 0.84 -3.94 -14.26
CA TYR A 47 0.95 -4.67 -15.50
C TYR A 47 1.16 -3.87 -16.82
N GLY A 48 1.07 -2.55 -16.74
CA GLY A 48 1.04 -1.69 -17.96
C GLY A 48 -0.33 -1.65 -18.65
N PRO A 49 -0.35 -1.21 -19.91
CA PRO A 49 -1.59 -0.84 -20.61
C PRO A 49 -2.70 -1.84 -20.69
N ILE A 50 -2.47 -3.07 -20.25
CA ILE A 50 -3.45 -4.12 -20.51
C ILE A 50 -3.15 -5.29 -19.60
N TYR A 51 -4.20 -5.93 -19.08
CA TYR A 51 -3.99 -7.00 -18.14
C TYR A 51 -5.20 -7.84 -18.03
N ARG A 52 -5.05 -9.01 -17.41
CA ARG A 52 -6.19 -9.93 -17.19
C ARG A 52 -6.33 -10.13 -15.70
N GLU A 53 -7.41 -10.78 -15.28
CA GLU A 53 -7.64 -11.04 -13.85
C GLU A 53 -8.84 -11.86 -13.73
N LYS A 54 -8.64 -13.16 -13.57
CA LYS A 54 -9.75 -14.09 -13.36
C LYS A 54 -10.10 -14.10 -11.85
N LEU A 55 -11.40 -13.95 -11.55
CA LEU A 55 -11.92 -13.98 -10.20
C LEU A 55 -12.93 -15.11 -10.18
N GLY A 56 -12.53 -16.23 -9.60
CA GLY A 56 -13.34 -17.43 -9.65
C GLY A 56 -13.25 -18.00 -11.06
N ASN A 57 -14.34 -17.85 -11.80
CA ASN A 57 -14.41 -18.33 -13.17
C ASN A 57 -14.54 -17.15 -14.09
N LEU A 58 -14.69 -15.96 -13.48
CA LEU A 58 -15.00 -14.77 -14.22
C LEU A 58 -13.71 -14.09 -14.63
N GLU A 59 -13.32 -14.27 -15.90
CA GLU A 59 -12.11 -13.61 -16.47
C GLU A 59 -12.41 -12.53 -17.51
N SER A 60 -11.50 -11.55 -17.61
CA SER A 60 -11.75 -10.45 -18.49
C SER A 60 -10.45 -9.68 -18.72
N VAL A 61 -10.36 -8.92 -19.80
CA VAL A 61 -9.14 -8.12 -20.11
C VAL A 61 -9.48 -6.68 -19.87
N TYR A 62 -8.47 -5.86 -19.60
CA TYR A 62 -8.74 -4.53 -19.21
C TYR A 62 -7.88 -3.61 -19.97
N ILE A 63 -8.51 -2.60 -20.57
CA ILE A 63 -7.75 -1.63 -21.34
C ILE A 63 -7.92 -0.23 -20.84
N ILE A 64 -7.02 0.65 -21.25
CA ILE A 64 -7.12 2.03 -20.87
C ILE A 64 -6.72 3.08 -21.95
N HIS A 65 -5.87 2.68 -22.92
CA HIS A 65 -5.40 3.67 -23.94
C HIS A 65 -6.47 3.90 -24.97
N PRO A 66 -6.81 5.18 -25.22
CA PRO A 66 -7.84 5.56 -26.23
C PRO A 66 -7.78 4.72 -27.52
N GLU A 67 -6.63 4.76 -28.20
CA GLU A 67 -6.46 3.96 -29.45
C GLU A 67 -6.92 2.53 -29.38
N ASP A 68 -6.72 1.91 -28.22
CA ASP A 68 -7.33 0.59 -27.97
C ASP A 68 -8.83 0.57 -27.87
N VAL A 69 -9.39 1.61 -27.26
CA VAL A 69 -10.83 1.54 -26.97
C VAL A 69 -11.38 1.63 -28.37
N ALA A 70 -10.96 2.71 -29.01
CA ALA A 70 -11.21 2.92 -30.46
C ALA A 70 -11.19 1.64 -31.23
N HIS A 71 -10.04 0.95 -31.23
CA HIS A 71 -9.97 -0.32 -31.95
C HIS A 71 -10.98 -1.30 -31.49
N LEU A 72 -11.10 -1.49 -30.17
CA LEU A 72 -11.99 -2.54 -29.62
C LEU A 72 -13.40 -2.39 -30.11
N PHE A 73 -13.82 -1.14 -30.25
CA PHE A 73 -15.18 -0.84 -30.74
C PHE A 73 -15.45 -1.29 -32.17
N LYS A 74 -14.40 -1.26 -33.00
CA LYS A 74 -14.49 -1.84 -34.37
C LYS A 74 -15.16 -3.21 -34.38
N PHE A 75 -14.73 -4.10 -33.48
CA PHE A 75 -15.28 -5.49 -33.39
C PHE A 75 -16.48 -5.72 -32.41
N GLU A 76 -17.06 -4.65 -31.88
CA GLU A 76 -18.20 -4.80 -30.94
C GLU A 76 -19.44 -5.37 -31.60
N GLY A 77 -19.61 -5.03 -32.88
CA GLY A 77 -20.66 -5.65 -33.67
C GLY A 77 -21.78 -4.76 -34.19
N SER A 78 -22.84 -5.43 -34.64
CA SER A 78 -24.05 -4.77 -35.07
C SER A 78 -25.05 -4.81 -33.90
N TYR A 79 -25.04 -5.90 -33.12
CA TYR A 79 -25.85 -6.00 -31.89
C TYR A 79 -24.92 -6.27 -30.72
N PRO A 80 -24.31 -5.21 -30.13
CA PRO A 80 -23.31 -5.39 -29.08
C PRO A 80 -23.80 -6.04 -27.74
N GLU A 81 -22.90 -6.15 -26.78
CA GLU A 81 -23.17 -6.99 -25.61
C GLU A 81 -22.17 -6.62 -24.58
N ARG A 82 -22.65 -6.00 -23.50
CA ARG A 82 -21.80 -5.55 -22.41
C ARG A 82 -21.86 -6.62 -21.36
N TYR A 83 -21.14 -6.42 -20.26
CA TYR A 83 -21.26 -7.33 -19.09
C TYR A 83 -22.66 -7.29 -18.54
N ASP A 84 -23.18 -8.44 -18.17
CA ASP A 84 -24.50 -8.59 -17.60
C ASP A 84 -24.48 -8.88 -16.09
N ILE A 85 -24.81 -7.85 -15.29
CA ILE A 85 -24.86 -7.97 -13.83
C ILE A 85 -25.55 -9.25 -13.46
N PRO A 86 -24.79 -10.19 -12.88
CA PRO A 86 -25.34 -11.51 -12.50
C PRO A 86 -26.52 -11.46 -11.49
N PRO A 87 -26.44 -10.64 -10.44
CA PRO A 87 -27.60 -10.47 -9.58
C PRO A 87 -28.88 -9.93 -10.30
N TRP A 88 -28.72 -8.92 -11.15
CA TRP A 88 -29.90 -8.35 -11.86
C TRP A 88 -30.48 -9.39 -12.67
N LEU A 89 -29.62 -10.06 -13.45
CA LEU A 89 -30.07 -11.09 -14.39
C LEU A 89 -30.68 -12.20 -13.64
N ALA A 90 -30.05 -12.59 -12.54
CA ALA A 90 -30.60 -13.70 -11.73
C ALA A 90 -32.02 -13.48 -11.29
N TYR A 91 -32.27 -12.33 -10.64
CA TYR A 91 -33.65 -11.96 -10.19
C TYR A 91 -34.70 -12.18 -11.28
N HIS A 92 -34.41 -11.67 -12.49
CA HIS A 92 -35.40 -11.75 -13.56
C HIS A 92 -35.64 -13.16 -14.00
N ARG A 93 -34.58 -13.96 -14.14
CA ARG A 93 -34.77 -15.33 -14.65
C ARG A 93 -35.38 -16.13 -13.55
N TYR A 94 -34.80 -16.02 -12.36
CA TYR A 94 -35.36 -16.77 -11.23
C TYR A 94 -36.86 -16.49 -11.05
N TYR A 95 -37.22 -15.21 -10.96
CA TYR A 95 -38.67 -14.84 -10.92
C TYR A 95 -39.43 -14.94 -12.21
N GLN A 96 -38.71 -14.89 -13.34
CA GLN A 96 -39.34 -14.95 -14.64
C GLN A 96 -40.13 -13.63 -14.88
N LYS A 97 -39.39 -12.52 -14.77
CA LYS A 97 -39.89 -11.19 -15.02
C LYS A 97 -39.51 -10.77 -16.44
N PRO A 98 -40.40 -10.06 -17.16
CA PRO A 98 -40.14 -9.68 -18.54
C PRO A 98 -39.02 -8.68 -18.57
N ILE A 99 -38.04 -8.94 -19.42
CA ILE A 99 -36.83 -8.11 -19.50
C ILE A 99 -36.97 -7.14 -20.66
N GLY A 100 -36.19 -6.07 -20.65
CA GLY A 100 -36.20 -5.15 -21.78
C GLY A 100 -34.82 -4.89 -22.36
N VAL A 101 -34.67 -3.76 -23.03
CA VAL A 101 -33.42 -3.49 -23.64
C VAL A 101 -32.23 -3.91 -22.77
N LEU A 102 -32.26 -3.60 -21.47
CA LEU A 102 -31.03 -3.85 -20.66
C LEU A 102 -30.53 -5.32 -20.72
N PHE A 103 -31.44 -6.28 -20.67
CA PHE A 103 -31.04 -7.67 -20.71
C PHE A 103 -31.19 -8.33 -22.06
N LYS A 104 -32.02 -7.74 -22.92
CA LYS A 104 -32.37 -8.31 -24.22
C LYS A 104 -31.14 -8.57 -25.05
N LYS A 105 -31.16 -9.70 -25.76
CA LYS A 105 -30.00 -10.12 -26.55
C LYS A 105 -30.28 -10.40 -28.03
N SER A 106 -29.47 -9.80 -28.92
CA SER A 106 -29.54 -10.05 -30.40
C SER A 106 -30.63 -9.22 -31.14
N GLY A 107 -31.20 -9.80 -32.19
CA GLY A 107 -32.28 -9.14 -32.96
C GLY A 107 -33.51 -8.80 -32.13
N THR A 108 -33.75 -9.59 -31.10
CA THR A 108 -34.74 -9.29 -30.08
C THR A 108 -34.40 -7.94 -29.42
N TRP A 109 -33.12 -7.76 -29.09
CA TRP A 109 -32.66 -6.51 -28.51
C TRP A 109 -32.82 -5.30 -29.44
N LYS A 110 -32.36 -5.46 -30.67
CA LYS A 110 -32.35 -4.38 -31.69
C LYS A 110 -33.75 -3.88 -31.93
N LYS A 111 -34.69 -4.82 -32.01
CA LYS A 111 -36.08 -4.49 -32.26
C LYS A 111 -36.54 -3.36 -31.32
N ASP A 112 -36.44 -3.58 -30.01
CA ASP A 112 -36.87 -2.57 -29.02
C ASP A 112 -36.10 -1.28 -29.12
N ARG A 113 -34.81 -1.35 -29.41
CA ARG A 113 -33.95 -0.16 -29.33
C ARG A 113 -34.18 0.79 -30.51
N VAL A 114 -34.74 0.25 -31.60
CA VAL A 114 -35.06 1.07 -32.78
C VAL A 114 -36.23 1.94 -32.40
N VAL A 115 -37.31 1.27 -31.97
CA VAL A 115 -38.46 1.96 -31.37
C VAL A 115 -38.01 3.02 -30.40
N LEU A 116 -37.29 2.58 -29.36
CA LEU A 116 -36.87 3.42 -28.24
C LEU A 116 -36.05 4.62 -28.58
N ASN A 117 -35.29 4.54 -29.67
CA ASN A 117 -34.45 5.68 -30.06
C ASN A 117 -35.37 6.77 -30.58
N THR A 118 -36.36 6.35 -31.36
CA THR A 118 -37.23 7.31 -32.02
C THR A 118 -37.93 8.11 -30.94
N GLU A 119 -38.25 7.42 -29.84
CA GLU A 119 -39.04 8.02 -28.77
C GLU A 119 -38.32 8.68 -27.61
N VAL A 120 -36.99 8.59 -27.57
CA VAL A 120 -36.24 9.16 -26.44
C VAL A 120 -34.89 9.77 -26.82
N MET A 121 -34.46 9.54 -28.07
CA MET A 121 -33.12 9.92 -28.55
C MET A 121 -33.14 10.79 -29.83
N ALA A 122 -34.19 10.59 -30.63
CA ALA A 122 -34.45 11.38 -31.85
C ALA A 122 -34.52 12.89 -31.53
N PRO A 123 -33.95 13.76 -32.38
CA PRO A 123 -33.88 15.21 -32.05
C PRO A 123 -35.20 15.97 -32.35
N GLU A 124 -36.33 15.30 -32.14
CA GLU A 124 -37.62 15.96 -32.12
C GLU A 124 -38.40 15.44 -30.90
N ALA A 125 -38.17 14.16 -30.53
CA ALA A 125 -38.63 13.69 -29.22
C ALA A 125 -37.80 14.40 -28.13
N ILE A 126 -36.71 15.04 -28.52
CA ILE A 126 -35.89 15.85 -27.60
C ILE A 126 -36.50 17.23 -27.45
N LYS A 127 -36.82 17.86 -28.59
CA LYS A 127 -37.41 19.19 -28.55
C LYS A 127 -38.75 19.15 -27.84
N ASN A 128 -39.44 18.01 -27.93
CA ASN A 128 -40.71 17.82 -27.26
C ASN A 128 -40.59 17.58 -25.74
N PHE A 129 -39.37 17.74 -25.22
CA PHE A 129 -39.09 17.47 -23.82
C PHE A 129 -38.83 18.78 -23.10
N ILE A 130 -38.28 19.76 -23.81
CA ILE A 130 -38.04 21.08 -23.23
C ILE A 130 -39.16 21.50 -22.24
N PRO A 131 -40.41 21.63 -22.73
CA PRO A 131 -41.54 22.00 -21.88
C PRO A 131 -41.81 21.09 -20.68
N LEU A 132 -41.46 19.81 -20.78
CA LEU A 132 -41.73 18.88 -19.68
C LEU A 132 -40.68 18.99 -18.59
N LEU A 133 -39.47 19.41 -18.98
CA LEU A 133 -38.30 19.37 -18.09
C LEU A 133 -38.06 20.73 -17.53
N ASN A 134 -38.03 21.74 -18.41
CA ASN A 134 -37.85 23.12 -17.97
C ASN A 134 -38.58 23.51 -16.65
N PRO A 135 -39.90 23.25 -16.57
CA PRO A 135 -40.69 23.61 -15.41
C PRO A 135 -40.23 22.91 -14.11
N VAL A 136 -39.73 21.68 -14.24
CA VAL A 136 -39.34 20.89 -13.09
C VAL A 136 -38.07 21.46 -12.54
N SER A 137 -37.29 22.11 -13.39
CA SER A 137 -36.07 22.73 -12.94
C SER A 137 -36.27 24.11 -12.41
N GLN A 138 -37.44 24.69 -12.68
CA GLN A 138 -37.72 26.03 -12.13
C GLN A 138 -38.20 25.77 -10.69
N ASP A 139 -39.12 24.81 -10.55
CA ASP A 139 -39.57 24.32 -9.26
C ASP A 139 -38.47 23.90 -8.28
N PHE A 140 -37.25 23.68 -8.78
CA PHE A 140 -36.17 23.30 -7.91
C PHE A 140 -35.41 24.54 -7.48
N VAL A 141 -35.46 25.57 -8.33
CA VAL A 141 -34.87 26.87 -7.99
C VAL A 141 -35.67 27.46 -6.85
N SER A 142 -36.96 27.10 -6.83
CA SER A 142 -37.91 27.67 -5.92
C SER A 142 -37.88 26.97 -4.55
N LEU A 143 -37.77 25.64 -4.56
CA LEU A 143 -37.45 24.89 -3.33
C LEU A 143 -36.20 25.41 -2.63
N LEU A 144 -35.19 25.82 -3.39
CA LEU A 144 -33.98 26.37 -2.79
C LEU A 144 -34.32 27.76 -2.25
N HIS A 145 -35.15 28.47 -3.00
CA HIS A 145 -35.60 29.77 -2.59
C HIS A 145 -36.36 29.64 -1.27
N LYS A 146 -37.22 28.63 -1.19
CA LYS A 146 -38.02 28.33 -0.01
C LYS A 146 -37.20 27.75 1.16
N ARG A 147 -35.87 27.75 1.03
CA ARG A 147 -34.97 27.25 2.09
C ARG A 147 -34.06 28.34 2.52
N ILE A 148 -33.62 29.17 1.59
CA ILE A 148 -32.84 30.36 1.93
C ILE A 148 -33.65 31.34 2.85
N LYS A 149 -34.93 31.50 2.53
CA LYS A 149 -35.81 32.33 3.32
C LYS A 149 -36.29 31.51 4.52
N GLN A 150 -35.65 30.37 4.75
CA GLN A 150 -36.02 29.49 5.84
C GLN A 150 -34.95 29.50 6.91
N GLN A 151 -33.68 29.32 6.51
CA GLN A 151 -32.58 29.38 7.47
C GLN A 151 -32.59 30.78 8.03
N GLY A 152 -33.00 31.72 7.20
CA GLY A 152 -33.21 33.10 7.60
C GLY A 152 -32.14 34.12 7.25
N SER A 153 -30.88 33.69 7.18
CA SER A 153 -29.77 34.62 6.91
C SER A 153 -29.37 34.79 5.43
N GLY A 154 -30.26 34.43 4.52
CA GLY A 154 -30.03 34.68 3.09
C GLY A 154 -29.06 33.71 2.45
N LYS A 155 -29.29 32.42 2.69
CA LYS A 155 -28.44 31.37 2.18
C LYS A 155 -29.03 30.00 2.50
N PHE A 156 -28.35 28.93 2.06
CA PHE A 156 -28.75 27.58 2.45
C PHE A 156 -27.54 26.69 2.56
N VAL A 157 -27.43 26.00 3.68
CA VAL A 157 -26.36 25.06 3.90
C VAL A 157 -26.97 23.68 4.11
N GLY A 158 -26.26 22.63 3.67
CA GLY A 158 -26.81 21.28 3.72
C GLY A 158 -26.50 20.33 2.59
N ASP A 159 -26.98 19.10 2.76
CA ASP A 159 -26.75 18.06 1.83
C ASP A 159 -28.05 17.92 1.09
N ILE A 160 -28.04 18.26 -0.21
CA ILE A 160 -29.26 18.27 -1.04
C ILE A 160 -29.47 16.99 -1.85
N LYS A 161 -28.57 16.03 -1.65
CA LYS A 161 -28.70 14.73 -2.31
C LYS A 161 -30.10 14.26 -2.43
N GLU A 162 -30.87 14.27 -1.34
CA GLU A 162 -32.23 13.66 -1.40
C GLU A 162 -33.18 14.49 -2.27
N ASP A 163 -32.80 15.73 -2.51
CA ASP A 163 -33.61 16.66 -3.30
C ASP A 163 -33.25 16.43 -4.78
N LEU A 164 -31.96 16.14 -5.01
CA LEU A 164 -31.51 15.70 -6.30
C LEU A 164 -32.25 14.44 -6.72
N PHE A 165 -32.58 13.55 -5.79
CA PHE A 165 -33.36 12.33 -6.18
C PHE A 165 -34.73 12.66 -6.63
N HIS A 166 -35.38 13.56 -5.89
CA HIS A 166 -36.79 13.90 -6.12
C HIS A 166 -36.83 14.63 -7.42
N PHE A 167 -35.98 15.64 -7.56
CA PHE A 167 -35.87 16.35 -8.80
C PHE A 167 -35.83 15.35 -9.94
N ALA A 168 -34.86 14.44 -9.89
CA ALA A 168 -34.68 13.48 -10.97
C ALA A 168 -35.86 12.60 -11.21
N PHE A 169 -36.49 12.11 -10.15
CA PHE A 169 -37.55 11.12 -10.33
C PHE A 169 -38.79 11.78 -10.93
N GLU A 170 -38.95 13.07 -10.64
CA GLU A 170 -40.02 13.89 -11.21
C GLU A 170 -39.70 14.02 -12.71
N SER A 171 -38.53 14.59 -13.02
CA SER A 171 -38.09 14.68 -14.42
C SER A 171 -38.35 13.44 -15.31
N ILE A 172 -38.05 12.25 -14.81
CA ILE A 172 -38.22 11.02 -15.63
C ILE A 172 -39.66 10.59 -15.63
N THR A 173 -40.42 11.05 -14.66
CA THR A 173 -41.82 10.65 -14.55
C THR A 173 -42.68 11.58 -15.40
N ASN A 174 -42.29 12.86 -15.44
CA ASN A 174 -43.03 13.88 -16.17
C ASN A 174 -42.89 13.70 -17.68
N VAL A 175 -41.79 13.04 -18.09
CA VAL A 175 -41.50 12.85 -19.51
C VAL A 175 -42.10 11.55 -20.01
N MET A 176 -42.31 10.60 -19.11
CA MET A 176 -42.90 9.31 -19.49
C MET A 176 -44.39 9.20 -19.23
N PHE A 177 -44.93 10.21 -18.56
CA PHE A 177 -46.30 10.17 -18.07
C PHE A 177 -47.02 11.52 -18.15
N GLY A 178 -46.25 12.60 -18.23
CA GLY A 178 -46.80 13.93 -18.49
C GLY A 178 -47.58 14.49 -17.32
N GLU A 179 -47.35 13.91 -16.15
CA GLU A 179 -48.04 14.32 -14.95
C GLU A 179 -47.04 14.56 -13.85
N ARG A 180 -47.32 15.58 -13.02
CA ARG A 180 -46.44 15.96 -11.97
C ARG A 180 -46.74 15.21 -10.66
N LEU A 181 -45.74 15.06 -9.80
CA LEU A 181 -45.87 14.19 -8.60
C LEU A 181 -45.53 14.91 -7.28
N GLY A 182 -44.95 16.11 -7.42
CA GLY A 182 -44.69 16.96 -6.29
C GLY A 182 -43.66 16.40 -5.32
N MET A 183 -42.56 15.91 -5.86
CA MET A 183 -41.49 15.38 -5.04
C MET A 183 -40.70 16.55 -4.54
N LEU A 184 -41.03 17.74 -5.06
CA LEU A 184 -40.41 19.00 -4.60
C LEU A 184 -41.40 19.85 -3.74
N GLU A 185 -42.40 19.16 -3.16
CA GLU A 185 -43.36 19.77 -2.22
C GLU A 185 -42.85 19.76 -0.78
N GLU A 186 -43.65 20.27 0.16
CA GLU A 186 -43.31 20.19 1.59
C GLU A 186 -43.35 18.74 2.06
N THR A 187 -44.46 18.06 1.74
CA THR A 187 -44.62 16.65 2.07
C THR A 187 -44.74 15.86 0.77
N VAL A 188 -43.73 15.03 0.51
CA VAL A 188 -43.65 14.28 -0.73
C VAL A 188 -44.49 13.00 -0.63
N ASN A 189 -44.60 12.29 -1.75
CA ASN A 189 -45.26 10.99 -1.77
C ASN A 189 -44.34 9.96 -1.08
N PRO A 190 -44.88 9.21 -0.13
CA PRO A 190 -44.08 8.15 0.54
C PRO A 190 -43.95 6.86 -0.29
N GLU A 191 -44.88 6.64 -1.22
CA GLU A 191 -44.85 5.47 -2.11
C GLU A 191 -43.77 5.68 -3.19
N ALA A 192 -43.42 6.95 -3.42
CA ALA A 192 -42.52 7.31 -4.46
C ALA A 192 -41.15 7.46 -3.86
N GLN A 193 -41.09 7.58 -2.54
CA GLN A 193 -39.81 7.58 -1.88
C GLN A 193 -39.41 6.12 -1.68
N LYS A 194 -40.39 5.24 -1.60
CA LYS A 194 -40.16 3.82 -1.50
C LYS A 194 -39.46 3.24 -2.79
N PHE A 195 -40.01 3.60 -3.96
CA PHE A 195 -39.38 3.31 -5.23
C PHE A 195 -37.97 3.94 -5.43
N ILE A 196 -37.77 5.15 -4.94
CA ILE A 196 -36.52 5.82 -5.13
C ILE A 196 -35.41 5.17 -4.32
N ASP A 197 -35.79 4.64 -3.17
CA ASP A 197 -34.83 4.15 -2.24
C ASP A 197 -34.72 2.68 -2.54
N ALA A 198 -35.69 2.16 -3.32
CA ALA A 198 -35.56 0.83 -3.90
C ALA A 198 -34.42 0.79 -4.94
N VAL A 199 -34.46 1.71 -5.90
CA VAL A 199 -33.44 1.83 -6.95
C VAL A 199 -32.04 1.96 -6.39
N TYR A 200 -31.92 2.61 -5.23
CA TYR A 200 -30.59 2.78 -4.68
C TYR A 200 -30.22 1.63 -3.74
N LYS A 201 -31.24 0.96 -3.23
CA LYS A 201 -31.04 -0.23 -2.42
C LYS A 201 -30.62 -1.42 -3.35
N MET A 202 -31.35 -1.61 -4.45
CA MET A 202 -30.92 -2.58 -5.51
C MET A 202 -29.40 -2.44 -5.83
N PHE A 203 -29.00 -1.24 -6.22
CA PHE A 203 -27.63 -0.98 -6.51
C PHE A 203 -26.76 -1.41 -5.37
N HIS A 204 -26.88 -0.71 -4.24
CA HIS A 204 -26.05 -0.95 -3.08
C HIS A 204 -25.90 -2.46 -2.73
N THR A 205 -27.00 -3.21 -2.75
CA THR A 205 -26.93 -4.64 -2.47
C THR A 205 -26.55 -5.60 -3.65
N SER A 206 -25.84 -5.09 -4.65
CA SER A 206 -25.52 -5.91 -5.78
C SER A 206 -24.02 -6.21 -5.62
N VAL A 207 -23.29 -5.25 -5.07
CA VAL A 207 -21.89 -5.40 -4.90
C VAL A 207 -21.47 -6.78 -4.33
N PRO A 208 -21.94 -7.14 -3.11
CA PRO A 208 -21.56 -8.42 -2.50
C PRO A 208 -22.13 -9.61 -3.21
N LEU A 209 -22.86 -9.35 -4.31
CA LEU A 209 -23.51 -10.44 -5.05
C LEU A 209 -22.87 -10.71 -6.43
N LEU A 210 -21.82 -9.95 -6.75
CA LEU A 210 -21.24 -9.92 -8.10
C LEU A 210 -20.16 -10.98 -8.33
N ASN A 211 -19.46 -11.37 -7.25
CA ASN A 211 -18.39 -12.31 -7.35
C ASN A 211 -18.75 -13.60 -6.68
N VAL A 212 -20.01 -14.05 -6.84
CA VAL A 212 -20.48 -15.26 -6.18
C VAL A 212 -21.57 -15.87 -7.04
N PRO A 213 -21.56 -17.18 -7.19
CA PRO A 213 -22.48 -17.82 -8.10
C PRO A 213 -23.92 -17.54 -7.69
N PRO A 214 -24.68 -16.91 -8.58
CA PRO A 214 -26.09 -16.63 -8.33
C PRO A 214 -26.83 -17.75 -7.63
N GLU A 215 -26.67 -18.98 -8.11
CA GLU A 215 -27.50 -20.08 -7.62
C GLU A 215 -26.93 -20.58 -6.28
N LEU A 216 -25.91 -19.83 -5.80
CA LEU A 216 -25.42 -20.02 -4.46
C LEU A 216 -25.75 -18.84 -3.45
N TYR A 217 -26.68 -17.94 -3.81
CA TYR A 217 -26.93 -16.69 -3.02
C TYR A 217 -27.48 -17.04 -1.61
N ARG A 218 -28.47 -17.94 -1.61
CA ARG A 218 -29.09 -18.46 -0.47
C ARG A 218 -28.23 -19.18 0.60
N LEU A 219 -26.90 -19.06 0.53
CA LEU A 219 -26.01 -19.79 1.43
C LEU A 219 -24.80 -18.96 1.84
N PHE A 220 -24.22 -18.27 0.88
CA PHE A 220 -23.04 -17.46 1.16
C PHE A 220 -23.41 -16.00 1.18
N ARG A 221 -24.65 -15.70 0.82
CA ARG A 221 -25.13 -14.34 0.77
C ARG A 221 -26.63 -14.28 1.02
N THR A 222 -27.11 -14.96 2.07
CA THR A 222 -28.56 -15.06 2.36
C THR A 222 -29.27 -13.68 2.57
N LYS A 223 -28.65 -12.81 3.37
CA LYS A 223 -29.21 -11.50 3.66
C LYS A 223 -29.19 -10.54 2.45
N THR A 224 -27.99 -10.22 1.95
CA THR A 224 -27.84 -9.33 0.77
C THR A 224 -28.79 -9.71 -0.40
N TRP A 225 -29.00 -11.02 -0.59
CA TRP A 225 -29.94 -11.49 -1.55
C TRP A 225 -31.41 -11.21 -1.21
N ARG A 226 -31.78 -11.32 0.06
CA ARG A 226 -33.16 -11.00 0.48
C ARG A 226 -33.45 -9.52 0.17
N ASP A 227 -32.48 -8.67 0.48
CA ASP A 227 -32.64 -7.23 0.33
C ASP A 227 -32.70 -6.80 -1.12
N HIS A 228 -31.79 -7.36 -1.93
CA HIS A 228 -31.74 -7.08 -3.36
C HIS A 228 -33.00 -7.60 -4.08
N VAL A 229 -33.50 -8.76 -3.65
CA VAL A 229 -34.77 -9.28 -4.18
C VAL A 229 -35.92 -8.36 -3.83
N ALA A 230 -35.90 -7.84 -2.59
CA ALA A 230 -36.91 -6.88 -2.19
C ALA A 230 -36.87 -5.63 -3.10
N ALA A 231 -35.72 -4.96 -3.13
CA ALA A 231 -35.55 -3.74 -3.86
C ALA A 231 -36.07 -3.78 -5.31
N TRP A 232 -35.91 -4.92 -5.99
CA TRP A 232 -36.49 -5.14 -7.30
C TRP A 232 -37.99 -5.29 -7.30
N ASP A 233 -38.52 -6.09 -6.39
CA ASP A 233 -39.97 -6.14 -6.13
C ASP A 233 -40.61 -4.70 -6.09
N THR A 234 -40.05 -3.84 -5.23
CA THR A 234 -40.53 -2.49 -5.09
C THR A 234 -40.50 -1.79 -6.45
N ILE A 235 -39.30 -1.76 -7.06
CA ILE A 235 -39.13 -1.26 -8.44
C ILE A 235 -40.21 -1.72 -9.43
N PHE A 236 -40.61 -2.98 -9.34
CA PHE A 236 -41.54 -3.53 -10.30
C PHE A 236 -42.99 -3.18 -10.08
N ASN A 237 -43.49 -3.46 -8.88
CA ASN A 237 -44.84 -3.07 -8.49
C ASN A 237 -45.16 -1.58 -8.67
N LYS A 238 -44.25 -0.72 -8.21
CA LYS A 238 -44.47 0.69 -8.27
C LYS A 238 -44.47 1.20 -9.71
N ALA A 239 -43.43 0.90 -10.46
CA ALA A 239 -43.41 1.20 -11.90
C ALA A 239 -44.62 0.57 -12.62
N GLU A 240 -45.05 -0.61 -12.18
CA GLU A 240 -46.29 -1.21 -12.70
C GLU A 240 -47.57 -0.43 -12.36
N LYS A 241 -47.63 0.14 -11.14
CA LYS A 241 -48.78 0.98 -10.71
C LYS A 241 -48.93 2.25 -11.56
N TYR A 242 -47.88 3.08 -11.59
CA TYR A 242 -47.82 4.26 -12.44
C TYR A 242 -48.26 3.98 -13.88
N THR A 243 -47.90 2.80 -14.38
CA THR A 243 -48.15 2.43 -15.77
C THR A 243 -49.61 2.08 -16.02
N GLU A 244 -50.29 1.60 -14.98
CA GLU A 244 -51.73 1.36 -15.04
C GLU A 244 -52.52 2.66 -14.90
N ILE A 245 -52.41 3.30 -13.73
CA ILE A 245 -53.10 4.57 -13.46
C ILE A 245 -52.73 5.73 -14.39
N PHE A 246 -51.88 5.46 -15.38
CA PHE A 246 -51.58 6.45 -16.42
C PHE A 246 -52.03 5.96 -17.81
N TYR A 247 -52.04 4.64 -17.99
CA TYR A 247 -52.68 4.03 -19.15
C TYR A 247 -54.13 4.55 -19.08
N GLN A 248 -54.77 4.31 -17.94
CA GLN A 248 -56.15 4.75 -17.68
C GLN A 248 -56.33 6.28 -17.54
N ASP A 249 -55.20 6.99 -17.48
CA ASP A 249 -55.19 8.47 -17.40
C ASP A 249 -55.42 9.11 -18.80
N LEU A 250 -55.26 8.32 -19.85
CA LEU A 250 -55.40 8.81 -21.21
C LEU A 250 -56.21 7.83 -22.03
N ARG A 251 -56.54 6.69 -21.41
CA ARG A 251 -57.35 5.65 -22.06
C ARG A 251 -58.78 6.14 -22.33
N ARG A 252 -59.29 6.95 -21.42
CA ARG A 252 -60.65 7.50 -21.52
C ARG A 252 -60.58 8.96 -22.00
N LYS A 253 -59.98 9.82 -21.17
CA LYS A 253 -59.87 11.24 -21.50
C LYS A 253 -58.70 11.48 -22.45
N THR A 254 -58.99 11.33 -23.75
CA THR A 254 -58.00 11.52 -24.81
C THR A 254 -58.69 12.06 -26.08
N GLU A 255 -59.12 13.32 -26.02
CA GLU A 255 -59.70 13.94 -27.19
C GLU A 255 -58.97 15.20 -27.66
N PHE A 256 -57.63 15.16 -27.62
CA PHE A 256 -56.82 16.32 -27.98
C PHE A 256 -55.33 16.01 -28.20
N ARG A 257 -54.52 17.08 -28.17
CA ARG A 257 -53.07 16.98 -28.37
C ARG A 257 -52.31 17.62 -27.22
N ASN A 258 -50.98 17.36 -27.19
CA ASN A 258 -50.01 18.18 -26.43
C ASN A 258 -48.60 17.80 -25.90
N TYR A 259 -48.27 16.51 -25.87
CA TYR A 259 -46.88 16.13 -25.48
C TYR A 259 -46.19 15.14 -26.48
N PRO A 260 -44.85 14.80 -26.30
CA PRO A 260 -44.47 13.37 -25.84
C PRO A 260 -44.64 12.70 -24.49
N GLY A 261 -45.62 11.80 -24.43
CA GLY A 261 -45.85 10.99 -23.26
C GLY A 261 -45.32 9.62 -23.51
N ILE A 262 -44.01 9.47 -23.37
CA ILE A 262 -43.36 8.20 -23.59
C ILE A 262 -44.36 7.03 -23.43
N LEU A 263 -44.99 6.85 -22.26
CA LEU A 263 -46.04 5.80 -22.17
C LEU A 263 -47.08 5.85 -23.32
N TYR A 264 -47.48 7.06 -23.72
CA TYR A 264 -48.43 7.24 -24.82
C TYR A 264 -47.85 6.93 -26.22
N CYS A 265 -46.69 7.52 -26.52
CA CYS A 265 -46.07 7.35 -27.80
C CYS A 265 -45.80 5.91 -28.15
N LEU A 266 -45.35 5.14 -27.16
CA LEU A 266 -45.03 3.70 -27.33
C LEU A 266 -46.30 2.86 -27.39
N LEU A 267 -47.44 3.51 -27.21
CA LEU A 267 -48.73 2.84 -27.36
C LEU A 267 -49.36 3.27 -28.68
N LYS A 268 -48.91 4.41 -29.21
CA LYS A 268 -49.44 4.99 -30.47
C LYS A 268 -48.61 4.67 -31.73
N SER A 269 -47.29 4.71 -31.62
CA SER A 269 -46.40 4.23 -32.69
C SER A 269 -46.78 2.80 -33.14
N GLU A 270 -47.20 1.99 -32.18
CA GLU A 270 -47.66 0.60 -32.42
C GLU A 270 -46.57 -0.32 -32.99
N LYS A 271 -45.33 -0.07 -32.55
CA LYS A 271 -44.20 -0.86 -33.02
C LYS A 271 -43.64 -1.81 -31.93
N MET A 272 -44.30 -1.86 -30.79
CA MET A 272 -43.87 -2.66 -29.65
C MET A 272 -45.04 -3.36 -29.03
N LEU A 273 -44.86 -4.62 -28.64
CA LEU A 273 -45.90 -5.32 -27.91
C LEU A 273 -46.09 -4.73 -26.49
N LEU A 274 -47.20 -5.11 -25.87
CA LEU A 274 -47.54 -4.63 -24.57
C LEU A 274 -46.48 -5.09 -23.55
N GLU A 275 -46.33 -6.42 -23.44
CA GLU A 275 -45.34 -7.03 -22.54
C GLU A 275 -44.08 -6.17 -22.30
N ASP A 276 -43.59 -5.54 -23.36
CA ASP A 276 -42.30 -4.90 -23.31
C ASP A 276 -42.34 -3.46 -22.84
N VAL A 277 -43.50 -2.82 -23.00
CA VAL A 277 -43.59 -1.39 -22.71
C VAL A 277 -43.48 -1.27 -21.20
N LYS A 278 -44.28 -2.08 -20.50
CA LYS A 278 -44.20 -2.22 -19.04
C LYS A 278 -42.76 -2.35 -18.60
N ALA A 279 -42.09 -3.38 -19.14
CA ALA A 279 -40.68 -3.63 -18.82
C ALA A 279 -39.77 -2.49 -19.18
N ASN A 280 -39.89 -1.94 -20.39
CA ASN A 280 -38.98 -0.86 -20.80
C ASN A 280 -39.18 0.40 -19.98
N ILE A 281 -40.45 0.72 -19.72
CA ILE A 281 -40.75 1.89 -18.89
C ILE A 281 -40.13 1.68 -17.50
N THR A 282 -40.44 0.55 -16.89
CA THR A 282 -39.80 0.24 -15.60
C THR A 282 -38.30 0.56 -15.57
N GLU A 283 -37.61 0.21 -16.66
CA GLU A 283 -36.16 0.33 -16.77
C GLU A 283 -35.77 1.77 -16.95
N MET A 284 -36.56 2.49 -17.73
CA MET A 284 -36.30 3.93 -17.92
C MET A 284 -36.53 4.65 -16.60
N LEU A 285 -37.74 4.49 -16.06
CA LEU A 285 -38.04 5.10 -14.75
C LEU A 285 -36.86 4.91 -13.84
N ALA A 286 -36.46 3.65 -13.65
CA ALA A 286 -35.32 3.33 -12.81
C ALA A 286 -34.07 4.08 -13.15
N GLY A 287 -33.82 4.30 -14.45
CA GLY A 287 -32.58 4.96 -14.86
C GLY A 287 -32.44 6.40 -14.52
N GLY A 288 -33.56 7.11 -14.48
CA GLY A 288 -33.57 8.58 -14.11
C GLY A 288 -33.20 8.90 -12.67
N VAL A 289 -33.64 8.01 -11.76
CA VAL A 289 -33.53 8.28 -10.23
C VAL A 289 -32.23 8.68 -9.57
N ASN A 290 -31.09 8.02 -9.86
CA ASN A 290 -29.81 8.38 -9.10
C ASN A 290 -28.65 8.86 -9.90
N THR A 291 -28.63 8.42 -11.16
CA THR A 291 -27.63 8.75 -12.14
C THR A 291 -27.50 10.24 -12.33
N THR A 292 -28.62 10.89 -12.62
CA THR A 292 -28.57 12.38 -12.86
C THR A 292 -28.25 13.05 -11.55
N SER A 293 -28.89 12.51 -10.52
CA SER A 293 -28.73 13.01 -9.15
C SER A 293 -27.25 13.07 -8.78
N MET A 294 -26.57 11.91 -8.81
CA MET A 294 -25.12 11.85 -8.50
C MET A 294 -24.32 12.78 -9.32
N THR A 295 -24.60 12.78 -10.62
CA THR A 295 -23.83 13.60 -11.57
C THR A 295 -24.03 15.05 -11.26
N LEU A 296 -25.28 15.48 -11.26
CA LEU A 296 -25.57 16.90 -10.83
C LEU A 296 -24.90 17.30 -9.52
N GLN A 297 -25.00 16.43 -8.51
CA GLN A 297 -24.24 16.73 -7.29
C GLN A 297 -22.81 17.00 -7.45
N TRP A 298 -22.15 16.17 -8.26
CA TRP A 298 -20.71 16.33 -8.51
C TRP A 298 -20.38 17.58 -9.29
N HIS A 299 -21.20 17.88 -10.30
CA HIS A 299 -21.02 19.17 -11.06
C HIS A 299 -21.02 20.35 -10.08
N LEU A 300 -22.07 20.42 -9.25
CA LEU A 300 -22.14 21.50 -8.20
C LEU A 300 -20.92 21.45 -7.31
N TYR A 301 -20.64 20.25 -6.81
CA TYR A 301 -19.41 20.08 -6.02
C TYR A 301 -18.28 20.74 -6.72
N GLU A 302 -18.07 20.37 -7.99
CA GLU A 302 -16.87 20.89 -8.76
C GLU A 302 -16.86 22.36 -9.04
N MET A 303 -18.04 22.89 -9.37
CA MET A 303 -18.22 24.34 -9.42
C MET A 303 -17.82 25.07 -8.16
N ALA A 304 -18.17 24.50 -7.00
CA ALA A 304 -17.61 25.03 -5.71
C ALA A 304 -16.11 24.85 -5.49
N ARG A 305 -15.56 23.76 -6.01
CA ARG A 305 -14.07 23.59 -5.99
C ARG A 305 -13.33 24.63 -6.80
N SER A 306 -13.99 25.13 -7.84
CA SER A 306 -13.36 26.15 -8.69
C SER A 306 -14.30 27.28 -9.08
N LEU A 307 -14.19 28.38 -8.37
CA LEU A 307 -15.04 29.54 -8.60
C LEU A 307 -14.81 30.16 -10.01
N ASN A 308 -13.55 30.36 -10.37
CA ASN A 308 -13.24 30.90 -11.69
C ASN A 308 -13.97 30.17 -12.85
N VAL A 309 -14.27 28.90 -12.65
CA VAL A 309 -14.96 28.11 -13.66
C VAL A 309 -16.45 28.27 -13.51
N GLN A 310 -16.92 28.21 -12.26
CA GLN A 310 -18.27 28.63 -11.92
C GLN A 310 -18.71 29.96 -12.54
N GLU A 311 -17.84 30.96 -12.54
CA GLU A 311 -18.12 32.25 -13.15
C GLU A 311 -18.16 32.28 -14.69
N MET A 312 -17.22 31.56 -15.32
CA MET A 312 -17.23 31.38 -16.78
C MET A 312 -18.51 30.75 -17.27
N LEU A 313 -19.07 29.84 -16.47
CA LEU A 313 -20.33 29.21 -16.82
C LEU A 313 -21.50 30.14 -16.58
N ARG A 314 -21.37 31.00 -15.57
CA ARG A 314 -22.42 31.93 -15.27
C ARG A 314 -22.43 32.92 -16.40
N GLU A 315 -21.23 33.36 -16.81
CA GLU A 315 -21.10 34.33 -17.92
C GLU A 315 -21.72 33.86 -19.21
N GLU A 316 -21.59 32.59 -19.53
CA GLU A 316 -22.10 32.05 -20.79
C GLU A 316 -23.57 31.72 -20.70
N VAL A 317 -24.07 31.53 -19.48
CA VAL A 317 -25.50 31.24 -19.32
C VAL A 317 -26.29 32.57 -19.32
N LEU A 318 -25.78 33.55 -18.59
CA LEU A 318 -26.33 34.90 -18.59
C LEU A 318 -26.04 35.65 -19.90
N ASN A 319 -25.47 34.94 -20.86
CA ASN A 319 -25.08 35.54 -22.13
C ASN A 319 -25.94 34.97 -23.22
N ALA A 320 -26.50 33.79 -22.97
CA ALA A 320 -27.41 33.18 -23.89
C ALA A 320 -28.81 33.48 -23.40
N ARG A 321 -28.90 34.34 -22.38
CA ARG A 321 -30.20 34.83 -21.88
C ARG A 321 -30.46 36.23 -22.47
N ARG A 322 -29.65 37.21 -22.05
CA ARG A 322 -29.66 38.57 -22.61
C ARG A 322 -28.97 38.68 -24.01
N GLN A 323 -28.97 37.57 -24.75
CA GLN A 323 -28.40 37.54 -26.12
C GLN A 323 -29.02 36.33 -26.82
N ALA A 324 -30.31 36.14 -26.55
CA ALA A 324 -31.12 35.14 -27.23
C ALA A 324 -32.56 35.60 -27.05
N GLU A 325 -32.80 36.30 -25.94
CA GLU A 325 -34.11 36.85 -25.61
C GLU A 325 -35.19 35.78 -25.66
N GLY A 326 -35.00 34.82 -26.55
CA GLY A 326 -35.94 33.71 -26.71
C GLY A 326 -36.00 32.88 -25.46
N ASP A 327 -36.93 31.93 -25.46
CA ASP A 327 -37.10 31.06 -24.32
C ASP A 327 -35.86 30.18 -24.19
N ILE A 328 -36.07 29.03 -23.54
CA ILE A 328 -34.99 28.11 -23.25
C ILE A 328 -34.45 27.40 -24.50
N SER A 329 -35.37 26.97 -25.37
CA SER A 329 -35.02 26.36 -26.63
C SER A 329 -33.87 27.09 -27.31
N LYS A 330 -34.06 28.38 -27.59
CA LYS A 330 -33.07 29.16 -28.31
C LYS A 330 -31.68 29.23 -27.65
N MET A 331 -31.65 29.19 -26.32
CA MET A 331 -30.37 29.36 -25.63
C MET A 331 -29.61 28.03 -25.42
N LEU A 332 -30.28 26.91 -25.65
CA LEU A 332 -29.67 25.58 -25.55
C LEU A 332 -28.59 25.26 -26.59
N GLN A 333 -28.29 26.22 -27.45
CA GLN A 333 -27.35 25.99 -28.53
C GLN A 333 -26.30 27.03 -28.38
N MET A 334 -26.52 27.93 -27.43
CA MET A 334 -25.57 28.99 -27.14
C MET A 334 -24.80 28.75 -25.83
N VAL A 335 -24.79 27.50 -25.37
CA VAL A 335 -24.07 27.16 -24.12
C VAL A 335 -23.00 26.03 -24.15
N PRO A 336 -22.12 26.02 -25.16
CA PRO A 336 -21.13 24.94 -25.33
C PRO A 336 -20.29 24.62 -24.06
N LEU A 337 -19.69 25.64 -23.45
CA LEU A 337 -18.96 25.47 -22.19
C LEU A 337 -19.77 24.73 -21.12
N LEU A 338 -21.08 24.95 -21.09
CA LEU A 338 -21.90 24.28 -20.11
C LEU A 338 -21.96 22.80 -20.40
N LYS A 339 -22.40 22.45 -21.60
CA LYS A 339 -22.48 21.05 -22.03
C LYS A 339 -21.13 20.33 -21.87
N ALA A 340 -20.05 21.00 -22.29
CA ALA A 340 -18.72 20.50 -22.07
C ALA A 340 -18.46 20.30 -20.55
N SER A 341 -18.99 21.22 -19.74
CA SER A 341 -18.91 21.11 -18.27
C SER A 341 -19.45 19.80 -17.77
N ILE A 342 -20.54 19.34 -18.35
CA ILE A 342 -21.10 18.07 -17.97
C ILE A 342 -20.30 16.83 -18.40
N LYS A 343 -19.38 17.01 -19.35
CA LYS A 343 -18.63 15.91 -19.85
C LYS A 343 -17.42 15.90 -18.93
N GLU A 344 -16.89 17.08 -18.63
CA GLU A 344 -15.80 17.21 -17.66
C GLU A 344 -16.21 16.62 -16.28
N THR A 345 -17.52 16.41 -16.10
CA THR A 345 -17.97 15.86 -14.87
C THR A 345 -17.96 14.39 -15.05
N LEU A 346 -18.68 13.88 -16.04
CA LEU A 346 -18.59 12.45 -16.32
C LEU A 346 -17.08 11.92 -16.40
N ARG A 347 -16.15 12.76 -16.85
CA ARG A 347 -14.77 12.44 -16.85
C ARG A 347 -14.22 12.11 -15.44
N LEU A 348 -14.44 13.05 -14.53
CA LEU A 348 -14.01 12.96 -13.15
C LEU A 348 -14.89 12.09 -12.30
N HIS A 349 -16.12 11.82 -12.73
CA HIS A 349 -17.05 11.13 -11.89
C HIS A 349 -18.03 10.39 -12.70
N PRO A 350 -17.57 9.32 -13.35
CA PRO A 350 -18.42 8.60 -14.15
C PRO A 350 -19.30 7.77 -13.32
N ILE A 351 -20.57 7.71 -13.65
CA ILE A 351 -21.41 6.69 -13.17
C ILE A 351 -20.89 5.23 -13.38
N SER A 352 -20.35 4.92 -14.57
CA SER A 352 -19.99 3.53 -14.94
C SER A 352 -18.54 3.42 -14.71
N VAL A 353 -18.11 2.43 -13.94
CA VAL A 353 -16.61 2.36 -13.55
C VAL A 353 -15.88 1.99 -14.85
N THR A 354 -16.46 1.01 -15.56
CA THR A 354 -15.98 0.68 -16.93
C THR A 354 -17.08 0.42 -17.99
N LEU A 355 -16.66 0.42 -19.27
CA LEU A 355 -17.56 -0.15 -20.35
C LEU A 355 -16.94 -1.44 -20.83
N GLN A 356 -17.82 -2.41 -21.05
CA GLN A 356 -17.44 -3.72 -21.41
C GLN A 356 -18.04 -4.03 -22.79
N ARG A 357 -17.30 -4.80 -23.60
CA ARG A 357 -17.84 -5.38 -24.88
C ARG A 357 -17.32 -6.79 -25.15
N TYR A 358 -18.24 -7.71 -25.42
CA TYR A 358 -17.89 -9.01 -26.00
C TYR A 358 -17.63 -8.93 -27.56
N PRO A 359 -16.34 -8.90 -27.97
CA PRO A 359 -15.97 -8.84 -29.42
C PRO A 359 -16.62 -9.95 -30.25
N GLU A 360 -17.29 -9.54 -31.32
CA GLU A 360 -17.91 -10.48 -32.30
C GLU A 360 -16.90 -11.45 -32.95
N SER A 361 -15.70 -10.94 -33.22
CA SER A 361 -14.68 -11.73 -33.90
C SER A 361 -13.29 -11.35 -33.37
N ASP A 362 -12.39 -12.33 -33.36
CA ASP A 362 -11.06 -12.18 -32.75
C ASP A 362 -10.42 -10.87 -33.19
N LEU A 363 -9.52 -10.32 -32.39
CA LEU A 363 -8.82 -9.11 -32.77
C LEU A 363 -7.66 -9.05 -31.85
N VAL A 364 -6.86 -7.98 -31.95
CA VAL A 364 -5.57 -7.91 -31.33
C VAL A 364 -5.44 -6.56 -30.69
N LEU A 365 -5.17 -6.52 -29.39
CA LEU A 365 -5.05 -5.24 -28.70
C LEU A 365 -3.67 -5.02 -28.16
N GLN A 366 -3.07 -3.90 -28.54
CA GLN A 366 -1.68 -3.70 -28.27
C GLN A 366 -1.07 -4.75 -29.22
N ASP A 367 -0.47 -5.78 -28.64
CA ASP A 367 0.09 -6.82 -29.43
C ASP A 367 -0.23 -8.15 -28.82
N TYR A 368 -1.50 -8.50 -28.79
CA TYR A 368 -1.90 -9.76 -28.19
C TYR A 368 -3.14 -10.14 -28.90
N LEU A 369 -3.34 -11.43 -29.04
CA LEU A 369 -4.54 -11.94 -29.65
C LEU A 369 -5.66 -11.86 -28.60
N ILE A 370 -6.82 -11.36 -29.02
CA ILE A 370 -7.98 -11.30 -28.16
C ILE A 370 -9.06 -12.14 -28.80
N PRO A 371 -9.20 -13.39 -28.35
CA PRO A 371 -10.22 -14.26 -28.90
C PRO A 371 -11.60 -13.68 -28.78
N ALA A 372 -12.37 -13.81 -29.85
CA ALA A 372 -13.73 -13.37 -29.87
C ALA A 372 -14.40 -13.89 -28.62
N LYS A 373 -15.39 -13.15 -28.13
CA LYS A 373 -16.30 -13.62 -27.10
C LYS A 373 -15.64 -13.58 -25.71
N THR A 374 -14.60 -12.77 -25.58
CA THR A 374 -13.91 -12.58 -24.35
C THR A 374 -14.33 -11.23 -23.78
N LEU A 375 -14.64 -11.19 -22.47
CA LEU A 375 -15.02 -9.95 -21.81
C LEU A 375 -13.87 -9.03 -21.81
N VAL A 376 -14.04 -7.89 -22.48
CA VAL A 376 -13.01 -6.88 -22.50
C VAL A 376 -13.62 -5.63 -21.88
N GLN A 377 -12.81 -4.90 -21.11
CA GLN A 377 -13.36 -3.87 -20.30
C GLN A 377 -12.59 -2.63 -20.45
N VAL A 378 -13.31 -1.51 -20.33
CA VAL A 378 -12.73 -0.17 -20.46
C VAL A 378 -12.78 0.66 -19.17
N ALA A 379 -11.58 0.91 -18.66
CA ALA A 379 -11.40 1.56 -17.41
C ALA A 379 -11.64 3.05 -17.49
N ILE A 380 -12.90 3.35 -17.76
CA ILE A 380 -13.43 4.73 -17.68
C ILE A 380 -13.00 5.51 -16.46
N TYR A 381 -13.24 4.97 -15.27
CA TYR A 381 -12.85 5.75 -14.08
C TYR A 381 -11.36 6.09 -14.26
N ALA A 382 -10.55 5.06 -14.48
CA ALA A 382 -9.06 5.18 -14.52
C ALA A 382 -8.49 6.06 -15.62
N MET A 383 -9.07 5.91 -16.82
CA MET A 383 -8.74 6.82 -17.92
C MET A 383 -8.95 8.26 -17.55
N GLY A 384 -10.02 8.52 -16.79
CA GLY A 384 -10.27 9.88 -16.27
C GLY A 384 -9.20 10.48 -15.40
N ARG A 385 -8.56 9.65 -14.59
CA ARG A 385 -7.54 10.18 -13.62
C ARG A 385 -6.11 10.18 -14.11
N ASP A 386 -5.84 9.43 -15.18
CA ASP A 386 -4.44 9.33 -15.70
C ASP A 386 -3.91 10.59 -16.39
N PRO A 387 -2.72 11.09 -16.00
CA PRO A 387 -2.15 12.31 -16.59
C PRO A 387 -1.54 12.06 -18.00
N ALA A 388 -1.68 10.82 -18.47
CA ALA A 388 -1.11 10.40 -19.75
C ALA A 388 -2.20 10.61 -20.79
N PHE A 389 -3.39 10.93 -20.31
CA PHE A 389 -4.50 11.23 -21.20
C PHE A 389 -5.06 12.61 -21.06
N PHE A 390 -4.79 13.29 -19.95
CA PHE A 390 -5.43 14.55 -19.66
C PHE A 390 -4.49 15.38 -18.82
N SER A 391 -4.03 16.52 -19.33
CA SER A 391 -3.11 17.36 -18.56
C SER A 391 -3.74 17.81 -17.21
N SER A 392 -3.02 17.58 -16.12
CA SER A 392 -3.50 17.88 -14.77
C SER A 392 -4.90 17.32 -14.46
N PRO A 393 -5.06 16.00 -14.52
CA PRO A 393 -6.40 15.36 -14.47
C PRO A 393 -7.17 15.62 -13.18
N ASP A 394 -6.61 16.45 -12.32
CA ASP A 394 -7.25 16.79 -11.06
C ASP A 394 -8.10 18.00 -11.32
N LYS A 395 -7.57 18.89 -12.16
CA LYS A 395 -8.24 20.13 -12.51
C LYS A 395 -9.56 19.89 -13.21
N PHE A 396 -10.54 20.73 -12.88
CA PHE A 396 -11.87 20.65 -13.51
C PHE A 396 -11.70 21.62 -14.67
N ASP A 397 -11.70 21.12 -15.89
CA ASP A 397 -11.45 22.00 -17.03
C ASP A 397 -12.40 21.77 -18.17
N PRO A 398 -13.48 22.55 -18.21
CA PRO A 398 -14.48 22.36 -19.24
C PRO A 398 -13.86 22.56 -20.63
N THR A 399 -12.92 23.50 -20.77
CA THR A 399 -12.27 23.74 -22.06
C THR A 399 -11.57 22.50 -22.70
N ARG A 400 -11.50 21.40 -21.96
CA ARG A 400 -10.91 20.20 -22.47
C ARG A 400 -11.72 19.80 -23.65
N TRP A 401 -13.05 19.81 -23.49
CA TRP A 401 -13.96 19.22 -24.48
C TRP A 401 -14.40 20.15 -25.62
N LEU A 402 -13.61 21.18 -25.88
CA LEU A 402 -13.89 22.11 -26.99
C LEU A 402 -12.71 22.87 -27.63
N SER A 403 -11.48 22.68 -27.17
CA SER A 403 -10.36 23.45 -27.73
C SER A 403 -10.27 23.36 -29.27
N LYS A 404 -10.27 22.13 -29.79
CA LYS A 404 -10.31 21.85 -31.24
C LYS A 404 -9.38 22.64 -32.23
N ASP A 405 -8.44 23.41 -31.69
CA ASP A 405 -7.53 24.24 -32.52
C ASP A 405 -6.06 23.91 -32.34
N LYS A 406 -5.64 23.70 -31.07
CA LYS A 406 -4.29 23.23 -30.80
C LYS A 406 -4.24 21.71 -30.53
N ASP A 407 -5.36 21.03 -30.78
CA ASP A 407 -5.43 19.56 -30.70
C ASP A 407 -5.02 18.92 -32.02
N LEU A 408 -4.18 17.90 -31.96
CA LEU A 408 -3.84 17.09 -33.13
C LEU A 408 -4.58 15.80 -32.99
N ILE A 409 -5.02 15.54 -31.76
CA ILE A 409 -5.79 14.36 -31.42
C ILE A 409 -6.97 14.78 -30.56
N HIS A 410 -8.05 14.02 -30.64
CA HIS A 410 -9.21 14.33 -29.88
C HIS A 410 -9.97 13.07 -29.62
N PHE A 411 -10.40 12.92 -28.37
CA PHE A 411 -11.17 11.77 -27.95
C PHE A 411 -12.52 12.26 -27.45
N ARG A 412 -13.55 11.44 -27.65
CA ARG A 412 -14.91 11.81 -27.31
C ARG A 412 -15.21 11.21 -25.96
N ASN A 413 -16.10 11.85 -25.20
CA ASN A 413 -16.45 11.47 -23.82
C ASN A 413 -17.25 10.23 -23.68
N LEU A 414 -16.79 9.31 -22.82
CA LEU A 414 -17.40 8.01 -22.76
C LEU A 414 -18.36 7.74 -21.65
N GLY A 415 -18.57 8.74 -20.79
CA GLY A 415 -19.48 8.61 -19.65
C GLY A 415 -20.73 7.91 -20.03
N PHE A 416 -21.17 8.10 -21.27
CA PHE A 416 -22.45 7.45 -21.75
C PHE A 416 -22.27 6.24 -22.54
N GLY A 417 -21.01 5.88 -22.75
CA GLY A 417 -20.72 4.68 -23.58
C GLY A 417 -20.58 5.14 -25.03
N TRP A 418 -20.87 4.25 -25.98
CA TRP A 418 -20.63 4.59 -27.43
C TRP A 418 -21.22 3.58 -28.29
N GLY A 419 -21.50 3.97 -29.54
CA GLY A 419 -21.95 3.04 -30.57
C GLY A 419 -23.39 2.83 -30.27
N VAL A 420 -24.02 1.91 -31.00
CA VAL A 420 -25.45 1.76 -30.99
C VAL A 420 -26.06 1.27 -29.68
N ARG A 421 -25.22 0.90 -28.72
CA ARG A 421 -25.79 0.42 -27.45
C ARG A 421 -25.22 1.21 -26.32
N GLN A 422 -24.95 2.49 -26.58
CA GLN A 422 -24.78 3.47 -25.54
C GLN A 422 -26.07 3.68 -24.73
N CYS A 423 -26.01 4.65 -23.82
CA CYS A 423 -27.17 5.02 -22.97
C CYS A 423 -28.35 5.52 -23.80
N VAL A 424 -29.40 4.69 -23.96
CA VAL A 424 -30.67 5.15 -24.46
C VAL A 424 -31.31 6.35 -23.70
N GLY A 425 -30.91 6.56 -22.45
CA GLY A 425 -31.39 7.68 -21.66
C GLY A 425 -30.37 8.78 -21.74
N ARG A 426 -29.37 8.60 -22.59
CA ARG A 426 -28.27 9.57 -22.69
C ARG A 426 -28.76 10.96 -22.91
N ARG A 427 -29.70 11.09 -23.85
CA ARG A 427 -30.11 12.38 -24.34
C ARG A 427 -30.97 13.06 -23.29
N ILE A 428 -31.96 12.33 -22.77
CA ILE A 428 -32.81 12.83 -21.70
C ILE A 428 -31.97 13.37 -20.58
N ALA A 429 -31.01 12.58 -20.09
CA ALA A 429 -30.12 13.02 -19.02
C ALA A 429 -29.37 14.21 -19.39
N GLU A 430 -28.89 14.32 -20.61
CA GLU A 430 -28.03 15.47 -20.94
C GLU A 430 -28.85 16.77 -20.90
N LEU A 431 -30.10 16.68 -21.31
CA LEU A 431 -30.91 17.88 -21.47
C LEU A 431 -31.39 18.29 -20.06
N GLU A 432 -31.90 17.28 -19.34
CA GLU A 432 -32.28 17.45 -17.95
C GLU A 432 -31.21 18.12 -17.15
N MET A 433 -29.95 17.74 -17.29
CA MET A 433 -28.91 18.37 -16.48
C MET A 433 -28.55 19.74 -17.00
N THR A 434 -28.74 19.92 -18.31
CA THR A 434 -28.31 21.18 -18.94
C THR A 434 -29.22 22.30 -18.50
N LEU A 435 -30.52 22.02 -18.49
CA LEU A 435 -31.52 22.97 -17.97
C LEU A 435 -31.40 23.28 -16.49
N PHE A 436 -31.10 22.26 -15.68
CA PHE A 436 -31.06 22.41 -14.22
C PHE A 436 -29.98 23.35 -13.91
N LEU A 437 -28.92 23.31 -14.72
CA LEU A 437 -27.74 24.13 -14.47
C LEU A 437 -27.87 25.57 -14.90
N ILE A 438 -28.62 25.79 -15.96
CA ILE A 438 -28.89 27.14 -16.44
C ILE A 438 -29.66 27.90 -15.35
N HIS A 439 -30.77 27.32 -14.92
CA HIS A 439 -31.49 27.80 -13.79
C HIS A 439 -30.66 27.93 -12.53
N ILE A 440 -29.88 26.90 -12.16
CA ILE A 440 -29.01 27.03 -10.96
C ILE A 440 -28.00 28.09 -11.20
N LEU A 441 -27.67 28.35 -12.46
CA LEU A 441 -26.56 29.27 -12.74
C LEU A 441 -26.97 30.71 -12.78
N GLU A 442 -28.20 30.96 -13.20
CA GLU A 442 -28.73 32.32 -13.23
C GLU A 442 -29.33 32.74 -11.87
N ASN A 443 -29.24 31.84 -10.88
CA ASN A 443 -29.87 32.05 -9.56
C ASN A 443 -28.96 31.99 -8.31
N PHE A 444 -28.05 31.02 -8.26
CA PHE A 444 -27.22 30.76 -7.05
C PHE A 444 -25.71 30.70 -7.29
N LYS A 445 -24.92 31.24 -6.35
CA LYS A 445 -23.47 31.13 -6.41
C LYS A 445 -22.97 30.10 -5.36
N VAL A 446 -23.24 28.82 -5.62
CA VAL A 446 -22.86 27.70 -4.74
C VAL A 446 -21.38 27.66 -4.31
N GLU A 447 -21.14 27.27 -3.05
CA GLU A 447 -19.79 27.08 -2.53
C GLU A 447 -19.82 25.86 -1.62
N MET A 448 -18.79 25.69 -0.81
CA MET A 448 -18.79 24.65 0.21
C MET A 448 -18.21 25.21 1.51
N GLN A 449 -18.81 24.83 2.64
CA GLN A 449 -18.41 25.38 3.96
C GLN A 449 -16.92 25.31 4.31
N HIS A 450 -16.25 24.26 3.82
CA HIS A 450 -14.80 24.16 3.98
C HIS A 450 -14.06 23.46 2.84
N ILE A 451 -12.78 23.21 3.06
CA ILE A 451 -11.96 22.45 2.12
C ILE A 451 -12.69 21.16 1.77
N GLY A 452 -12.95 20.96 0.47
CA GLY A 452 -13.70 19.79 -0.01
C GLY A 452 -12.78 18.67 -0.48
N ASP A 453 -12.93 17.50 0.14
CA ASP A 453 -12.07 16.36 -0.10
C ASP A 453 -12.89 15.08 -0.11
N VAL A 454 -13.75 14.93 -1.11
CA VAL A 454 -14.58 13.73 -1.20
C VAL A 454 -13.98 12.76 -2.24
N ASP A 455 -14.12 11.46 -1.99
CA ASP A 455 -13.58 10.45 -2.88
C ASP A 455 -14.71 9.51 -3.20
N THR A 456 -14.52 8.64 -4.19
CA THR A 456 -15.63 7.84 -4.68
C THR A 456 -15.52 6.44 -4.15
N ILE A 457 -16.66 5.74 -4.16
CA ILE A 457 -16.81 4.46 -3.57
C ILE A 457 -17.60 3.67 -4.58
N PHE A 458 -17.36 2.36 -4.64
CA PHE A 458 -17.99 1.57 -5.65
C PHE A 458 -19.23 0.97 -5.14
N ASN A 459 -20.37 1.35 -5.72
CA ASN A 459 -21.65 0.70 -5.38
C ASN A 459 -22.50 0.38 -6.57
N LEU A 460 -21.97 -0.51 -7.45
CA LEU A 460 -22.52 -0.78 -8.82
C LEU A 460 -22.25 0.53 -9.62
N ILE A 461 -22.99 1.59 -9.27
CA ILE A 461 -22.73 2.89 -9.83
C ILE A 461 -21.76 3.50 -8.90
N LEU A 462 -20.93 4.43 -9.35
CA LEU A 462 -20.02 5.13 -8.48
C LEU A 462 -20.63 6.43 -7.88
N THR A 463 -20.51 6.55 -6.55
CA THR A 463 -21.08 7.66 -5.79
C THR A 463 -20.01 8.22 -4.93
N PRO A 464 -20.21 9.43 -4.41
CA PRO A 464 -19.25 10.01 -3.47
C PRO A 464 -19.34 9.19 -2.14
N ASP A 465 -18.23 9.12 -1.39
CA ASP A 465 -18.21 8.27 -0.13
C ASP A 465 -18.85 8.89 1.13
N LYS A 466 -18.59 10.19 1.36
CA LYS A 466 -19.26 10.98 2.43
C LYS A 466 -20.27 11.99 1.85
N PRO A 467 -21.24 12.42 2.67
CA PRO A 467 -22.21 13.45 2.26
C PRO A 467 -21.54 14.72 1.77
N ILE A 468 -22.22 15.43 0.88
CA ILE A 468 -21.68 16.67 0.38
C ILE A 468 -22.57 17.82 0.80
N PHE A 469 -21.94 18.84 1.39
CA PHE A 469 -22.65 19.98 1.96
C PHE A 469 -22.37 21.19 1.12
N LEU A 470 -23.42 21.67 0.47
CA LEU A 470 -23.27 22.76 -0.45
C LEU A 470 -23.86 24.02 0.17
N VAL A 471 -23.34 25.17 -0.28
CA VAL A 471 -23.87 26.46 0.11
C VAL A 471 -24.42 27.29 -1.10
N PHE A 472 -25.74 27.54 -1.12
CA PHE A 472 -26.36 28.42 -2.14
C PHE A 472 -26.60 29.86 -1.64
N ARG A 473 -26.17 30.84 -2.42
CA ARG A 473 -26.40 32.27 -2.14
C ARG A 473 -26.80 32.98 -3.47
N PRO A 474 -27.90 33.75 -3.44
CA PRO A 474 -28.45 34.40 -4.67
C PRO A 474 -27.46 35.20 -5.55
N PHE A 475 -27.84 35.42 -6.81
CA PHE A 475 -27.02 36.19 -7.82
C PHE A 475 -26.23 35.28 -8.78
N THR B 6 5.04 5.81 -11.07
CA THR B 6 6.47 5.97 -11.49
C THR B 6 6.68 5.29 -12.87
N PRO B 7 7.63 5.81 -13.68
CA PRO B 7 7.95 5.20 -14.99
C PRO B 7 9.35 4.52 -15.11
N ARG B 8 9.48 3.56 -16.04
CA ARG B 8 10.77 2.87 -16.34
C ARG B 8 11.86 3.86 -16.78
N PRO B 9 13.13 3.43 -16.81
CA PRO B 9 14.22 4.36 -17.13
C PRO B 9 14.58 4.43 -18.64
N TYR B 10 15.13 5.56 -19.05
CA TYR B 10 15.47 5.80 -20.48
C TYR B 10 16.23 4.63 -21.13
N SER B 11 17.27 4.19 -20.45
CA SER B 11 18.11 3.09 -20.89
C SER B 11 17.35 1.83 -21.22
N GLU B 12 16.18 1.64 -20.63
CA GLU B 12 15.38 0.43 -20.90
C GLU B 12 14.57 0.33 -22.22
N ILE B 13 14.75 1.32 -23.10
CA ILE B 13 14.05 1.31 -24.43
C ILE B 13 14.76 0.41 -25.45
N PRO B 14 14.05 -0.56 -26.03
CA PRO B 14 14.67 -1.50 -26.96
C PRO B 14 15.48 -0.80 -28.02
N SER B 15 16.66 -1.36 -28.34
CA SER B 15 17.55 -0.81 -29.35
C SER B 15 18.47 -1.87 -30.03
N PRO B 16 19.02 -1.54 -31.21
CA PRO B 16 19.92 -2.46 -31.89
C PRO B 16 21.11 -2.70 -30.98
N GLY B 17 21.27 -1.82 -29.97
CA GLY B 17 22.38 -1.88 -29.03
C GLY B 17 22.95 -0.50 -28.81
N ASP B 18 23.80 -0.37 -27.79
CA ASP B 18 24.35 0.95 -27.41
C ASP B 18 25.67 1.26 -28.12
N ASN B 19 26.05 0.42 -29.07
CA ASN B 19 27.32 0.64 -29.77
C ASN B 19 27.18 1.41 -31.06
N GLY B 20 27.45 2.73 -30.99
CA GLY B 20 27.21 3.64 -32.11
C GLY B 20 27.84 3.24 -33.42
N TRP B 21 29.16 3.24 -33.44
CA TRP B 21 29.89 2.82 -34.62
C TRP B 21 29.48 1.44 -35.08
N LEU B 22 29.08 0.59 -34.15
CA LEU B 22 28.69 -0.75 -34.54
C LEU B 22 27.53 -0.61 -35.46
N ASN B 23 26.43 -0.07 -34.93
CA ASN B 23 25.18 0.12 -35.69
C ASN B 23 25.41 0.83 -37.05
N LEU B 24 26.35 1.76 -37.09
CA LEU B 24 26.70 2.45 -38.28
C LEU B 24 27.25 1.49 -39.36
N TYR B 25 28.16 0.61 -38.95
CA TYR B 25 28.76 -0.34 -39.87
C TYR B 25 27.64 -1.18 -40.46
N HIS B 26 26.62 -1.51 -39.66
CA HIS B 26 25.49 -2.29 -40.18
C HIS B 26 24.64 -1.42 -41.09
N PHE B 27 24.44 -0.18 -40.69
CA PHE B 27 23.66 0.76 -41.45
C PHE B 27 24.21 0.83 -42.86
N TRP B 28 25.54 0.79 -42.97
CA TRP B 28 26.24 0.90 -44.24
C TRP B 28 26.52 -0.41 -44.98
N ARG B 29 25.95 -1.50 -44.49
CA ARG B 29 26.13 -2.81 -45.11
C ARG B 29 24.76 -3.38 -45.43
N GLU B 30 23.73 -2.76 -44.87
CA GLU B 30 22.36 -3.09 -45.22
C GLU B 30 21.87 -2.18 -46.33
N LYS B 31 22.77 -1.30 -46.79
CA LYS B 31 22.38 -0.18 -47.65
C LYS B 31 21.21 0.58 -46.95
N GLY B 32 21.54 1.61 -46.18
CA GLY B 32 20.53 2.28 -45.33
C GLY B 32 20.26 3.74 -45.63
N SER B 33 21.31 4.55 -45.69
CA SER B 33 21.20 5.93 -46.09
C SER B 33 19.93 6.40 -46.92
N GLN B 34 19.36 5.50 -47.73
CA GLN B 34 18.23 5.84 -48.62
C GLN B 34 17.10 4.85 -48.42
N ARG B 35 17.25 3.97 -47.45
CA ARG B 35 16.12 3.10 -47.09
C ARG B 35 15.54 3.50 -45.69
N ILE B 36 16.01 4.63 -45.19
CA ILE B 36 15.70 5.16 -43.86
C ILE B 36 14.23 4.97 -43.41
N HIS B 37 13.30 5.05 -44.35
CA HIS B 37 11.94 4.87 -44.05
C HIS B 37 11.45 3.46 -43.93
N PHE B 38 11.82 2.59 -44.88
CA PHE B 38 11.44 1.16 -44.78
C PHE B 38 11.92 0.67 -43.42
N ARG B 39 13.12 1.13 -43.05
CA ARG B 39 13.78 0.72 -41.85
C ARG B 39 13.02 1.07 -40.58
N HIS B 40 12.30 2.19 -40.63
CA HIS B 40 11.40 2.58 -39.56
C HIS B 40 10.29 1.58 -39.44
N ILE B 41 9.82 1.07 -40.55
CA ILE B 41 8.73 0.07 -40.45
C ILE B 41 9.27 -1.23 -39.84
N GLU B 42 10.33 -1.76 -40.45
CA GLU B 42 11.02 -2.96 -39.96
C GLU B 42 11.42 -2.85 -38.46
N ASN B 43 11.99 -1.71 -38.04
CA ASN B 43 12.38 -1.53 -36.65
C ASN B 43 11.22 -1.54 -35.62
N PHE B 44 10.08 -0.90 -35.95
CA PHE B 44 8.84 -0.96 -35.11
C PHE B 44 8.26 -2.34 -35.12
N GLN B 45 8.34 -3.01 -36.26
CA GLN B 45 7.83 -4.39 -36.35
C GLN B 45 8.69 -5.34 -35.50
N LYS B 46 9.87 -4.87 -35.08
CA LYS B 46 10.87 -5.69 -34.36
C LYS B 46 11.02 -5.33 -32.87
N TYR B 47 10.97 -4.03 -32.55
CA TYR B 47 10.95 -3.59 -31.14
C TYR B 47 9.61 -3.12 -30.62
N GLY B 48 8.63 -2.99 -31.50
CA GLY B 48 7.29 -2.53 -31.10
C GLY B 48 7.27 -1.05 -30.76
N PRO B 49 6.25 -0.62 -30.01
CA PRO B 49 5.83 0.78 -29.95
C PRO B 49 6.90 1.87 -30.01
N ILE B 50 7.96 1.73 -29.23
CA ILE B 50 9.03 2.73 -29.23
C ILE B 50 10.39 2.00 -29.28
N TYR B 51 11.38 2.64 -29.89
CA TYR B 51 12.75 2.13 -29.88
C TYR B 51 13.69 3.30 -30.06
N ARG B 52 14.98 3.07 -29.86
CA ARG B 52 16.01 4.13 -29.99
C ARG B 52 17.21 3.60 -30.77
N GLU B 53 17.95 4.49 -31.41
CA GLU B 53 19.04 4.04 -32.24
C GLU B 53 20.14 5.00 -32.19
N LYS B 54 21.34 4.52 -31.87
CA LYS B 54 22.53 5.35 -31.90
C LYS B 54 23.25 5.01 -33.21
N LEU B 55 23.36 5.98 -34.09
CA LEU B 55 24.10 5.83 -35.30
C LEU B 55 25.19 6.83 -35.17
N GLY B 56 26.43 6.34 -35.05
CA GLY B 56 27.55 7.23 -34.85
C GLY B 56 27.47 7.76 -33.44
N ASN B 57 27.79 9.04 -33.29
CA ASN B 57 27.65 9.73 -32.01
C ASN B 57 26.31 10.48 -31.90
N LEU B 58 25.22 9.84 -32.36
CA LEU B 58 23.98 10.58 -32.61
C LEU B 58 22.84 9.65 -32.38
N GLU B 59 22.00 9.96 -31.40
CA GLU B 59 20.89 9.10 -31.11
C GLU B 59 19.57 9.86 -31.04
N SER B 60 18.47 9.13 -31.25
CA SER B 60 17.16 9.72 -31.09
C SER B 60 16.22 8.60 -30.77
N VAL B 61 14.99 8.91 -30.35
CA VAL B 61 14.00 7.84 -30.05
C VAL B 61 12.91 7.93 -31.05
N TYR B 62 12.24 6.83 -31.32
CA TYR B 62 11.36 6.78 -32.42
C TYR B 62 10.02 6.33 -31.98
N ILE B 63 9.05 7.22 -32.13
CA ILE B 63 7.69 6.85 -31.81
C ILE B 63 6.85 6.87 -33.06
N ILE B 64 5.67 6.31 -32.97
CA ILE B 64 4.81 6.22 -34.10
C ILE B 64 3.33 6.33 -33.74
N HIS B 65 3.01 6.05 -32.49
CA HIS B 65 1.61 5.99 -32.07
C HIS B 65 1.14 7.41 -31.84
N PRO B 66 -0.07 7.74 -32.31
CA PRO B 66 -0.56 9.14 -32.26
C PRO B 66 -0.56 9.69 -30.83
N GLU B 67 -1.17 8.93 -29.92
CA GLU B 67 -1.14 9.27 -28.47
C GLU B 67 0.16 9.82 -28.04
N ASP B 68 1.23 9.08 -28.35
CA ASP B 68 2.56 9.47 -27.90
C ASP B 68 2.97 10.74 -28.58
N VAL B 69 2.45 10.96 -29.78
CA VAL B 69 2.87 12.10 -30.61
C VAL B 69 2.06 13.26 -30.12
N ALA B 70 0.77 12.99 -29.91
CA ALA B 70 -0.07 13.88 -29.11
C ALA B 70 0.66 14.41 -27.86
N HIS B 71 1.27 13.50 -27.09
CA HIS B 71 1.88 13.87 -25.81
C HIS B 71 3.13 14.60 -26.03
N LEU B 72 3.89 14.14 -27.02
CA LEU B 72 5.19 14.75 -27.31
C LEU B 72 5.10 16.24 -27.58
N PHE B 73 4.06 16.66 -28.29
CA PHE B 73 3.94 18.06 -28.72
C PHE B 73 3.69 19.01 -27.56
N LYS B 74 2.91 18.56 -26.58
CA LYS B 74 2.79 19.25 -25.30
C LYS B 74 4.08 19.82 -24.72
N PHE B 75 5.23 19.28 -25.11
CA PHE B 75 6.50 19.70 -24.45
C PHE B 75 7.51 20.33 -25.38
N GLU B 76 7.04 20.76 -26.54
CA GLU B 76 7.93 21.30 -27.54
C GLU B 76 8.43 22.68 -27.18
N GLY B 77 7.72 23.33 -26.26
CA GLY B 77 8.17 24.60 -25.70
C GLY B 77 7.56 25.80 -26.39
N SER B 78 8.30 26.89 -26.41
CA SER B 78 7.86 28.11 -27.06
C SER B 78 8.70 28.40 -28.31
N TYR B 79 9.92 27.86 -28.35
CA TYR B 79 10.75 27.85 -29.57
C TYR B 79 11.17 26.42 -29.91
N PRO B 80 10.23 25.62 -30.44
CA PRO B 80 10.50 24.23 -30.80
C PRO B 80 11.69 24.09 -31.76
N GLU B 81 12.45 23.03 -31.58
CA GLU B 81 13.71 22.87 -32.28
C GLU B 81 13.54 21.51 -32.85
N ARG B 82 13.87 21.36 -34.12
CA ARG B 82 13.80 20.07 -34.77
C ARG B 82 15.24 19.72 -35.05
N TYR B 83 15.46 18.59 -35.70
CA TYR B 83 16.82 18.19 -36.14
C TYR B 83 17.32 19.15 -37.23
N ASP B 84 18.46 19.78 -36.96
CA ASP B 84 19.15 20.63 -37.89
C ASP B 84 20.01 19.78 -38.88
N ILE B 85 19.57 19.68 -40.13
CA ILE B 85 20.24 18.81 -41.12
C ILE B 85 21.69 19.21 -41.11
N PRO B 86 22.56 18.30 -40.67
CA PRO B 86 23.92 18.69 -40.37
C PRO B 86 24.60 19.46 -41.51
N PRO B 87 24.83 18.83 -42.69
CA PRO B 87 25.49 19.53 -43.82
C PRO B 87 24.97 20.98 -44.05
N TRP B 88 23.64 21.15 -44.09
CA TRP B 88 23.10 22.51 -44.25
C TRP B 88 23.78 23.48 -43.33
N LEU B 89 23.76 23.20 -42.02
CA LEU B 89 24.53 24.05 -41.06
C LEU B 89 25.95 24.17 -41.37
N ALA B 90 26.54 23.10 -41.86
CA ALA B 90 27.97 23.18 -42.26
C ALA B 90 28.15 24.31 -43.24
N TYR B 91 27.28 24.31 -44.24
CA TYR B 91 27.35 25.32 -45.28
C TYR B 91 27.21 26.69 -44.66
N HIS B 92 26.07 26.93 -44.01
CA HIS B 92 25.76 28.27 -43.51
C HIS B 92 26.81 28.76 -42.57
N ARG B 93 27.31 27.88 -41.70
CA ARG B 93 28.28 28.31 -40.72
C ARG B 93 29.62 28.39 -41.32
N TYR B 94 29.98 27.35 -42.07
CA TYR B 94 31.30 27.29 -42.69
C TYR B 94 31.51 28.38 -43.74
N TYR B 95 30.46 28.74 -44.48
CA TYR B 95 30.57 29.83 -45.47
C TYR B 95 29.96 31.20 -45.05
N GLN B 96 30.10 31.54 -43.77
CA GLN B 96 29.54 32.78 -43.22
C GLN B 96 28.24 33.30 -43.89
N LYS B 97 27.34 32.38 -44.20
CA LYS B 97 26.12 32.70 -44.89
C LYS B 97 24.98 32.97 -43.92
N PRO B 98 24.27 34.10 -44.10
CA PRO B 98 23.13 34.46 -43.28
C PRO B 98 22.11 33.34 -43.26
N ILE B 99 21.27 33.30 -42.23
CA ILE B 99 20.34 32.20 -42.03
C ILE B 99 18.97 32.73 -41.73
N GLY B 100 17.96 32.17 -42.38
CA GLY B 100 16.60 32.64 -42.19
C GLY B 100 15.93 31.81 -41.15
N VAL B 101 14.61 31.71 -41.22
CA VAL B 101 13.83 30.97 -40.23
C VAL B 101 14.34 29.56 -39.97
N LEU B 102 14.67 28.84 -41.03
CA LEU B 102 14.93 27.40 -40.93
C LEU B 102 16.05 27.03 -39.93
N PHE B 103 16.97 27.97 -39.70
CA PHE B 103 18.11 27.78 -38.81
C PHE B 103 18.14 28.66 -37.55
N LYS B 104 17.28 29.69 -37.50
CA LYS B 104 17.19 30.56 -36.33
C LYS B 104 16.63 29.80 -35.13
N LYS B 105 17.05 30.21 -33.93
CA LYS B 105 16.58 29.55 -32.72
C LYS B 105 16.19 30.60 -31.71
N SER B 106 15.75 30.14 -30.53
CA SER B 106 15.41 31.06 -29.44
C SER B 106 14.47 32.20 -29.88
N GLY B 107 14.54 33.32 -29.15
CA GLY B 107 13.64 34.44 -29.35
C GLY B 107 13.83 35.13 -30.70
N THR B 108 15.04 34.99 -31.26
CA THR B 108 15.31 35.54 -32.60
C THR B 108 14.37 34.85 -33.60
N TRP B 109 14.23 33.52 -33.51
CA TRP B 109 13.27 32.81 -34.36
C TRP B 109 11.88 33.45 -34.32
N LYS B 110 11.30 33.58 -33.12
CA LYS B 110 9.95 34.17 -32.95
C LYS B 110 9.80 35.57 -33.57
N LYS B 111 10.90 36.30 -33.67
CA LYS B 111 10.87 37.64 -34.26
C LYS B 111 10.49 37.53 -35.74
N ASP B 112 11.36 36.92 -36.53
CA ASP B 112 11.14 36.70 -37.96
C ASP B 112 9.92 35.85 -38.30
N ARG B 113 9.56 34.89 -37.47
CA ARG B 113 8.39 34.04 -37.78
C ARG B 113 7.03 34.69 -37.48
N VAL B 114 7.05 35.81 -36.75
CA VAL B 114 5.80 36.55 -36.52
C VAL B 114 5.50 37.41 -37.77
N VAL B 115 6.47 38.25 -38.16
CA VAL B 115 6.35 39.03 -39.38
C VAL B 115 6.00 38.15 -40.59
N LEU B 116 6.94 37.28 -41.00
CA LEU B 116 6.67 36.33 -42.08
C LEU B 116 5.27 35.77 -42.02
N ASN B 117 4.85 35.33 -40.85
CA ASN B 117 3.52 34.74 -40.70
C ASN B 117 2.42 35.62 -41.26
N THR B 118 2.58 36.94 -41.12
CA THR B 118 1.56 37.89 -41.58
C THR B 118 1.64 38.07 -43.09
N GLU B 119 2.83 37.88 -43.63
CA GLU B 119 3.03 38.00 -45.06
C GLU B 119 2.84 36.73 -45.89
N VAL B 120 2.61 35.59 -45.26
CA VAL B 120 2.55 34.32 -46.03
C VAL B 120 1.64 33.28 -45.47
N MET B 121 1.09 33.53 -44.28
CA MET B 121 0.26 32.55 -43.59
C MET B 121 -1.12 33.10 -43.19
N ALA B 122 -1.16 34.38 -42.83
CA ALA B 122 -2.43 35.03 -42.38
C ALA B 122 -3.38 35.14 -43.55
N PRO B 123 -4.65 34.76 -43.36
CA PRO B 123 -5.64 34.81 -44.47
C PRO B 123 -5.53 36.13 -45.28
N GLU B 124 -4.99 37.17 -44.65
CA GLU B 124 -4.72 38.44 -45.30
C GLU B 124 -3.82 38.30 -46.52
N ALA B 125 -2.80 37.47 -46.40
CA ALA B 125 -1.86 37.25 -47.48
C ALA B 125 -2.49 36.33 -48.52
N ILE B 126 -3.20 35.31 -48.04
CA ILE B 126 -3.75 34.27 -48.90
C ILE B 126 -4.76 34.80 -49.88
N LYS B 127 -5.71 35.59 -49.39
CA LYS B 127 -6.72 36.20 -50.24
C LYS B 127 -6.00 36.93 -51.37
N ASN B 128 -5.00 37.71 -51.01
CA ASN B 128 -4.25 38.51 -51.95
C ASN B 128 -3.38 37.71 -52.95
N PHE B 129 -3.12 36.44 -52.61
CA PHE B 129 -2.31 35.53 -53.43
C PHE B 129 -3.10 34.90 -54.58
N ILE B 130 -4.35 34.49 -54.32
CA ILE B 130 -5.17 33.88 -55.38
C ILE B 130 -4.93 34.53 -56.76
N PRO B 131 -5.16 35.86 -56.86
CA PRO B 131 -4.99 36.56 -58.13
C PRO B 131 -3.58 36.47 -58.68
N LEU B 132 -2.74 35.63 -58.05
CA LEU B 132 -1.34 35.41 -58.48
C LEU B 132 -1.00 33.95 -58.80
N LEU B 133 -1.83 33.02 -58.31
CA LEU B 133 -1.60 31.59 -58.51
C LEU B 133 -2.56 31.01 -59.50
N ASN B 134 -3.70 31.68 -59.68
CA ASN B 134 -4.66 31.21 -60.67
C ASN B 134 -4.07 31.26 -62.10
N PRO B 135 -3.45 32.39 -62.48
CA PRO B 135 -2.86 32.52 -63.79
C PRO B 135 -1.94 31.34 -64.05
N VAL B 136 -1.25 30.89 -63.01
CA VAL B 136 -0.20 29.89 -63.15
C VAL B 136 -0.82 28.52 -63.32
N SER B 137 -1.90 28.25 -62.61
CA SER B 137 -2.56 26.99 -62.79
C SER B 137 -3.14 26.88 -64.18
N GLN B 138 -3.73 27.97 -64.68
CA GLN B 138 -4.37 27.95 -66.01
C GLN B 138 -3.30 27.80 -67.10
N ASP B 139 -2.25 28.61 -66.99
CA ASP B 139 -1.14 28.49 -67.88
C ASP B 139 -0.65 27.02 -67.96
N PHE B 140 -0.82 26.28 -66.86
CA PHE B 140 -0.45 24.88 -66.86
C PHE B 140 -1.45 24.06 -67.64
N VAL B 141 -2.73 24.26 -67.35
CA VAL B 141 -3.81 23.67 -68.16
C VAL B 141 -3.56 23.77 -69.68
N SER B 142 -3.30 24.99 -70.15
CA SER B 142 -3.15 25.30 -71.58
C SER B 142 -1.88 24.71 -72.16
N LEU B 143 -0.79 24.78 -71.40
CA LEU B 143 0.47 24.13 -71.76
C LEU B 143 0.21 22.64 -71.96
N LEU B 144 -0.74 22.07 -71.23
CA LEU B 144 -1.08 20.68 -71.44
C LEU B 144 -1.91 20.55 -72.70
N HIS B 145 -2.61 21.63 -73.04
CA HIS B 145 -3.40 21.67 -74.26
C HIS B 145 -2.46 21.75 -75.49
N LYS B 146 -1.72 22.84 -75.57
CA LYS B 146 -0.68 23.00 -76.56
C LYS B 146 0.18 21.74 -76.69
N ARG B 147 0.31 21.00 -75.58
CA ARG B 147 1.17 19.82 -75.50
C ARG B 147 0.51 18.63 -76.19
N ILE B 148 -0.80 18.46 -76.01
CA ILE B 148 -1.54 17.41 -76.71
C ILE B 148 -1.72 17.66 -78.23
N LYS B 149 -1.64 18.93 -78.62
CA LYS B 149 -1.93 19.33 -80.01
C LYS B 149 -0.78 18.87 -80.90
N GLN B 150 0.44 19.10 -80.43
CA GLN B 150 1.65 18.72 -81.15
C GLN B 150 2.01 17.23 -81.00
N GLN B 151 1.18 16.48 -80.29
CA GLN B 151 1.43 15.07 -80.07
C GLN B 151 0.76 14.24 -81.14
N GLY B 152 -0.54 14.47 -81.32
CA GLY B 152 -1.32 13.74 -82.30
C GLY B 152 -2.70 13.50 -81.79
N SER B 153 -3.05 12.23 -81.64
CA SER B 153 -4.43 11.82 -81.33
C SER B 153 -4.90 12.04 -79.89
N GLY B 154 -5.15 13.32 -79.57
CA GLY B 154 -5.73 13.77 -78.27
C GLY B 154 -5.36 13.07 -76.96
N LYS B 155 -4.07 13.08 -76.64
CA LYS B 155 -3.56 12.39 -75.43
C LYS B 155 -2.18 12.89 -75.14
N PHE B 156 -1.83 12.94 -73.85
CA PHE B 156 -0.45 13.17 -73.45
C PHE B 156 0.03 12.12 -72.50
N VAL B 157 1.13 11.49 -72.86
CA VAL B 157 1.77 10.51 -72.03
C VAL B 157 3.18 11.02 -71.83
N GLY B 158 3.52 11.32 -70.58
CA GLY B 158 4.83 11.87 -70.26
C GLY B 158 5.14 11.79 -68.79
N ASP B 159 6.29 12.33 -68.43
CA ASP B 159 6.69 12.47 -67.09
C ASP B 159 6.74 13.98 -66.89
N ILE B 160 5.65 14.54 -66.36
CA ILE B 160 5.54 15.98 -66.31
C ILE B 160 6.40 16.56 -65.21
N LYS B 161 7.20 15.69 -64.59
CA LYS B 161 8.06 16.09 -63.50
C LYS B 161 8.58 17.48 -63.66
N GLU B 162 9.32 17.74 -64.72
CA GLU B 162 10.05 19.03 -64.85
C GLU B 162 9.11 20.22 -65.05
N ASP B 163 7.91 19.90 -65.53
CA ASP B 163 6.93 20.91 -65.82
C ASP B 163 6.32 21.31 -64.51
N LEU B 164 5.96 20.31 -63.70
CA LEU B 164 5.62 20.53 -62.30
C LEU B 164 6.68 21.37 -61.63
N PHE B 165 7.94 21.00 -61.76
CA PHE B 165 9.00 21.82 -61.19
C PHE B 165 8.75 23.27 -61.56
N HIS B 166 8.70 23.53 -62.87
CA HIS B 166 8.39 24.88 -63.37
C HIS B 166 7.12 25.49 -62.75
N PHE B 167 6.02 24.73 -62.82
CA PHE B 167 4.77 25.16 -62.21
C PHE B 167 5.03 25.70 -60.82
N ALA B 168 5.82 24.96 -60.04
CA ALA B 168 6.18 25.38 -58.71
C ALA B 168 6.93 26.68 -58.70
N PHE B 169 8.05 26.75 -59.41
CA PHE B 169 8.90 27.92 -59.31
C PHE B 169 8.19 29.18 -59.76
N GLU B 170 7.30 29.03 -60.74
CA GLU B 170 6.51 30.16 -61.21
C GLU B 170 5.65 30.59 -60.03
N SER B 171 4.87 29.65 -59.49
CA SER B 171 4.02 29.92 -58.32
C SER B 171 4.67 30.70 -57.19
N ILE B 172 5.90 30.34 -56.81
CA ILE B 172 6.53 30.98 -55.64
C ILE B 172 7.08 32.36 -55.99
N THR B 173 7.67 32.46 -57.18
CA THR B 173 8.21 33.72 -57.67
C THR B 173 7.12 34.78 -57.85
N ASN B 174 5.96 34.36 -58.38
CA ASN B 174 4.88 35.31 -58.64
C ASN B 174 4.29 35.90 -57.37
N VAL B 175 4.04 35.01 -56.41
CA VAL B 175 3.55 35.38 -55.12
C VAL B 175 4.68 36.08 -54.38
N MET B 176 5.91 35.81 -54.81
CA MET B 176 7.07 36.40 -54.17
C MET B 176 7.45 37.77 -54.72
N PHE B 177 7.86 37.83 -55.98
CA PHE B 177 8.31 39.08 -56.54
C PHE B 177 7.24 39.80 -57.39
N GLY B 178 6.04 39.22 -57.45
CA GLY B 178 4.94 39.82 -58.18
C GLY B 178 5.20 40.01 -59.68
N GLU B 179 5.71 38.96 -60.31
CA GLU B 179 5.98 38.98 -61.75
C GLU B 179 6.23 37.58 -62.19
N ARG B 180 5.77 37.25 -63.40
CA ARG B 180 6.00 35.94 -63.98
C ARG B 180 7.42 35.80 -64.50
N LEU B 181 7.79 34.59 -64.89
CA LEU B 181 9.16 34.34 -65.39
C LEU B 181 9.14 33.48 -66.65
N GLY B 182 7.95 33.03 -67.02
CA GLY B 182 7.74 32.35 -68.28
C GLY B 182 8.17 30.91 -68.27
N MET B 183 8.56 30.43 -67.09
CA MET B 183 8.93 29.02 -66.91
C MET B 183 7.86 28.10 -67.46
N LEU B 184 6.68 28.66 -67.69
CA LEU B 184 5.58 27.90 -68.24
C LEU B 184 5.50 28.08 -69.76
N GLU B 185 6.60 28.53 -70.36
CA GLU B 185 6.67 28.70 -71.84
C GLU B 185 7.76 27.81 -72.53
N GLU B 186 7.88 27.94 -73.86
CA GLU B 186 8.86 27.16 -74.64
C GLU B 186 10.31 27.60 -74.38
N THR B 187 10.60 28.86 -74.67
CA THR B 187 11.92 29.45 -74.34
C THR B 187 12.02 29.61 -72.84
N VAL B 188 12.91 28.84 -72.22
CA VAL B 188 13.11 28.97 -70.76
C VAL B 188 14.41 29.70 -70.44
N ASN B 189 14.33 30.71 -69.59
CA ASN B 189 15.55 31.33 -69.03
C ASN B 189 16.31 30.29 -68.19
N PRO B 190 17.53 29.95 -68.63
CA PRO B 190 18.28 28.84 -68.03
C PRO B 190 18.93 29.25 -66.70
N GLU B 191 18.56 30.43 -66.20
CA GLU B 191 19.07 30.94 -64.93
C GLU B 191 18.11 30.51 -63.85
N ALA B 192 16.89 30.20 -64.25
CA ALA B 192 15.86 29.82 -63.33
C ALA B 192 15.76 28.32 -63.33
N GLN B 193 16.26 27.69 -64.38
CA GLN B 193 16.39 26.23 -64.41
C GLN B 193 17.62 25.80 -63.59
N LYS B 194 18.73 26.50 -63.77
CA LYS B 194 19.92 26.30 -62.97
C LYS B 194 19.65 26.25 -61.41
N PHE B 195 18.73 27.10 -60.95
CA PHE B 195 18.31 27.18 -59.56
C PHE B 195 17.49 25.94 -59.28
N ILE B 196 16.31 25.84 -59.88
CA ILE B 196 15.49 24.66 -59.68
C ILE B 196 16.32 23.38 -59.50
N ASP B 197 17.32 23.19 -60.36
CA ASP B 197 18.04 21.93 -60.45
C ASP B 197 19.01 21.77 -59.29
N ALA B 198 19.54 22.90 -58.81
CA ALA B 198 20.39 22.94 -57.61
C ALA B 198 19.54 22.50 -56.38
N VAL B 199 18.44 23.21 -56.15
CA VAL B 199 17.49 22.82 -55.14
C VAL B 199 17.47 21.31 -55.00
N TYR B 200 17.15 20.60 -56.08
CA TYR B 200 17.13 19.12 -56.02
C TYR B 200 18.50 18.44 -55.82
N LYS B 201 19.56 19.24 -55.96
CA LYS B 201 20.88 18.71 -55.95
C LYS B 201 21.47 18.92 -54.56
N MET B 202 21.20 20.08 -53.97
CA MET B 202 21.29 20.29 -52.54
C MET B 202 20.65 19.13 -51.76
N PHE B 203 19.48 18.67 -52.17
CA PHE B 203 18.82 17.60 -51.46
C PHE B 203 19.61 16.31 -51.63
N HIS B 204 19.54 15.72 -52.84
CA HIS B 204 20.24 14.49 -53.16
C HIS B 204 21.58 14.35 -52.49
N THR B 205 22.39 15.41 -52.56
CA THR B 205 23.69 15.40 -51.98
C THR B 205 23.77 15.57 -50.45
N SER B 206 22.69 15.26 -49.76
CA SER B 206 22.70 15.34 -48.31
C SER B 206 22.80 13.93 -47.72
N VAL B 207 21.93 13.03 -48.17
CA VAL B 207 21.96 11.70 -47.63
C VAL B 207 23.36 11.15 -47.27
N PRO B 208 24.33 11.31 -48.16
CA PRO B 208 25.68 10.88 -47.85
C PRO B 208 26.38 11.72 -46.80
N LEU B 209 25.86 12.90 -46.48
CA LEU B 209 26.53 13.79 -45.53
C LEU B 209 25.79 13.87 -44.21
N LEU B 210 24.96 12.88 -43.95
CA LEU B 210 24.11 12.86 -42.80
C LEU B 210 24.80 12.21 -41.58
N ASN B 211 25.43 11.07 -41.83
CA ASN B 211 25.95 10.22 -40.78
C ASN B 211 27.46 10.27 -40.68
N VAL B 212 28.06 11.43 -40.98
CA VAL B 212 29.49 11.57 -40.94
C VAL B 212 29.77 13.00 -40.55
N PRO B 213 30.63 13.20 -39.55
CA PRO B 213 30.81 14.51 -38.96
C PRO B 213 31.30 15.55 -39.92
N PRO B 214 30.68 16.74 -39.88
CA PRO B 214 31.00 17.83 -40.78
C PRO B 214 32.44 18.20 -40.96
N GLU B 215 33.22 18.21 -39.91
CA GLU B 215 34.61 18.68 -40.01
C GLU B 215 35.46 17.62 -40.72
N LEU B 216 34.84 16.46 -40.96
CA LEU B 216 35.49 15.35 -41.66
C LEU B 216 35.11 15.19 -43.16
N TYR B 217 34.11 15.95 -43.62
CA TYR B 217 33.68 15.86 -45.02
C TYR B 217 34.86 16.00 -45.99
N ARG B 218 35.87 16.77 -45.59
CA ARG B 218 37.05 16.98 -46.41
C ARG B 218 37.87 15.72 -46.75
N LEU B 219 37.79 14.70 -45.89
CA LEU B 219 38.57 13.46 -46.05
C LEU B 219 37.72 12.32 -46.53
N PHE B 220 36.55 12.11 -45.94
CA PHE B 220 35.72 10.92 -46.23
C PHE B 220 34.50 11.05 -47.13
N ARG B 221 34.32 12.21 -47.77
CA ARG B 221 33.31 12.36 -48.85
C ARG B 221 33.55 13.69 -49.59
N THR B 222 34.68 13.80 -50.29
CA THR B 222 35.07 15.05 -50.94
C THR B 222 34.15 15.41 -52.13
N LYS B 223 33.57 14.40 -52.75
CA LYS B 223 32.80 14.61 -53.96
C LYS B 223 31.41 15.21 -53.67
N THR B 224 30.64 14.52 -52.84
CA THR B 224 29.29 14.97 -52.50
C THR B 224 29.30 16.34 -51.77
N TRP B 225 30.23 16.51 -50.83
CA TRP B 225 30.43 17.79 -50.15
C TRP B 225 30.76 18.98 -51.05
N ARG B 226 31.60 18.76 -52.07
CA ARG B 226 31.89 19.85 -53.01
C ARG B 226 30.66 20.15 -53.85
N ASP B 227 29.84 19.11 -54.08
CA ASP B 227 28.68 19.14 -54.95
C ASP B 227 27.47 19.77 -54.29
N HIS B 228 27.44 19.64 -52.97
CA HIS B 228 26.32 20.06 -52.18
C HIS B 228 26.63 21.52 -52.03
N VAL B 229 27.89 21.84 -51.75
CA VAL B 229 28.34 23.24 -51.60
C VAL B 229 28.05 24.08 -52.84
N ALA B 230 28.23 23.49 -54.03
CA ALA B 230 28.02 24.22 -55.26
C ALA B 230 26.55 24.45 -55.53
N ALA B 231 25.69 23.58 -54.97
CA ALA B 231 24.27 23.62 -55.23
C ALA B 231 23.66 24.66 -54.31
N TRP B 232 24.34 24.95 -53.21
CA TRP B 232 23.85 25.90 -52.26
C TRP B 232 24.26 27.23 -52.82
N ASP B 233 25.56 27.39 -53.08
CA ASP B 233 26.07 28.60 -53.77
C ASP B 233 25.05 29.06 -54.85
N THR B 234 24.79 28.20 -55.83
CA THR B 234 23.83 28.53 -56.86
C THR B 234 22.54 29.06 -56.27
N ILE B 235 21.97 28.32 -55.32
CA ILE B 235 20.72 28.69 -54.68
C ILE B 235 20.86 30.09 -54.07
N PHE B 236 22.04 30.39 -53.56
CA PHE B 236 22.26 31.66 -52.88
C PHE B 236 22.47 32.82 -53.83
N ASN B 237 23.22 32.59 -54.90
CA ASN B 237 23.46 33.63 -55.89
C ASN B 237 22.27 33.91 -56.79
N LYS B 238 21.48 32.88 -57.08
CA LYS B 238 20.28 33.02 -57.94
C LYS B 238 19.02 33.31 -57.15
N ALA B 239 19.19 33.96 -56.00
CA ALA B 239 18.06 34.46 -55.23
C ALA B 239 18.35 35.92 -54.94
N GLU B 240 19.61 36.22 -54.64
CA GLU B 240 20.07 37.60 -54.52
C GLU B 240 20.10 38.31 -55.89
N LYS B 241 20.25 37.52 -56.95
CA LYS B 241 20.16 38.01 -58.32
C LYS B 241 18.69 38.06 -58.78
N TYR B 242 17.78 37.51 -57.96
CA TYR B 242 16.35 37.66 -58.17
C TYR B 242 15.74 38.53 -57.04
N THR B 243 16.60 39.16 -56.25
CA THR B 243 16.10 40.02 -55.19
C THR B 243 16.70 41.39 -55.36
N GLU B 244 17.84 41.47 -56.03
CA GLU B 244 18.48 42.76 -56.34
C GLU B 244 18.05 43.35 -57.69
N ILE B 245 17.44 42.51 -58.52
CA ILE B 245 16.91 42.99 -59.78
C ILE B 245 15.43 43.32 -59.60
N PHE B 246 14.93 43.15 -58.38
CA PHE B 246 13.54 43.45 -58.09
C PHE B 246 13.44 44.50 -57.02
N TYR B 247 14.53 44.68 -56.27
CA TYR B 247 14.60 45.72 -55.27
C TYR B 247 14.99 47.00 -56.00
N GLN B 248 15.89 46.85 -56.97
CA GLN B 248 16.36 47.94 -57.82
C GLN B 248 15.43 48.20 -59.01
N ASP B 249 14.28 47.52 -58.99
CA ASP B 249 13.22 47.71 -59.99
C ASP B 249 11.94 48.09 -59.21
N LEU B 250 11.95 47.79 -57.91
CA LEU B 250 10.86 48.18 -57.02
C LEU B 250 11.24 49.50 -56.33
N ARG B 251 12.48 49.91 -56.52
CA ARG B 251 12.98 51.17 -55.97
C ARG B 251 12.38 52.44 -56.63
N ARG B 252 12.54 52.56 -57.95
CA ARG B 252 12.14 53.79 -58.70
C ARG B 252 10.65 53.93 -58.99
N LYS B 253 10.05 52.88 -59.54
CA LYS B 253 8.62 52.90 -59.88
C LYS B 253 7.78 52.41 -58.69
N THR B 254 8.30 52.69 -57.49
CA THR B 254 7.70 52.22 -56.23
C THR B 254 6.21 52.56 -56.07
N GLU B 255 5.88 53.83 -56.33
CA GLU B 255 4.49 54.32 -56.23
C GLU B 255 3.46 53.38 -56.86
N PHE B 256 2.95 52.46 -56.05
CA PHE B 256 1.97 51.48 -56.47
C PHE B 256 1.03 50.95 -55.41
N ARG B 257 0.20 50.00 -55.82
CA ARG B 257 -0.87 49.41 -55.04
C ARG B 257 -1.19 48.08 -55.69
N ASN B 258 -2.13 47.34 -55.08
CA ASN B 258 -2.87 46.22 -55.72
C ASN B 258 -2.46 44.71 -55.66
N TYR B 259 -1.24 44.37 -55.12
CA TYR B 259 -0.99 42.93 -54.80
C TYR B 259 -0.85 42.78 -53.22
N PRO B 260 -0.88 41.54 -52.69
CA PRO B 260 0.42 40.90 -52.12
C PRO B 260 1.53 40.59 -53.01
N GLY B 261 2.69 41.10 -52.65
CA GLY B 261 3.94 40.79 -53.31
C GLY B 261 4.87 40.71 -52.13
N ILE B 262 4.88 39.51 -51.51
CA ILE B 262 5.60 39.32 -50.26
C ILE B 262 6.87 40.16 -50.03
N LEU B 263 7.71 40.30 -51.05
CA LEU B 263 8.92 41.15 -50.88
C LEU B 263 8.62 42.62 -50.59
N TYR B 264 7.59 43.15 -51.26
CA TYR B 264 7.11 44.51 -50.98
C TYR B 264 6.68 44.45 -49.55
N CYS B 265 5.62 43.71 -49.30
CA CYS B 265 5.05 43.58 -47.97
C CYS B 265 6.05 43.45 -46.78
N LEU B 266 7.27 43.03 -47.07
CA LEU B 266 8.29 42.91 -46.05
C LEU B 266 9.18 44.14 -45.98
N LEU B 267 9.24 44.89 -47.07
CA LEU B 267 10.18 45.99 -47.16
C LEU B 267 9.62 47.31 -46.66
N LYS B 268 8.30 47.37 -46.51
CA LYS B 268 7.63 48.60 -46.13
C LYS B 268 7.03 48.57 -44.73
N SER B 269 6.85 47.35 -44.19
CA SER B 269 6.69 47.17 -42.75
C SER B 269 8.01 47.56 -42.12
N GLU B 270 9.11 47.02 -42.64
CA GLU B 270 10.44 47.17 -42.02
C GLU B 270 10.47 46.58 -40.60
N LYS B 271 9.50 45.71 -40.31
CA LYS B 271 9.46 44.94 -39.09
C LYS B 271 10.60 43.88 -39.11
N MET B 272 11.22 43.70 -40.27
CA MET B 272 12.28 42.70 -40.46
C MET B 272 13.51 43.41 -41.01
N LEU B 273 14.68 43.12 -40.45
CA LEU B 273 15.90 43.81 -40.85
C LEU B 273 16.06 43.78 -42.39
N LEU B 274 16.61 44.87 -42.94
CA LEU B 274 16.89 44.94 -44.39
C LEU B 274 17.74 43.76 -44.87
N GLU B 275 18.65 43.32 -44.02
CA GLU B 275 19.58 42.28 -44.38
C GLU B 275 18.95 40.91 -44.18
N ASP B 276 18.19 40.76 -43.10
CA ASP B 276 17.51 39.49 -42.74
C ASP B 276 16.54 39.09 -43.81
N VAL B 277 15.84 40.08 -44.35
CA VAL B 277 14.74 39.86 -45.29
C VAL B 277 15.27 39.44 -46.68
N LYS B 278 16.53 39.03 -46.73
CA LYS B 278 17.11 38.46 -47.95
C LYS B 278 17.10 36.96 -47.83
N ALA B 279 17.60 36.50 -46.68
CA ALA B 279 17.69 35.06 -46.37
C ALA B 279 16.34 34.36 -46.37
N ASN B 280 15.31 35.03 -45.86
CA ASN B 280 14.02 34.37 -45.70
C ASN B 280 13.45 34.11 -47.04
N ILE B 281 13.79 34.99 -47.98
CA ILE B 281 13.33 34.89 -49.36
C ILE B 281 14.07 33.72 -49.98
N THR B 282 15.39 33.76 -49.88
CA THR B 282 16.24 32.66 -50.33
C THR B 282 15.56 31.34 -50.02
N GLU B 283 15.12 31.20 -48.78
CA GLU B 283 14.69 29.94 -48.26
C GLU B 283 13.35 29.64 -48.74
N MET B 284 12.51 30.65 -48.82
CA MET B 284 11.16 30.40 -49.21
C MET B 284 11.12 30.05 -50.66
N LEU B 285 11.97 30.71 -51.44
CA LEU B 285 12.18 30.32 -52.85
C LEU B 285 12.44 28.84 -53.05
N ALA B 286 13.52 28.33 -52.47
CA ALA B 286 13.88 26.92 -52.65
C ALA B 286 12.84 26.04 -52.00
N GLY B 287 12.03 26.65 -51.13
CA GLY B 287 11.00 25.93 -50.43
C GLY B 287 9.90 25.42 -51.30
N GLY B 288 9.47 26.23 -52.25
CA GLY B 288 8.35 25.82 -53.10
C GLY B 288 8.77 24.74 -54.09
N VAL B 289 10.01 24.88 -54.54
CA VAL B 289 10.52 24.17 -55.70
C VAL B 289 10.23 22.72 -56.00
N ASN B 290 10.31 21.84 -55.00
CA ASN B 290 10.28 20.39 -55.26
C ASN B 290 9.33 19.58 -54.41
N THR B 291 8.85 20.21 -53.33
CA THR B 291 7.92 19.56 -52.40
C THR B 291 6.49 19.52 -52.96
N THR B 292 6.09 20.64 -53.56
CA THR B 292 4.75 20.73 -54.20
C THR B 292 4.71 19.86 -55.43
N SER B 293 5.77 19.98 -56.24
CA SER B 293 5.89 19.14 -57.45
C SER B 293 5.74 17.69 -57.09
N MET B 294 6.53 17.19 -56.14
CA MET B 294 6.43 15.76 -55.75
C MET B 294 5.04 15.48 -55.34
N THR B 295 4.52 16.32 -54.45
CA THR B 295 3.14 16.13 -53.92
C THR B 295 2.04 16.12 -55.00
N LEU B 296 2.11 17.10 -55.90
CA LEU B 296 1.23 17.01 -57.13
C LEU B 296 1.34 15.72 -57.89
N GLN B 297 2.57 15.34 -58.23
CA GLN B 297 2.72 14.10 -58.95
C GLN B 297 2.07 12.96 -58.26
N TRP B 298 2.34 12.83 -56.97
CA TRP B 298 1.75 11.72 -56.19
C TRP B 298 0.27 11.72 -56.29
N HIS B 299 -0.33 12.90 -56.09
CA HIS B 299 -1.81 13.06 -56.13
C HIS B 299 -2.25 12.45 -57.40
N LEU B 300 -1.69 12.99 -58.49
CA LEU B 300 -2.11 12.50 -59.84
C LEU B 300 -1.93 11.00 -59.94
N TYR B 301 -0.74 10.53 -59.59
CA TYR B 301 -0.49 9.09 -59.60
C TYR B 301 -1.60 8.33 -58.95
N GLU B 302 -1.93 8.68 -57.69
CA GLU B 302 -3.04 8.00 -56.97
C GLU B 302 -4.36 8.14 -57.64
N MET B 303 -4.65 9.37 -58.06
CA MET B 303 -5.89 9.62 -58.81
C MET B 303 -5.95 8.74 -60.05
N ALA B 304 -4.81 8.19 -60.47
CA ALA B 304 -4.82 7.17 -61.57
C ALA B 304 -5.03 5.75 -61.11
N ARG B 305 -4.44 5.41 -59.97
CA ARG B 305 -4.66 4.10 -59.36
C ARG B 305 -6.08 3.93 -58.88
N SER B 306 -6.69 5.04 -58.44
CA SER B 306 -8.09 5.00 -57.94
C SER B 306 -9.03 5.88 -58.76
N LEU B 307 -9.67 5.26 -59.74
CA LEU B 307 -10.49 5.96 -60.72
C LEU B 307 -11.79 6.42 -60.09
N ASN B 308 -12.45 5.51 -59.38
CA ASN B 308 -13.65 5.90 -58.65
C ASN B 308 -13.48 7.19 -57.86
N VAL B 309 -12.37 7.31 -57.15
CA VAL B 309 -12.17 8.46 -56.27
C VAL B 309 -11.82 9.66 -57.12
N GLN B 310 -11.16 9.41 -58.24
CA GLN B 310 -10.88 10.45 -59.20
C GLN B 310 -12.16 11.12 -59.69
N GLU B 311 -13.17 10.31 -60.01
CA GLU B 311 -14.44 10.82 -60.47
C GLU B 311 -15.16 11.65 -59.41
N MET B 312 -15.20 11.12 -58.19
CA MET B 312 -15.80 11.81 -57.05
C MET B 312 -15.22 13.18 -56.85
N LEU B 313 -13.94 13.35 -57.15
CA LEU B 313 -13.27 14.63 -56.91
C LEU B 313 -13.60 15.61 -58.01
N ARG B 314 -13.82 15.05 -59.21
CA ARG B 314 -14.21 15.85 -60.35
C ARG B 314 -15.65 16.33 -60.16
N GLU B 315 -16.54 15.38 -59.83
CA GLU B 315 -17.92 15.68 -59.54
C GLU B 315 -18.04 16.66 -58.40
N GLU B 316 -17.04 16.68 -57.54
CA GLU B 316 -17.06 17.53 -56.38
C GLU B 316 -16.33 18.79 -56.73
N VAL B 317 -15.72 18.84 -57.91
CA VAL B 317 -15.13 20.10 -58.35
C VAL B 317 -16.12 20.85 -59.25
N LEU B 318 -16.78 20.11 -60.13
CA LEU B 318 -17.60 20.73 -61.17
C LEU B 318 -18.94 21.29 -60.61
N ASN B 319 -19.36 20.74 -59.47
CA ASN B 319 -20.52 21.24 -58.73
C ASN B 319 -20.27 22.54 -57.96
N ALA B 320 -19.00 22.81 -57.67
CA ALA B 320 -18.57 24.08 -57.05
C ALA B 320 -18.35 25.23 -58.03
N ARG B 321 -17.93 24.90 -59.25
CA ARG B 321 -17.74 25.90 -60.34
C ARG B 321 -18.99 26.81 -60.62
N ARG B 322 -20.18 26.21 -60.49
CA ARG B 322 -21.43 26.89 -60.73
C ARG B 322 -22.02 27.55 -59.49
N GLN B 323 -21.94 26.87 -58.35
CA GLN B 323 -22.33 27.48 -57.08
C GLN B 323 -21.26 28.49 -56.72
N ALA B 324 -20.62 29.05 -57.74
CA ALA B 324 -19.74 30.19 -57.55
C ALA B 324 -19.87 31.10 -58.76
N GLU B 325 -20.44 30.51 -59.83
CA GLU B 325 -20.69 31.23 -61.11
C GLU B 325 -19.43 31.77 -61.76
N GLY B 326 -18.66 32.52 -60.99
CA GLY B 326 -17.40 33.07 -61.45
C GLY B 326 -16.23 32.71 -60.55
N ASP B 327 -15.28 33.64 -60.46
CA ASP B 327 -13.94 33.43 -59.88
C ASP B 327 -13.82 32.39 -58.77
N ILE B 328 -12.62 31.81 -58.68
CA ILE B 328 -12.33 30.78 -57.70
C ILE B 328 -12.59 31.30 -56.30
N SER B 329 -12.02 32.48 -55.99
CA SER B 329 -12.26 33.16 -54.69
C SER B 329 -13.35 32.48 -53.87
N LYS B 330 -14.58 32.54 -54.34
CA LYS B 330 -15.73 31.94 -53.66
C LYS B 330 -15.75 30.39 -53.62
N MET B 331 -15.36 29.75 -54.72
CA MET B 331 -15.45 28.29 -54.78
C MET B 331 -14.29 27.61 -54.05
N LEU B 332 -13.38 28.42 -53.51
CA LEU B 332 -12.20 27.91 -52.83
C LEU B 332 -12.52 27.32 -51.45
N GLN B 333 -13.82 27.18 -51.17
CA GLN B 333 -14.29 26.74 -49.86
C GLN B 333 -15.44 25.80 -50.09
N MET B 334 -15.74 25.55 -51.37
CA MET B 334 -16.73 24.56 -51.73
C MET B 334 -16.09 23.25 -52.16
N VAL B 335 -14.84 23.06 -51.71
CA VAL B 335 -14.13 21.81 -51.97
C VAL B 335 -13.54 21.18 -50.69
N PRO B 336 -14.35 20.41 -49.94
CA PRO B 336 -13.81 19.72 -48.78
C PRO B 336 -13.03 18.49 -49.28
N LEU B 337 -13.65 17.73 -50.19
CA LEU B 337 -13.08 16.47 -50.72
C LEU B 337 -11.78 16.73 -51.45
N LEU B 338 -11.68 17.89 -52.06
CA LEU B 338 -10.44 18.28 -52.67
C LEU B 338 -9.39 18.55 -51.60
N LYS B 339 -9.74 19.39 -50.64
CA LYS B 339 -8.82 19.70 -49.55
C LYS B 339 -8.24 18.44 -48.89
N ALA B 340 -9.11 17.48 -48.61
CA ALA B 340 -8.74 16.24 -47.96
C ALA B 340 -7.80 15.33 -48.81
N SER B 341 -8.06 15.30 -50.12
CA SER B 341 -7.25 14.52 -51.06
C SER B 341 -5.80 14.88 -50.94
N ILE B 342 -5.49 16.14 -50.64
CA ILE B 342 -4.09 16.58 -50.48
C ILE B 342 -3.49 15.97 -49.22
N LYS B 343 -4.35 15.64 -48.24
CA LYS B 343 -3.92 15.13 -46.92
C LYS B 343 -3.68 13.61 -47.01
N GLU B 344 -4.67 12.86 -47.48
CA GLU B 344 -4.47 11.46 -47.75
C GLU B 344 -3.23 11.16 -48.70
N THR B 345 -2.84 12.15 -49.51
CA THR B 345 -1.69 12.01 -50.36
C THR B 345 -0.48 12.35 -49.57
N LEU B 346 -0.61 13.37 -48.73
CA LEU B 346 0.49 13.77 -47.89
C LEU B 346 0.66 12.76 -46.71
N ARG B 347 -0.31 11.87 -46.54
CA ARG B 347 -0.27 10.78 -45.59
C ARG B 347 0.50 9.58 -46.20
N LEU B 348 0.03 9.09 -47.35
CA LEU B 348 0.77 8.10 -48.13
C LEU B 348 2.17 8.49 -48.57
N HIS B 349 2.44 9.78 -48.77
CA HIS B 349 3.68 10.19 -49.39
C HIS B 349 4.10 11.50 -48.85
N PRO B 350 4.46 11.56 -47.57
CA PRO B 350 4.88 12.79 -46.99
C PRO B 350 6.15 13.08 -47.60
N ILE B 351 6.70 14.25 -47.31
CA ILE B 351 7.94 14.66 -47.83
C ILE B 351 8.99 14.53 -46.71
N SER B 352 8.55 14.72 -45.47
CA SER B 352 9.39 14.55 -44.31
C SER B 352 9.14 13.18 -43.95
N VAL B 353 10.21 12.43 -43.70
CA VAL B 353 10.04 10.96 -43.40
C VAL B 353 9.72 10.88 -41.88
N THR B 354 10.17 11.89 -41.14
CA THR B 354 9.72 12.06 -39.74
C THR B 354 9.56 13.56 -39.35
N LEU B 355 8.93 13.81 -38.20
CA LEU B 355 9.13 15.11 -37.55
C LEU B 355 10.01 14.92 -36.34
N GLN B 356 10.80 15.93 -36.00
CA GLN B 356 11.56 15.86 -34.81
C GLN B 356 11.31 17.06 -33.91
N ARG B 357 11.39 16.84 -32.60
CA ARG B 357 11.37 17.95 -31.59
C ARG B 357 12.21 17.53 -30.38
N TYR B 358 13.17 18.36 -30.01
CA TYR B 358 13.82 18.25 -28.71
C TYR B 358 12.95 18.84 -27.54
N PRO B 359 12.22 18.00 -26.82
CA PRO B 359 11.35 18.50 -25.71
C PRO B 359 11.99 19.49 -24.69
N GLU B 360 11.25 20.55 -24.37
CA GLU B 360 11.72 21.63 -23.47
C GLU B 360 12.01 21.20 -21.99
N SER B 361 11.29 20.17 -21.53
CA SER B 361 11.48 19.57 -20.21
C SER B 361 11.44 18.01 -20.30
N ASP B 362 11.60 17.31 -19.18
CA ASP B 362 11.53 15.85 -19.17
C ASP B 362 10.08 15.42 -19.27
N LEU B 363 9.83 14.21 -19.76
CA LEU B 363 8.46 13.76 -19.91
C LEU B 363 8.47 12.29 -20.13
N VAL B 364 7.28 11.69 -20.21
CA VAL B 364 7.15 10.25 -20.22
C VAL B 364 6.42 9.83 -21.48
N LEU B 365 7.04 8.92 -22.23
CA LEU B 365 6.45 8.38 -23.46
C LEU B 365 6.33 6.89 -23.33
N GLN B 366 5.13 6.37 -23.51
CA GLN B 366 4.88 5.01 -23.13
C GLN B 366 5.32 4.94 -21.65
N ASP B 367 5.91 3.84 -21.21
CA ASP B 367 6.31 3.78 -19.83
C ASP B 367 7.82 3.94 -19.72
N TYR B 368 8.31 5.11 -20.12
CA TYR B 368 9.72 5.35 -20.17
C TYR B 368 9.95 6.79 -19.88
N LEU B 369 11.19 7.10 -19.51
CA LEU B 369 11.56 8.41 -19.10
C LEU B 369 12.39 9.09 -20.17
N ILE B 370 11.82 10.15 -20.77
CA ILE B 370 12.51 10.86 -21.81
C ILE B 370 13.00 12.18 -21.30
N PRO B 371 14.32 12.32 -21.21
CA PRO B 371 14.91 13.54 -20.72
C PRO B 371 15.03 14.75 -21.68
N ALA B 372 14.52 15.90 -21.21
CA ALA B 372 14.72 17.15 -21.93
C ALA B 372 16.01 17.13 -22.76
N LYS B 373 15.94 17.73 -23.95
CA LYS B 373 17.08 17.91 -24.87
C LYS B 373 17.43 16.64 -25.70
N THR B 374 16.56 15.64 -25.62
CA THR B 374 16.68 14.39 -26.36
C THR B 374 15.92 14.48 -27.68
N LEU B 375 16.58 14.09 -28.77
CA LEU B 375 15.95 14.02 -30.08
C LEU B 375 14.99 12.90 -30.17
N VAL B 376 13.71 13.22 -30.29
CA VAL B 376 12.68 12.23 -30.51
C VAL B 376 12.01 12.48 -31.89
N GLN B 377 11.78 11.40 -32.64
CA GLN B 377 11.45 11.49 -34.04
C GLN B 377 10.22 10.74 -34.28
N VAL B 378 9.31 11.36 -35.03
CA VAL B 378 7.99 10.84 -35.17
C VAL B 378 7.95 10.31 -36.53
N ALA B 379 7.69 9.00 -36.64
CA ALA B 379 7.87 8.30 -37.89
C ALA B 379 6.61 8.41 -38.66
N ILE B 380 6.43 9.59 -39.25
CA ILE B 380 5.25 9.86 -40.07
C ILE B 380 5.10 8.83 -41.13
N TYR B 381 6.17 8.60 -41.90
CA TYR B 381 6.03 7.68 -43.06
C TYR B 381 5.57 6.33 -42.61
N ALA B 382 6.17 5.84 -41.52
CA ALA B 382 5.81 4.52 -40.96
C ALA B 382 4.42 4.51 -40.47
N MET B 383 4.02 5.63 -39.87
CA MET B 383 2.61 5.77 -39.42
C MET B 383 1.66 5.59 -40.53
N GLY B 384 1.79 6.43 -41.54
CA GLY B 384 0.81 6.46 -42.67
C GLY B 384 0.63 5.10 -43.30
N ARG B 385 1.69 4.30 -43.23
CA ARG B 385 1.60 2.96 -43.77
C ARG B 385 1.15 1.89 -42.85
N ASP B 386 1.13 2.18 -41.54
CA ASP B 386 0.70 1.20 -40.53
C ASP B 386 -0.82 1.08 -40.47
N PRO B 387 -1.34 -0.16 -40.36
CA PRO B 387 -2.77 -0.47 -40.45
C PRO B 387 -3.49 -0.36 -39.12
N ALA B 388 -2.72 -0.02 -38.09
CA ALA B 388 -3.24 0.11 -36.74
C ALA B 388 -3.70 1.56 -36.60
N PHE B 389 -3.49 2.35 -37.66
CA PHE B 389 -3.86 3.75 -37.62
C PHE B 389 -4.88 4.11 -38.68
N PHE B 390 -4.81 3.38 -39.77
CA PHE B 390 -5.65 3.65 -40.90
C PHE B 390 -5.97 2.28 -41.52
N SER B 391 -7.23 1.87 -41.47
CA SER B 391 -7.66 0.61 -42.11
C SER B 391 -7.44 0.70 -43.62
N SER B 392 -7.09 -0.44 -44.25
CA SER B 392 -6.69 -0.48 -45.69
C SER B 392 -5.77 0.69 -45.97
N PRO B 393 -4.60 0.70 -45.35
CA PRO B 393 -3.67 1.83 -45.45
C PRO B 393 -3.17 2.04 -46.87
N ASP B 394 -3.46 1.09 -47.77
CA ASP B 394 -3.00 1.19 -49.18
C ASP B 394 -4.01 2.02 -49.98
N LYS B 395 -5.26 2.01 -49.51
CA LYS B 395 -6.37 2.67 -50.20
C LYS B 395 -6.22 4.16 -50.11
N PHE B 396 -6.35 4.84 -51.26
CA PHE B 396 -6.32 6.30 -51.29
C PHE B 396 -7.76 6.78 -51.11
N ASP B 397 -8.09 7.21 -49.90
CA ASP B 397 -9.47 7.50 -49.51
C ASP B 397 -9.52 8.82 -48.79
N PRO B 398 -9.89 9.88 -49.51
CA PRO B 398 -9.95 11.22 -48.93
C PRO B 398 -10.95 11.39 -47.77
N THR B 399 -11.86 10.44 -47.58
CA THR B 399 -12.82 10.55 -46.45
C THR B 399 -12.08 10.57 -45.13
N ARG B 400 -11.08 9.70 -44.98
CA ARG B 400 -10.31 9.60 -43.74
C ARG B 400 -10.15 10.93 -43.03
N TRP B 401 -10.17 12.04 -43.79
CA TRP B 401 -9.75 13.39 -43.26
C TRP B 401 -10.87 14.38 -43.12
N LEU B 402 -12.09 13.88 -43.12
CA LEU B 402 -13.26 14.70 -42.88
C LEU B 402 -13.93 14.39 -41.53
N SER B 403 -14.41 13.13 -41.41
CA SER B 403 -15.47 12.71 -40.51
C SER B 403 -16.07 13.53 -39.37
N LYS B 404 -15.48 13.38 -38.17
CA LYS B 404 -16.02 13.82 -36.85
C LYS B 404 -17.52 13.63 -36.56
N ASP B 405 -18.09 12.54 -37.09
CA ASP B 405 -19.52 12.24 -36.95
C ASP B 405 -19.79 11.18 -35.87
N LYS B 406 -19.12 10.04 -36.03
CA LYS B 406 -19.28 8.88 -35.15
C LYS B 406 -17.87 8.41 -34.89
N ASP B 407 -16.92 9.26 -35.27
CA ASP B 407 -15.50 8.99 -35.12
C ASP B 407 -15.08 9.07 -33.65
N LEU B 408 -14.77 7.91 -33.06
CA LEU B 408 -14.35 7.90 -31.66
C LEU B 408 -13.07 8.67 -31.39
N ILE B 409 -12.08 8.47 -32.24
CA ILE B 409 -10.85 9.18 -32.09
C ILE B 409 -10.56 9.95 -33.38
N HIS B 410 -9.97 11.13 -33.24
CA HIS B 410 -9.80 12.03 -34.33
C HIS B 410 -8.38 12.49 -34.34
N PHE B 411 -7.59 11.97 -35.28
CA PHE B 411 -6.24 12.45 -35.42
C PHE B 411 -6.11 13.32 -36.66
N ARG B 412 -5.21 14.31 -36.59
CA ARG B 412 -5.07 15.35 -37.59
C ARG B 412 -3.74 15.26 -38.33
N ASN B 413 -3.75 15.71 -39.59
CA ASN B 413 -2.72 15.40 -40.55
C ASN B 413 -1.44 16.04 -40.18
N LEU B 414 -0.32 15.39 -40.50
CA LEU B 414 0.97 15.96 -40.14
C LEU B 414 1.88 16.22 -41.32
N GLY B 415 1.31 16.19 -42.52
CA GLY B 415 2.09 16.49 -43.73
C GLY B 415 2.96 17.66 -43.55
N PHE B 416 2.51 18.68 -42.83
CA PHE B 416 3.32 19.95 -42.67
C PHE B 416 3.91 20.19 -41.29
N GLY B 417 3.68 19.23 -40.40
CA GLY B 417 4.26 19.40 -39.03
C GLY B 417 3.19 19.76 -38.03
N TRP B 418 3.50 20.62 -37.07
CA TRP B 418 2.48 20.99 -36.02
C TRP B 418 2.82 22.13 -35.14
N GLY B 419 1.78 22.88 -34.77
CA GLY B 419 1.96 24.08 -33.93
C GLY B 419 2.78 25.10 -34.66
N VAL B 420 3.48 25.95 -33.92
CA VAL B 420 4.12 27.12 -34.46
C VAL B 420 5.30 26.96 -35.39
N ARG B 421 6.03 25.85 -35.29
CA ARG B 421 7.19 25.67 -36.17
C ARG B 421 6.85 24.68 -37.20
N GLN B 422 5.57 24.41 -37.41
CA GLN B 422 5.15 23.81 -38.67
C GLN B 422 5.65 24.66 -39.87
N CYS B 423 5.62 24.03 -41.04
CA CYS B 423 6.02 24.67 -42.34
C CYS B 423 5.28 25.99 -42.58
N VAL B 424 6.05 27.09 -42.71
CA VAL B 424 5.50 28.38 -43.08
C VAL B 424 4.85 28.46 -44.51
N GLY B 425 5.19 27.55 -45.41
CA GLY B 425 4.73 27.63 -46.76
C GLY B 425 3.44 26.87 -46.82
N ARG B 426 3.00 26.35 -45.67
CA ARG B 426 1.82 25.48 -45.64
C ARG B 426 0.69 26.07 -46.49
N ARG B 427 0.30 27.31 -46.18
CA ARG B 427 -0.91 27.91 -46.77
C ARG B 427 -0.68 28.07 -48.28
N ILE B 428 0.39 28.80 -48.65
CA ILE B 428 0.86 28.85 -50.03
C ILE B 428 0.87 27.50 -50.75
N ALA B 429 1.15 26.42 -50.03
CA ALA B 429 1.28 25.12 -50.64
C ALA B 429 -0.05 24.51 -50.80
N GLU B 430 -0.97 24.79 -49.88
CA GLU B 430 -2.30 24.16 -49.97
C GLU B 430 -3.12 24.91 -51.02
N LEU B 431 -2.94 26.21 -51.05
CA LEU B 431 -3.66 27.05 -51.98
C LEU B 431 -3.08 26.76 -53.37
N GLU B 432 -1.75 26.65 -53.44
CA GLU B 432 -1.06 26.38 -54.71
C GLU B 432 -1.47 25.09 -55.39
N MET B 433 -1.91 24.11 -54.60
CA MET B 433 -2.19 22.78 -55.13
C MET B 433 -3.66 22.57 -55.28
N THR B 434 -4.45 23.37 -54.57
CA THR B 434 -5.88 23.23 -54.67
C THR B 434 -6.23 23.90 -55.99
N LEU B 435 -5.59 25.03 -56.22
CA LEU B 435 -5.73 25.76 -57.44
C LEU B 435 -5.22 25.03 -58.69
N PHE B 436 -4.45 23.95 -58.48
CA PHE B 436 -3.87 23.23 -59.55
C PHE B 436 -4.78 22.10 -59.79
N LEU B 437 -5.55 21.71 -58.78
CA LEU B 437 -6.43 20.56 -58.96
C LEU B 437 -7.82 20.99 -59.38
N ILE B 438 -8.07 22.28 -59.23
CA ILE B 438 -9.30 22.89 -59.71
C ILE B 438 -9.25 22.78 -61.27
N HIS B 439 -8.13 23.21 -61.83
CA HIS B 439 -7.89 23.18 -63.26
C HIS B 439 -7.11 21.90 -63.67
N ILE B 440 -7.66 20.72 -63.37
CA ILE B 440 -7.06 19.46 -63.80
C ILE B 440 -8.14 18.44 -63.85
N LEU B 441 -8.96 18.39 -62.81
CA LEU B 441 -10.13 17.51 -62.83
C LEU B 441 -11.20 18.26 -63.65
N GLU B 442 -10.90 19.51 -63.95
CA GLU B 442 -11.81 20.35 -64.71
C GLU B 442 -11.52 20.35 -66.22
N ASN B 443 -10.26 20.18 -66.59
CA ASN B 443 -9.87 20.11 -68.01
C ASN B 443 -9.37 18.74 -68.50
N PHE B 444 -8.98 17.85 -67.58
CA PHE B 444 -8.33 16.58 -67.95
C PHE B 444 -8.88 15.36 -67.22
N LYS B 445 -8.37 14.19 -67.58
CA LYS B 445 -8.63 12.93 -66.89
C LYS B 445 -7.21 12.34 -66.82
N VAL B 446 -6.85 11.73 -65.69
CA VAL B 446 -5.46 11.30 -65.49
C VAL B 446 -5.38 9.79 -65.28
N GLU B 447 -4.72 9.10 -66.20
CA GLU B 447 -4.54 7.64 -66.08
C GLU B 447 -3.10 7.24 -66.19
N MET B 448 -2.85 5.95 -66.08
CA MET B 448 -1.51 5.40 -66.29
C MET B 448 -1.61 4.26 -67.27
N GLN B 449 -0.73 4.24 -68.26
CA GLN B 449 -0.71 3.15 -69.26
C GLN B 449 -0.77 1.79 -68.58
N HIS B 450 0.09 1.62 -67.58
CA HIS B 450 0.18 0.37 -66.83
C HIS B 450 -0.26 0.50 -65.38
N ILE B 451 -0.21 -0.62 -64.67
CA ILE B 451 -0.51 -0.66 -63.25
C ILE B 451 0.66 -0.08 -62.46
N GLY B 452 0.37 0.51 -61.30
CA GLY B 452 1.41 1.18 -60.47
C GLY B 452 2.29 0.22 -59.68
N ASP B 453 3.53 0.65 -59.42
CA ASP B 453 4.56 -0.23 -58.82
C ASP B 453 5.71 0.63 -58.32
N VAL B 454 5.51 1.94 -58.37
CA VAL B 454 6.52 2.89 -57.90
C VAL B 454 6.55 2.85 -56.37
N ASP B 455 7.77 2.75 -55.83
CA ASP B 455 8.00 2.68 -54.40
C ASP B 455 8.66 3.97 -54.16
N THR B 456 8.85 4.31 -52.88
CA THR B 456 9.41 5.57 -52.53
C THR B 456 10.82 5.31 -52.08
N ILE B 457 11.70 6.29 -52.26
CA ILE B 457 13.08 6.15 -51.92
C ILE B 457 13.44 7.46 -51.27
N PHE B 458 14.59 7.51 -50.60
CA PHE B 458 14.91 8.62 -49.68
C PHE B 458 16.02 9.47 -50.21
N ASN B 459 15.79 10.76 -50.24
CA ASN B 459 16.81 11.72 -50.66
C ASN B 459 16.59 13.04 -49.93
N LEU B 460 16.65 12.99 -48.60
CA LEU B 460 16.37 14.17 -47.75
C LEU B 460 14.83 14.20 -47.76
N ILE B 461 14.25 14.64 -48.88
CA ILE B 461 12.80 14.58 -49.03
C ILE B 461 12.53 13.24 -49.62
N LEU B 462 11.40 12.65 -49.35
CA LEU B 462 11.10 11.41 -49.90
C LEU B 462 10.62 11.69 -51.33
N THR B 463 10.79 10.72 -52.23
CA THR B 463 10.44 10.84 -53.65
C THR B 463 10.18 9.44 -54.17
N PRO B 464 9.49 9.32 -55.31
CA PRO B 464 9.28 8.02 -55.97
C PRO B 464 10.59 7.54 -56.60
N ASP B 465 10.73 6.22 -56.78
CA ASP B 465 12.03 5.64 -57.19
C ASP B 465 12.24 5.60 -58.72
N LYS B 466 11.15 5.28 -59.45
CA LYS B 466 11.13 5.40 -60.92
C LYS B 466 10.33 6.66 -61.40
N PRO B 467 10.48 7.02 -62.68
CA PRO B 467 9.75 8.17 -63.25
C PRO B 467 8.31 7.78 -63.50
N ILE B 468 7.39 8.69 -63.18
CA ILE B 468 5.98 8.37 -63.32
C ILE B 468 5.56 8.85 -64.70
N PHE B 469 4.80 8.00 -65.39
CA PHE B 469 4.32 8.32 -66.72
C PHE B 469 2.81 8.47 -66.66
N LEU B 470 2.39 9.71 -66.48
CA LEU B 470 0.97 10.04 -66.39
C LEU B 470 0.34 10.22 -67.78
N VAL B 471 -0.85 9.65 -67.92
CA VAL B 471 -1.64 9.72 -69.16
C VAL B 471 -2.80 10.71 -68.96
N PHE B 472 -2.72 11.86 -69.63
CA PHE B 472 -3.82 12.84 -69.67
C PHE B 472 -4.84 12.64 -70.80
N ARG B 473 -6.10 13.01 -70.55
CA ARG B 473 -7.19 12.85 -71.53
C ARG B 473 -8.31 13.91 -71.38
N PRO B 474 -8.32 14.92 -72.27
CA PRO B 474 -9.25 16.09 -72.15
C PRO B 474 -10.76 15.76 -72.01
N PHE B 475 -11.50 16.71 -71.44
CA PHE B 475 -12.96 16.55 -71.16
C PHE B 475 -13.30 16.15 -69.70
N THR C 6 23.46 -19.43 56.02
CA THR C 6 24.37 -18.52 55.27
C THR C 6 24.76 -19.06 53.85
N PRO C 7 25.26 -18.19 52.98
CA PRO C 7 25.73 -18.64 51.66
C PRO C 7 26.99 -19.51 51.81
N ARG C 8 27.16 -20.50 50.92
CA ARG C 8 28.38 -21.30 50.88
C ARG C 8 29.54 -20.45 50.32
N PRO C 9 30.78 -20.72 50.74
CA PRO C 9 31.92 -19.89 50.32
C PRO C 9 32.33 -20.14 48.85
N TYR C 10 32.91 -19.11 48.22
CA TYR C 10 33.30 -19.16 46.81
C TYR C 10 34.13 -20.39 46.48
N SER C 11 35.08 -20.67 47.37
CA SER C 11 35.93 -21.84 47.29
C SER C 11 35.17 -23.14 47.05
N GLU C 12 33.86 -23.12 47.30
CA GLU C 12 33.05 -24.34 47.23
C GLU C 12 32.37 -24.61 45.88
N ILE C 13 32.43 -23.64 44.96
CA ILE C 13 31.84 -23.82 43.61
C ILE C 13 32.40 -25.04 42.86
N PRO C 14 31.53 -26.00 42.50
CA PRO C 14 31.89 -27.25 41.81
C PRO C 14 33.27 -27.45 41.13
N SER C 15 33.65 -26.64 40.13
CA SER C 15 35.07 -26.64 39.61
C SER C 15 35.72 -27.96 39.11
N PRO C 16 36.84 -27.88 38.40
CA PRO C 16 37.51 -29.08 37.98
C PRO C 16 38.89 -29.22 38.62
N GLY C 17 39.37 -28.16 39.26
CA GLY C 17 40.62 -28.23 39.95
C GLY C 17 41.15 -26.86 40.18
N ASP C 18 42.00 -26.72 41.18
CA ASP C 18 42.46 -25.41 41.60
C ASP C 18 43.83 -25.11 41.03
N ASN C 19 44.32 -26.07 40.26
CA ASN C 19 45.55 -25.91 39.52
C ASN C 19 45.22 -25.41 38.11
N GLY C 20 45.66 -24.19 37.79
CA GLY C 20 45.33 -23.57 36.49
C GLY C 20 46.11 -24.23 35.37
N TRP C 21 47.43 -24.07 35.41
CA TRP C 21 48.33 -24.89 34.63
C TRP C 21 47.93 -26.36 34.42
N LEU C 22 47.40 -27.01 35.43
CA LEU C 22 46.92 -28.39 35.25
C LEU C 22 45.80 -28.38 34.27
N ASN C 23 44.90 -27.43 34.44
CA ASN C 23 43.66 -27.41 33.69
C ASN C 23 43.88 -26.89 32.31
N LEU C 24 44.94 -26.09 32.15
CA LEU C 24 45.41 -25.64 30.86
C LEU C 24 45.99 -26.76 30.01
N TYR C 25 46.98 -27.46 30.54
CA TYR C 25 47.51 -28.65 29.89
C TYR C 25 46.37 -29.51 29.37
N HIS C 26 45.37 -29.74 30.21
CA HIS C 26 44.22 -30.59 29.82
C HIS C 26 43.23 -29.87 28.91
N PHE C 27 43.51 -28.59 28.68
CA PHE C 27 42.65 -27.81 27.82
C PHE C 27 43.29 -27.92 26.44
N TRP C 28 44.58 -27.61 26.37
CA TRP C 28 45.30 -27.72 25.12
C TRP C 28 45.31 -29.13 24.56
N ARG C 29 45.53 -30.10 25.44
CA ARG C 29 45.60 -31.52 25.07
C ARG C 29 44.36 -32.01 24.32
N GLU C 30 43.18 -31.69 24.83
CA GLU C 30 41.95 -32.11 24.16
C GLU C 30 41.44 -31.17 23.05
N LYS C 31 42.30 -30.25 22.60
CA LYS C 31 41.94 -29.32 21.55
C LYS C 31 40.70 -28.58 22.03
N GLY C 32 40.93 -27.53 22.82
CA GLY C 32 39.83 -26.76 23.43
C GLY C 32 39.65 -25.38 22.80
N SER C 33 40.75 -24.69 22.56
CA SER C 33 40.75 -23.43 21.84
C SER C 33 39.49 -23.02 21.06
N GLN C 34 38.85 -23.97 20.37
CA GLN C 34 37.88 -23.65 19.31
C GLN C 34 36.67 -24.51 19.54
N ARG C 35 36.58 -25.05 20.73
CA ARG C 35 35.41 -25.75 21.11
C ARG C 35 34.84 -25.18 22.46
N ILE C 36 35.29 -23.97 22.82
CA ILE C 36 34.83 -23.25 24.04
C ILE C 36 33.35 -23.49 24.32
N HIS C 37 32.52 -23.29 23.30
CA HIS C 37 31.12 -23.51 23.39
C HIS C 37 30.66 -24.87 23.77
N PHE C 38 31.13 -25.89 23.06
CA PHE C 38 30.76 -27.28 23.41
C PHE C 38 31.15 -27.65 24.92
N ARG C 39 32.16 -26.99 25.46
CA ARG C 39 32.66 -27.25 26.82
C ARG C 39 31.74 -26.63 27.94
N HIS C 40 31.20 -25.44 27.68
CA HIS C 40 30.20 -24.87 28.56
C HIS C 40 29.11 -25.91 28.73
N ILE C 41 28.72 -26.57 27.67
CA ILE C 41 27.57 -27.50 27.79
C ILE C 41 27.94 -28.74 28.61
N GLU C 42 29.18 -29.18 28.42
CA GLU C 42 29.70 -30.40 29.01
C GLU C 42 30.03 -30.12 30.47
N ASN C 43 30.68 -28.99 30.73
CA ASN C 43 30.88 -28.50 32.07
C ASN C 43 29.61 -28.25 32.96
N PHE C 44 28.50 -27.84 32.33
CA PHE C 44 27.20 -27.67 33.05
C PHE C 44 26.52 -28.99 33.35
N GLN C 45 26.64 -29.94 32.44
CA GLN C 45 26.01 -31.22 32.65
C GLN C 45 26.71 -32.02 33.75
N LYS C 46 27.99 -31.71 33.95
CA LYS C 46 28.83 -32.45 34.88
C LYS C 46 28.84 -31.81 36.28
N TYR C 47 29.09 -30.51 36.34
CA TYR C 47 29.12 -29.79 37.62
C TYR C 47 27.77 -29.18 38.08
N GLY C 48 26.70 -29.46 37.35
CA GLY C 48 25.41 -28.77 37.55
C GLY C 48 25.35 -27.28 37.15
N PRO C 49 24.45 -26.51 37.79
CA PRO C 49 24.05 -25.17 37.30
C PRO C 49 25.12 -24.12 37.39
N ILE C 50 26.24 -24.44 38.01
CA ILE C 50 27.24 -23.40 38.20
C ILE C 50 28.53 -24.09 38.52
N TYR C 51 29.61 -23.55 37.96
CA TYR C 51 30.92 -24.09 38.21
C TYR C 51 31.90 -22.99 37.90
N ARG C 52 33.16 -23.16 38.29
CA ARG C 52 34.22 -22.19 37.96
C ARG C 52 35.42 -22.94 37.42
N GLU C 53 36.19 -22.30 36.53
CA GLU C 53 37.30 -22.98 35.89
C GLU C 53 38.46 -22.06 35.83
N LYS C 54 39.61 -22.53 36.29
CA LYS C 54 40.84 -21.74 36.27
C LYS C 54 41.68 -22.28 35.09
N LEU C 55 42.17 -21.37 34.26
CA LEU C 55 43.03 -21.70 33.10
C LEU C 55 44.18 -20.72 33.12
N GLY C 56 45.39 -21.24 33.29
CA GLY C 56 46.50 -20.36 33.60
C GLY C 56 46.14 -19.78 34.96
N ASN C 57 46.24 -18.46 35.08
CA ASN C 57 45.81 -17.76 36.29
C ASN C 57 44.43 -17.14 36.13
N LEU C 58 43.70 -17.53 35.10
CA LEU C 58 42.44 -16.86 34.77
C LEU C 58 41.35 -17.77 35.21
N GLU C 59 40.72 -17.40 36.33
CA GLU C 59 39.56 -18.11 36.83
C GLU C 59 38.34 -17.32 36.41
N SER C 60 37.23 -18.03 36.20
CA SER C 60 35.98 -17.36 35.95
C SER C 60 34.84 -18.25 36.43
N VAL C 61 33.71 -17.64 36.82
CA VAL C 61 32.52 -18.42 37.25
C VAL C 61 31.51 -18.46 36.13
N TYR C 62 30.87 -19.60 35.95
CA TYR C 62 30.04 -19.81 34.82
C TYR C 62 28.63 -20.07 35.23
N ILE C 63 27.70 -19.27 34.71
CA ILE C 63 26.28 -19.54 35.00
C ILE C 63 25.49 -19.78 33.75
N ILE C 64 24.27 -20.24 33.90
CA ILE C 64 23.44 -20.48 32.77
C ILE C 64 21.93 -20.22 32.96
N HIS C 65 21.43 -20.38 34.19
CA HIS C 65 19.96 -20.23 34.44
C HIS C 65 19.58 -18.76 34.33
N PRO C 66 18.49 -18.46 33.61
CA PRO C 66 18.02 -17.05 33.48
C PRO C 66 17.99 -16.28 34.80
N GLU C 67 17.25 -16.77 35.78
CA GLU C 67 17.15 -16.05 37.07
C GLU C 67 18.46 -15.83 37.76
N ASP C 68 19.44 -16.68 37.46
CA ASP C 68 20.79 -16.43 37.98
C ASP C 68 21.33 -15.22 37.29
N VAL C 69 20.89 -15.01 36.05
CA VAL C 69 21.52 -14.00 35.22
C VAL C 69 20.94 -12.73 35.76
N ALA C 70 19.63 -12.69 35.75
CA ALA C 70 18.85 -11.50 36.25
C ALA C 70 19.47 -10.88 37.45
N HIS C 71 19.61 -11.67 38.50
CA HIS C 71 20.16 -11.18 39.75
C HIS C 71 21.57 -10.69 39.56
N LEU C 72 22.35 -11.38 38.72
CA LEU C 72 23.72 -10.93 38.45
C LEU C 72 23.80 -9.50 37.90
N PHE C 73 22.97 -9.20 36.91
CA PHE C 73 22.99 -7.85 36.29
C PHE C 73 22.66 -6.78 37.30
N LYS C 74 21.66 -7.10 38.12
CA LYS C 74 21.32 -6.31 39.32
C LYS C 74 22.52 -5.79 40.12
N PHE C 75 23.68 -6.44 39.98
CA PHE C 75 24.93 -5.97 40.65
C PHE C 75 26.05 -5.51 39.72
N GLU C 76 25.73 -5.28 38.45
CA GLU C 76 26.75 -4.84 37.49
C GLU C 76 27.13 -3.38 37.62
N GLY C 77 26.39 -2.64 38.41
CA GLY C 77 26.67 -1.21 38.56
C GLY C 77 26.17 -0.34 37.43
N SER C 78 26.61 0.92 37.44
CA SER C 78 26.16 1.91 36.51
C SER C 78 27.21 2.05 35.40
N TYR C 79 28.41 1.56 35.68
CA TYR C 79 29.49 1.49 34.70
C TYR C 79 29.98 0.05 34.56
N PRO C 80 29.17 -0.84 33.94
CA PRO C 80 29.57 -2.23 33.77
C PRO C 80 30.95 -2.45 33.09
N GLU C 81 31.46 -3.67 33.18
CA GLU C 81 32.82 -3.94 32.74
C GLU C 81 32.84 -5.37 32.42
N ARG C 82 33.17 -5.70 31.18
CA ARG C 82 33.16 -7.06 30.70
C ARG C 82 34.57 -7.59 30.73
N TYR C 83 34.75 -8.84 30.28
CA TYR C 83 36.10 -9.42 30.04
C TYR C 83 36.72 -8.78 28.85
N ASP C 84 37.82 -8.10 29.07
CA ASP C 84 38.53 -7.37 28.09
C ASP C 84 39.68 -8.17 27.45
N ILE C 85 39.40 -8.65 26.24
CA ILE C 85 40.25 -9.61 25.53
C ILE C 85 41.70 -9.21 25.48
N PRO C 86 42.55 -10.02 26.15
CA PRO C 86 43.95 -9.67 26.37
C PRO C 86 44.74 -9.32 25.08
N PRO C 87 44.55 -10.07 23.98
CA PRO C 87 45.28 -9.70 22.77
C PRO C 87 44.87 -8.32 22.21
N TRP C 88 43.56 -8.06 22.17
CA TRP C 88 43.09 -6.73 21.76
C TRP C 88 43.75 -5.70 22.55
N LEU C 89 43.71 -5.85 23.89
CA LEU C 89 44.22 -4.79 24.78
C LEU C 89 45.66 -4.63 24.54
N ALA C 90 46.32 -5.74 24.23
CA ALA C 90 47.77 -5.73 24.18
C ALA C 90 48.17 -4.84 23.05
N TYR C 91 47.55 -5.02 21.90
CA TYR C 91 47.85 -4.20 20.74
C TYR C 91 47.80 -2.74 21.20
N HIS C 92 46.61 -2.27 21.59
CA HIS C 92 46.44 -0.83 21.82
C HIS C 92 47.38 -0.35 22.88
N ARG C 93 47.65 -1.21 23.87
CA ARG C 93 48.57 -0.81 24.96
C ARG C 93 50.01 -0.92 24.57
N TYR C 94 50.33 -2.00 23.84
CA TYR C 94 51.68 -2.15 23.31
C TYR C 94 52.02 -1.12 22.21
N TYR C 95 51.02 -0.78 21.40
CA TYR C 95 51.22 0.25 20.36
C TYR C 95 50.71 1.65 20.70
N GLN C 96 50.23 1.82 21.94
CA GLN C 96 49.74 3.12 22.39
C GLN C 96 48.80 3.77 21.33
N LYS C 97 47.74 3.03 21.01
CA LYS C 97 46.71 3.45 20.08
C LYS C 97 45.46 3.84 20.90
N PRO C 98 44.73 4.87 20.46
CA PRO C 98 43.56 5.38 21.21
C PRO C 98 42.45 4.34 21.25
N ILE C 99 41.58 4.45 22.26
CA ILE C 99 40.52 3.46 22.46
C ILE C 99 39.16 4.14 22.60
N GLY C 100 38.11 3.43 22.20
CA GLY C 100 36.77 3.95 22.32
C GLY C 100 35.98 3.18 23.36
N VAL C 101 34.67 3.06 23.15
CA VAL C 101 33.84 2.51 24.14
C VAL C 101 34.19 1.05 24.49
N LEU C 102 34.73 0.31 23.50
CA LEU C 102 34.98 -1.13 23.71
C LEU C 102 35.98 -1.39 24.87
N PHE C 103 37.03 -0.56 24.97
CA PHE C 103 37.99 -0.70 26.05
C PHE C 103 37.96 0.37 27.13
N LYS C 104 37.29 1.48 26.85
CA LYS C 104 37.18 2.56 27.85
C LYS C 104 36.53 2.03 29.13
N LYS C 105 36.99 2.56 30.26
CA LYS C 105 36.54 2.10 31.58
C LYS C 105 35.80 3.21 32.36
N SER C 106 34.82 2.80 33.18
CA SER C 106 34.16 3.73 34.14
C SER C 106 33.66 5.11 33.60
N GLY C 107 33.95 6.18 34.35
CA GLY C 107 33.53 7.53 34.00
C GLY C 107 33.91 7.99 32.60
N THR C 108 35.17 7.73 32.23
CA THR C 108 35.64 7.96 30.84
C THR C 108 34.75 7.25 29.83
N TRP C 109 34.56 5.94 30.05
CA TRP C 109 33.72 5.15 29.19
C TRP C 109 32.34 5.79 29.08
N LYS C 110 31.84 6.28 30.22
CA LYS C 110 30.47 6.84 30.33
C LYS C 110 30.29 8.11 29.52
N LYS C 111 31.26 9.01 29.60
CA LYS C 111 31.24 10.26 28.87
C LYS C 111 31.03 10.07 27.37
N ASP C 112 31.86 9.24 26.74
CA ASP C 112 31.66 8.85 25.33
C ASP C 112 30.32 8.15 25.14
N ARG C 113 30.10 7.04 25.85
CA ARG C 113 28.96 6.13 25.55
C ARG C 113 27.56 6.75 25.64
N VAL C 114 27.49 7.97 26.15
CA VAL C 114 26.20 8.72 26.27
C VAL C 114 25.90 9.51 25.00
N VAL C 115 26.92 10.24 24.50
CA VAL C 115 26.84 10.86 23.18
C VAL C 115 26.40 9.85 22.15
N LEU C 116 27.23 8.82 21.97
CA LEU C 116 26.98 7.76 20.98
C LEU C 116 25.55 7.32 20.95
N ASN C 117 24.97 7.04 22.12
CA ASN C 117 23.58 6.54 22.21
C ASN C 117 22.63 7.44 21.44
N THR C 118 22.93 8.73 21.46
CA THR C 118 22.13 9.69 20.75
C THR C 118 22.58 9.61 19.30
N GLU C 119 23.90 9.54 19.12
CA GLU C 119 24.47 9.56 17.80
C GLU C 119 24.24 8.30 17.00
N VAL C 120 23.68 7.27 17.60
CA VAL C 120 23.53 6.01 16.88
C VAL C 120 22.60 4.93 17.46
N MET C 121 21.86 5.28 18.50
CA MET C 121 21.03 4.30 19.19
C MET C 121 19.63 4.78 19.58
N ALA C 122 19.53 6.08 19.87
CA ALA C 122 18.22 6.72 20.14
C ALA C 122 17.31 6.59 18.91
N PRO C 123 15.99 6.40 19.07
CA PRO C 123 15.07 6.33 17.89
C PRO C 123 15.24 7.50 16.89
N GLU C 124 15.77 8.61 17.37
CA GLU C 124 16.04 9.76 16.54
C GLU C 124 17.01 9.32 15.46
N ALA C 125 18.29 9.24 15.82
CA ALA C 125 19.33 8.74 14.90
C ALA C 125 18.94 7.46 14.13
N ILE C 126 18.07 6.64 14.71
CA ILE C 126 17.62 5.38 14.09
C ILE C 126 16.64 5.56 12.94
N LYS C 127 15.50 6.17 13.24
CA LYS C 127 14.48 6.38 12.22
C LYS C 127 15.01 7.26 11.08
N ASN C 128 16.25 7.73 11.24
CA ASN C 128 16.92 8.54 10.21
C ASN C 128 18.00 7.75 9.46
N PHE C 129 17.93 6.43 9.58
CA PHE C 129 18.86 5.53 8.93
C PHE C 129 18.06 4.72 7.95
N ILE C 130 16.73 4.78 8.09
CA ILE C 130 15.84 4.09 7.16
C ILE C 130 16.18 4.37 5.67
N PRO C 131 16.28 5.65 5.28
CA PRO C 131 16.62 6.01 3.89
C PRO C 131 18.02 5.60 3.47
N LEU C 132 18.95 5.56 4.41
CA LEU C 132 20.36 5.31 4.11
C LEU C 132 20.75 3.81 4.01
N LEU C 133 19.98 2.94 4.64
CA LEU C 133 20.25 1.50 4.63
C LEU C 133 19.28 0.78 3.74
N ASN C 134 18.14 1.40 3.47
CA ASN C 134 17.19 0.84 2.50
C ASN C 134 17.82 0.57 1.09
N PRO C 135 18.57 1.53 0.54
CA PRO C 135 19.07 1.44 -0.81
C PRO C 135 20.07 0.26 -0.95
N VAL C 136 20.96 0.17 0.03
CA VAL C 136 21.95 -0.86 0.04
C VAL C 136 21.30 -2.22 0.09
N SER C 137 20.17 -2.33 0.77
CA SER C 137 19.49 -3.62 0.82
C SER C 137 18.73 -3.92 -0.43
N GLN C 138 18.58 -2.91 -1.30
CA GLN C 138 17.84 -3.16 -2.54
C GLN C 138 18.87 -3.65 -3.55
N ASP C 139 20.04 -3.01 -3.53
CA ASP C 139 21.20 -3.45 -4.27
C ASP C 139 21.57 -4.93 -4.08
N PHE C 140 21.20 -5.51 -2.94
CA PHE C 140 21.52 -6.91 -2.70
C PHE C 140 20.55 -7.78 -3.45
N VAL C 141 19.28 -7.40 -3.41
CA VAL C 141 18.29 -8.06 -4.23
C VAL C 141 18.72 -8.00 -5.69
N SER C 142 19.11 -6.81 -6.13
CA SER C 142 19.47 -6.59 -7.53
C SER C 142 20.69 -7.43 -7.97
N LEU C 143 21.73 -7.42 -7.14
CA LEU C 143 22.87 -8.32 -7.33
C LEU C 143 22.42 -9.77 -7.39
N LEU C 144 21.50 -10.15 -6.50
CA LEU C 144 20.97 -11.50 -6.50
C LEU C 144 20.19 -11.75 -7.79
N HIS C 145 19.41 -10.77 -8.20
CA HIS C 145 18.62 -10.88 -9.42
C HIS C 145 19.56 -10.97 -10.65
N LYS C 146 20.59 -10.13 -10.64
CA LYS C 146 21.61 -10.13 -11.68
C LYS C 146 22.45 -11.42 -11.68
N ARG C 147 22.57 -12.07 -10.51
CA ARG C 147 23.30 -13.34 -10.40
C ARG C 147 22.47 -14.50 -10.92
N ILE C 148 21.16 -14.45 -10.71
CA ILE C 148 20.22 -15.47 -11.26
C ILE C 148 20.07 -15.48 -12.84
N LYS C 149 20.19 -14.30 -13.45
CA LYS C 149 20.17 -14.22 -14.92
C LYS C 149 21.57 -14.50 -15.51
N GLN C 150 22.52 -14.85 -14.64
CA GLN C 150 23.86 -15.21 -15.08
C GLN C 150 24.10 -16.72 -14.97
N GLN C 151 23.40 -17.38 -14.05
CA GLN C 151 23.54 -18.83 -13.88
C GLN C 151 22.92 -19.47 -15.09
N GLY C 152 21.64 -19.18 -15.30
CA GLY C 152 21.00 -19.55 -16.54
C GLY C 152 19.55 -19.93 -16.43
N SER C 153 19.28 -21.00 -15.69
CA SER C 153 17.96 -21.64 -15.61
C SER C 153 17.13 -21.28 -14.35
N GLY C 154 17.15 -19.99 -13.98
CA GLY C 154 16.21 -19.43 -13.00
C GLY C 154 16.48 -19.67 -11.52
N LYS C 155 17.75 -19.67 -11.15
CA LYS C 155 18.13 -19.91 -9.76
C LYS C 155 19.61 -19.65 -9.60
N PHE C 156 20.00 -19.07 -8.47
CA PHE C 156 21.40 -18.93 -8.15
C PHE C 156 21.69 -19.91 -7.03
N VAL C 157 22.81 -20.62 -7.15
CA VAL C 157 23.26 -21.51 -6.12
C VAL C 157 24.56 -20.87 -5.72
N GLY C 158 24.97 -21.09 -4.46
CA GLY C 158 26.21 -20.53 -3.99
C GLY C 158 26.40 -20.19 -2.52
N ASP C 159 27.65 -19.89 -2.21
CA ASP C 159 28.01 -19.47 -0.93
C ASP C 159 28.00 -17.96 -1.02
N ILE C 160 26.98 -17.39 -0.40
CA ILE C 160 26.76 -15.95 -0.32
C ILE C 160 27.68 -15.23 0.65
N LYS C 161 28.30 -15.98 1.56
CA LYS C 161 29.13 -15.39 2.59
C LYS C 161 29.76 -14.13 2.11
N GLU C 162 30.70 -14.20 1.18
CA GLU C 162 31.55 -13.02 0.90
C GLU C 162 30.77 -11.80 0.38
N ASP C 163 29.51 -12.04 0.00
CA ASP C 163 28.62 -10.98 -0.44
C ASP C 163 27.90 -10.38 0.80
N LEU C 164 27.59 -11.23 1.77
CA LEU C 164 27.12 -10.76 3.08
C LEU C 164 28.16 -9.84 3.64
N PHE C 165 29.44 -10.16 3.51
CA PHE C 165 30.47 -9.24 4.06
C PHE C 165 30.36 -7.88 3.41
N HIS C 166 30.20 -7.88 2.10
CA HIS C 166 30.20 -6.64 1.31
C HIS C 166 28.98 -5.82 1.69
N PHE C 167 27.84 -6.50 1.80
CA PHE C 167 26.60 -5.86 2.21
C PHE C 167 26.74 -5.09 3.53
N ALA C 168 27.28 -5.75 4.56
CA ALA C 168 27.39 -5.14 5.86
C ALA C 168 28.37 -4.02 5.83
N PHE C 169 29.51 -4.23 5.17
CA PHE C 169 30.52 -3.16 5.16
C PHE C 169 29.95 -1.95 4.40
N GLU C 170 29.13 -2.21 3.39
CA GLU C 170 28.42 -1.15 2.68
C GLU C 170 27.48 -0.49 3.66
N SER C 171 26.54 -1.27 4.22
CA SER C 171 25.66 -0.78 5.27
C SER C 171 26.35 0.11 6.33
N ILE C 172 27.39 -0.40 6.98
CA ILE C 172 28.01 0.36 8.07
C ILE C 172 28.71 1.62 7.59
N THR C 173 29.37 1.50 6.44
CA THR C 173 30.18 2.60 5.92
C THR C 173 29.34 3.71 5.31
N ASN C 174 28.17 3.32 4.81
CA ASN C 174 27.22 4.27 4.26
C ASN C 174 26.83 5.22 5.38
N VAL C 175 26.13 4.66 6.37
CA VAL C 175 25.55 5.38 7.49
C VAL C 175 26.61 6.15 8.22
N MET C 176 27.82 5.60 8.22
CA MET C 176 28.95 6.24 8.90
C MET C 176 29.49 7.46 8.22
N PHE C 177 29.09 7.67 6.98
CA PHE C 177 29.66 8.77 6.19
C PHE C 177 28.62 9.41 5.27
N GLY C 178 27.78 8.58 4.67
CA GLY C 178 26.78 9.06 3.72
C GLY C 178 27.15 8.90 2.24
N GLU C 179 28.10 8.00 1.95
CA GLU C 179 28.55 7.76 0.57
C GLU C 179 28.71 6.29 0.34
N ARG C 180 28.10 5.80 -0.72
CA ARG C 180 28.24 4.39 -1.10
C ARG C 180 29.68 4.10 -1.54
N LEU C 181 30.11 2.85 -1.37
CA LEU C 181 31.48 2.48 -1.74
C LEU C 181 31.47 1.56 -2.95
N GLY C 182 30.30 1.02 -3.26
CA GLY C 182 30.12 0.13 -4.39
C GLY C 182 30.70 -1.25 -4.15
N MET C 183 30.47 -1.77 -2.96
CA MET C 183 30.94 -3.10 -2.62
C MET C 183 29.97 -4.09 -3.21
N LEU C 184 28.84 -3.57 -3.72
CA LEU C 184 27.76 -4.42 -4.26
C LEU C 184 27.65 -4.34 -5.80
N GLU C 185 28.77 -4.61 -6.45
CA GLU C 185 28.85 -4.55 -7.90
C GLU C 185 29.88 -5.58 -8.34
N GLU C 186 30.02 -5.74 -9.66
CA GLU C 186 30.86 -6.78 -10.22
C GLU C 186 32.35 -6.66 -9.80
N THR C 187 32.88 -5.44 -9.74
CA THR C 187 34.30 -5.23 -9.39
C THR C 187 34.56 -4.40 -8.13
N VAL C 188 35.14 -5.03 -7.12
CA VAL C 188 35.32 -4.41 -5.78
C VAL C 188 36.73 -3.91 -5.51
N ASN C 189 36.86 -2.62 -5.20
CA ASN C 189 38.18 -2.05 -4.91
C ASN C 189 38.85 -2.85 -3.79
N PRO C 190 40.12 -3.19 -3.95
CA PRO C 190 40.81 -4.04 -2.98
C PRO C 190 41.20 -3.37 -1.64
N GLU C 191 41.24 -2.04 -1.60
CA GLU C 191 41.38 -1.30 -0.32
C GLU C 191 40.35 -1.79 0.73
N ALA C 192 39.08 -1.84 0.33
CA ALA C 192 38.00 -2.28 1.18
C ALA C 192 38.01 -3.77 1.58
N GLN C 193 38.33 -4.65 0.65
CA GLN C 193 38.40 -6.09 0.98
C GLN C 193 39.56 -6.35 1.94
N LYS C 194 40.64 -5.58 1.77
CA LYS C 194 41.82 -5.67 2.62
C LYS C 194 41.43 -5.38 4.11
N PHE C 195 40.59 -4.35 4.30
CA PHE C 195 39.95 -4.07 5.57
C PHE C 195 39.08 -5.26 6.02
N ILE C 196 38.03 -5.60 5.29
CA ILE C 196 37.13 -6.67 5.71
C ILE C 196 37.84 -7.99 6.11
N ASP C 197 39.04 -8.20 5.61
CA ASP C 197 39.66 -9.49 5.79
C ASP C 197 40.45 -9.33 7.07
N ALA C 198 41.00 -8.15 7.30
CA ALA C 198 41.69 -7.89 8.50
C ALA C 198 40.72 -8.11 9.72
N VAL C 199 39.64 -7.34 9.77
CA VAL C 199 38.55 -7.63 10.70
C VAL C 199 38.37 -9.12 10.98
N TYR C 200 38.47 -9.95 9.96
CA TYR C 200 38.24 -11.38 10.19
C TYR C 200 39.51 -12.18 10.60
N LYS C 201 40.66 -11.59 10.29
CA LYS C 201 41.92 -12.24 10.53
C LYS C 201 42.35 -11.86 11.99
N MET C 202 42.07 -10.62 12.39
CA MET C 202 42.23 -10.20 13.80
C MET C 202 41.43 -11.22 14.68
N PHE C 203 40.17 -11.45 14.31
CA PHE C 203 39.35 -12.32 15.05
C PHE C 203 40.07 -13.65 15.08
N HIS C 204 40.11 -14.33 13.92
CA HIS C 204 40.54 -15.74 13.83
C HIS C 204 41.83 -15.96 14.66
N THR C 205 42.77 -15.02 14.56
CA THR C 205 44.00 -15.09 15.33
C THR C 205 43.95 -14.49 16.82
N SER C 206 42.78 -14.54 17.44
CA SER C 206 42.66 -14.14 18.84
C SER C 206 42.80 -15.47 19.61
N VAL C 207 41.99 -16.44 19.21
CA VAL C 207 41.86 -17.65 19.91
C VAL C 207 43.12 -18.30 20.55
N PRO C 208 44.22 -18.43 19.79
CA PRO C 208 45.43 -19.06 20.34
C PRO C 208 46.21 -18.06 21.13
N LEU C 209 45.68 -16.84 21.24
CA LEU C 209 46.36 -15.80 22.01
C LEU C 209 45.51 -15.42 23.25
N LEU C 210 44.55 -16.27 23.56
CA LEU C 210 43.65 -16.04 24.68
C LEU C 210 44.23 -16.53 25.99
N ASN C 211 44.79 -17.75 25.94
CA ASN C 211 45.25 -18.45 27.11
C ASN C 211 46.72 -18.38 27.33
N VAL C 212 47.32 -17.22 26.99
CA VAL C 212 48.77 -17.09 27.04
C VAL C 212 49.09 -15.61 27.33
N PRO C 213 49.96 -15.36 28.31
CA PRO C 213 50.22 -14.02 28.74
C PRO C 213 50.71 -13.25 27.55
N PRO C 214 50.23 -12.01 27.40
CA PRO C 214 50.56 -11.18 26.22
C PRO C 214 52.02 -10.82 25.99
N GLU C 215 52.71 -10.43 27.05
CA GLU C 215 54.11 -10.02 26.95
C GLU C 215 54.93 -11.27 26.61
N LEU C 216 54.28 -12.41 26.71
CA LEU C 216 54.86 -13.66 26.41
C LEU C 216 54.63 -14.05 24.92
N TYR C 217 53.88 -13.22 24.19
CA TYR C 217 53.43 -13.56 22.82
C TYR C 217 54.62 -13.80 21.88
N ARG C 218 55.57 -12.87 21.92
CA ARG C 218 56.71 -12.83 21.04
C ARG C 218 57.70 -14.00 21.22
N LEU C 219 57.27 -15.03 21.97
CA LEU C 219 58.15 -16.17 22.27
C LEU C 219 57.41 -17.49 22.16
N PHE C 220 56.18 -17.54 22.63
CA PHE C 220 55.40 -18.79 22.54
C PHE C 220 54.31 -18.79 21.47
N ARG C 221 54.13 -17.66 20.78
CA ARG C 221 53.23 -17.63 19.60
C ARG C 221 53.61 -16.57 18.57
N THR C 222 54.91 -16.47 18.24
CA THR C 222 55.41 -15.35 17.40
C THR C 222 54.66 -15.12 16.06
N LYS C 223 54.34 -16.22 15.37
CA LYS C 223 53.63 -16.13 14.12
C LYS C 223 52.22 -15.52 14.31
N THR C 224 51.42 -16.11 15.19
CA THR C 224 50.04 -15.67 15.40
C THR C 224 49.95 -14.19 15.89
N TRP C 225 50.87 -13.82 16.76
CA TRP C 225 50.88 -12.47 17.26
C TRP C 225 51.13 -11.49 16.13
N ARG C 226 52.13 -11.78 15.31
CA ARG C 226 52.50 -10.91 14.19
C ARG C 226 51.28 -10.77 13.27
N ASP C 227 50.61 -11.89 13.00
CA ASP C 227 49.54 -11.93 12.04
C ASP C 227 48.31 -11.24 12.60
N HIS C 228 48.31 -11.03 13.91
CA HIS C 228 47.18 -10.40 14.59
C HIS C 228 47.44 -8.90 14.65
N VAL C 229 48.68 -8.49 14.89
CA VAL C 229 49.08 -7.10 14.85
C VAL C 229 48.95 -6.50 13.45
N ALA C 230 49.42 -7.24 12.44
CA ALA C 230 49.20 -6.86 11.06
C ALA C 230 47.70 -6.54 10.83
N ALA C 231 46.81 -7.48 11.15
CA ALA C 231 45.39 -7.31 10.94
C ALA C 231 44.76 -6.10 11.68
N TRP C 232 45.32 -5.76 12.85
CA TRP C 232 44.86 -4.61 13.60
C TRP C 232 45.47 -3.42 12.99
N ASP C 233 46.75 -3.52 12.63
CA ASP C 233 47.43 -2.45 11.88
C ASP C 233 46.59 -1.93 10.64
N THR C 234 46.06 -2.87 9.85
CA THR C 234 45.34 -2.49 8.64
C THR C 234 44.00 -1.87 9.00
N ILE C 235 43.29 -2.49 9.94
CA ILE C 235 42.04 -1.93 10.48
C ILE C 235 42.26 -0.46 10.80
N PHE C 236 43.34 -0.16 11.50
CA PHE C 236 43.55 1.18 11.99
C PHE C 236 43.87 2.12 10.87
N ASN C 237 44.89 1.78 10.09
CA ASN C 237 45.28 2.59 8.92
C ASN C 237 44.09 2.85 7.96
N LYS C 238 43.45 1.77 7.51
CA LYS C 238 42.35 1.87 6.56
C LYS C 238 41.14 2.64 7.07
N ALA C 239 40.89 2.57 8.37
CA ALA C 239 39.82 3.36 8.97
C ALA C 239 40.32 4.78 9.31
N GLU C 240 41.62 4.93 9.53
CA GLU C 240 42.22 6.27 9.66
C GLU C 240 42.11 7.03 8.33
N LYS C 241 42.56 6.40 7.24
CA LYS C 241 42.42 6.94 5.87
C LYS C 241 40.95 7.22 5.43
N TYR C 242 40.06 6.24 5.59
CA TYR C 242 38.64 6.40 5.26
C TYR C 242 37.98 7.62 5.93
N THR C 243 38.10 7.70 7.25
CA THR C 243 37.50 8.79 8.01
C THR C 243 38.15 10.11 7.58
N GLU C 244 39.38 10.02 7.09
CA GLU C 244 40.16 11.16 6.62
C GLU C 244 39.51 11.87 5.41
N ILE C 245 39.38 11.11 4.32
CA ILE C 245 38.80 11.59 3.09
C ILE C 245 37.26 11.78 3.17
N PHE C 246 36.75 11.90 4.40
CA PHE C 246 35.34 12.18 4.61
C PHE C 246 35.22 13.34 5.56
N TYR C 247 36.16 13.42 6.49
CA TYR C 247 36.39 14.60 7.28
C TYR C 247 36.54 15.73 6.26
N GLN C 248 37.57 15.62 5.43
CA GLN C 248 37.90 16.65 4.43
C GLN C 248 36.74 17.00 3.48
N ASP C 249 35.97 16.00 3.08
CA ASP C 249 34.76 16.22 2.27
C ASP C 249 33.85 17.26 2.94
N LEU C 250 33.77 17.15 4.26
CA LEU C 250 32.98 18.07 5.05
C LEU C 250 33.82 19.31 5.31
N ARG C 251 35.14 19.12 5.33
CA ARG C 251 36.10 20.20 5.61
C ARG C 251 36.20 21.20 4.46
N ARG C 252 35.97 20.72 3.24
CA ARG C 252 35.93 21.60 2.07
C ARG C 252 34.63 22.44 2.13
N LYS C 253 33.48 21.78 2.32
CA LYS C 253 32.19 22.52 2.32
C LYS C 253 30.89 21.74 2.19
N THR C 254 30.67 20.70 2.99
CA THR C 254 29.32 20.12 3.01
C THR C 254 28.24 20.98 3.75
N GLU C 255 27.38 21.64 2.97
CA GLU C 255 26.27 22.42 3.53
C GLU C 255 24.93 21.70 3.26
N PHE C 256 24.88 21.04 2.11
CA PHE C 256 23.78 20.11 1.74
C PHE C 256 23.55 19.12 2.87
N ARG C 257 22.59 19.45 3.74
CA ARG C 257 22.23 18.62 4.89
C ARG C 257 20.92 17.86 4.64
N ASN C 258 20.78 16.69 5.27
CA ASN C 258 19.53 15.86 5.21
C ASN C 258 19.66 14.36 5.68
N TYR C 259 20.82 14.03 6.29
CA TYR C 259 21.10 12.65 6.81
C TYR C 259 21.47 12.95 8.34
N PRO C 260 21.24 12.01 9.28
CA PRO C 260 22.42 11.16 9.93
C PRO C 260 23.57 10.44 9.27
N GLY C 261 24.70 11.14 9.17
CA GLY C 261 25.94 10.57 8.62
C GLY C 261 26.91 10.14 9.69
N ILE C 262 26.49 10.29 10.94
CA ILE C 262 27.24 9.79 12.09
C ILE C 262 28.55 10.55 12.26
N LEU C 263 29.51 10.37 11.35
CA LEU C 263 30.80 11.09 11.46
C LEU C 263 30.59 12.60 11.60
N TYR C 264 29.61 13.12 10.87
CA TYR C 264 29.21 14.53 10.95
C TYR C 264 28.67 14.94 12.34
N CYS C 265 27.57 14.32 12.74
CA CYS C 265 26.91 14.65 14.00
C CYS C 265 27.90 14.75 15.16
N LEU C 266 28.57 13.64 15.47
CA LEU C 266 29.62 13.59 16.48
C LEU C 266 30.72 14.63 16.32
N LEU C 267 30.71 15.33 15.19
CA LEU C 267 31.65 16.44 15.00
C LEU C 267 30.90 17.74 15.28
N LYS C 268 29.70 17.88 14.71
CA LYS C 268 28.94 19.09 14.91
C LYS C 268 28.14 19.03 16.22
N SER C 269 28.73 18.34 17.19
CA SER C 269 28.27 18.47 18.57
C SER C 269 29.26 18.84 19.67
N GLU C 270 30.54 18.82 19.29
CA GLU C 270 31.65 19.21 20.18
C GLU C 270 31.60 18.51 21.55
N LYS C 271 30.69 17.54 21.67
CA LYS C 271 30.60 16.71 22.86
C LYS C 271 31.84 15.83 22.93
N MET C 272 32.11 15.10 21.85
CA MET C 272 33.34 14.30 21.73
C MET C 272 34.47 15.11 21.05
N LEU C 273 35.72 14.77 21.36
CA LEU C 273 36.86 15.42 20.72
C LEU C 273 37.67 14.51 19.75
N LEU C 274 38.61 15.12 19.02
CA LEU C 274 39.41 14.44 17.96
C LEU C 274 39.79 12.97 18.16
N GLU C 275 40.81 12.75 18.99
CA GLU C 275 41.36 11.39 19.26
C GLU C 275 40.34 10.32 19.65
N ASP C 276 39.08 10.75 19.77
CA ASP C 276 38.02 9.89 20.27
C ASP C 276 36.98 9.55 19.21
N VAL C 277 36.86 10.41 18.21
CA VAL C 277 35.89 10.15 17.15
C VAL C 277 36.53 9.13 16.21
N LYS C 278 37.75 9.41 15.79
CA LYS C 278 38.47 8.47 14.93
C LYS C 278 38.93 7.24 15.73
N ALA C 279 38.44 7.15 16.97
CA ALA C 279 38.66 5.99 17.81
C ALA C 279 37.41 5.17 17.88
N ASN C 280 36.28 5.84 17.99
CA ASN C 280 35.01 5.14 18.07
C ASN C 280 34.50 4.76 16.70
N ILE C 281 34.87 5.57 15.71
CA ILE C 281 34.53 5.28 14.29
C ILE C 281 35.14 3.92 13.85
N THR C 282 36.45 3.81 13.94
CA THR C 282 37.09 2.58 13.50
C THR C 282 36.43 1.35 14.15
N GLU C 283 36.02 1.52 15.41
CA GLU C 283 35.45 0.42 16.20
C GLU C 283 34.06 0.10 15.72
N MET C 284 33.33 1.13 15.30
CA MET C 284 31.99 0.89 14.74
C MET C 284 32.11 0.15 13.42
N LEU C 285 33.04 0.61 12.59
CA LEU C 285 33.24 -0.02 11.29
C LEU C 285 33.56 -1.47 11.55
N ALA C 286 34.68 -1.67 12.27
CA ALA C 286 35.11 -3.00 12.63
C ALA C 286 33.95 -3.82 13.05
N GLY C 287 32.99 -3.20 13.73
CA GLY C 287 31.84 -3.94 14.26
C GLY C 287 30.74 -4.25 13.27
N GLY C 288 30.59 -3.38 12.26
CA GLY C 288 29.47 -3.49 11.26
C GLY C 288 29.57 -4.68 10.37
N VAL C 289 30.81 -5.14 10.19
CA VAL C 289 31.17 -6.13 9.12
C VAL C 289 30.86 -7.64 9.17
N ASN C 290 31.11 -8.30 10.29
CA ASN C 290 31.15 -9.79 10.26
C ASN C 290 30.02 -10.43 11.00
N THR C 291 29.43 -9.60 11.86
CA THR C 291 28.47 -9.97 12.87
C THR C 291 27.11 -10.15 12.26
N THR C 292 26.70 -9.13 11.49
CA THR C 292 25.37 -9.19 10.80
C THR C 292 25.40 -10.19 9.72
N SER C 293 26.49 -10.16 8.97
CA SER C 293 26.69 -11.08 7.82
C SER C 293 26.49 -12.46 8.31
N MET C 294 27.34 -12.81 9.29
CA MET C 294 27.26 -14.13 9.97
C MET C 294 25.89 -14.44 10.48
N THR C 295 25.31 -13.46 11.18
CA THR C 295 23.94 -13.64 11.75
C THR C 295 22.87 -13.73 10.69
N LEU C 296 22.99 -12.84 9.71
CA LEU C 296 22.06 -12.90 8.55
C LEU C 296 22.15 -14.25 7.79
N GLN C 297 23.37 -14.74 7.65
CA GLN C 297 23.51 -16.07 7.04
C GLN C 297 22.83 -17.20 7.73
N TRP C 298 22.90 -17.22 9.06
CA TRP C 298 22.20 -18.28 9.82
C TRP C 298 20.72 -18.20 9.63
N HIS C 299 20.22 -16.96 9.53
CA HIS C 299 18.74 -16.75 9.38
C HIS C 299 18.31 -17.42 8.07
N LEU C 300 19.00 -17.05 6.99
CA LEU C 300 18.72 -17.74 5.69
C LEU C 300 18.96 -19.22 5.85
N TYR C 301 20.12 -19.55 6.44
CA TYR C 301 20.32 -20.97 6.77
C TYR C 301 19.11 -21.61 7.40
N GLU C 302 18.61 -21.05 8.51
CA GLU C 302 17.41 -21.64 9.21
C GLU C 302 16.11 -21.64 8.43
N MET C 303 15.84 -20.53 7.74
CA MET C 303 14.66 -20.54 6.82
C MET C 303 14.69 -21.71 5.86
N ALA C 304 15.85 -21.96 5.28
CA ALA C 304 16.03 -23.20 4.47
C ALA C 304 15.78 -24.52 5.20
N ARG C 305 16.12 -24.61 6.49
CA ARG C 305 15.70 -25.80 7.29
C ARG C 305 14.22 -25.81 7.60
N SER C 306 13.61 -24.63 7.61
CA SER C 306 12.18 -24.52 7.87
C SER C 306 11.38 -23.69 6.86
N LEU C 307 11.10 -24.30 5.71
CA LEU C 307 10.19 -23.71 4.70
C LEU C 307 8.86 -23.15 5.28
N ASN C 308 8.40 -23.76 6.39
CA ASN C 308 7.10 -23.39 6.96
C ASN C 308 7.22 -22.01 7.62
N VAL C 309 8.27 -21.87 8.41
CA VAL C 309 8.60 -20.60 9.00
C VAL C 309 8.81 -19.52 7.94
N GLN C 310 9.63 -19.83 6.94
CA GLN C 310 9.82 -18.94 5.78
C GLN C 310 8.54 -18.37 5.20
N GLU C 311 7.62 -19.24 4.83
CA GLU C 311 6.37 -18.83 4.22
C GLU C 311 5.54 -17.94 5.17
N MET C 312 5.49 -18.30 6.45
CA MET C 312 4.88 -17.46 7.48
C MET C 312 5.45 -16.06 7.41
N LEU C 313 6.75 -15.92 7.64
CA LEU C 313 7.39 -14.60 7.62
C LEU C 313 7.22 -13.92 6.28
N ARG C 314 6.96 -14.69 5.22
CA ARG C 314 6.71 -14.08 3.92
C ARG C 314 5.39 -13.33 4.01
N GLU C 315 4.33 -14.03 4.44
CA GLU C 315 3.03 -13.43 4.65
C GLU C 315 3.10 -12.14 5.46
N GLU C 316 3.72 -12.18 6.64
CA GLU C 316 3.82 -10.99 7.47
C GLU C 316 4.40 -9.84 6.64
N VAL C 317 5.35 -10.14 5.76
CA VAL C 317 6.05 -9.06 5.04
C VAL C 317 5.23 -8.62 3.81
N LEU C 318 4.51 -9.59 3.25
CA LEU C 318 3.77 -9.41 2.04
C LEU C 318 2.41 -8.78 2.29
N ASN C 319 2.03 -8.74 3.56
CA ASN C 319 0.78 -8.16 3.96
C ASN C 319 1.13 -6.76 4.41
N ALA C 320 2.36 -6.59 4.88
CA ALA C 320 2.79 -5.34 5.51
C ALA C 320 3.20 -4.28 4.51
N ARG C 321 3.68 -4.74 3.34
CA ARG C 321 4.02 -3.85 2.23
C ARG C 321 2.74 -3.18 1.68
N ARG C 322 1.69 -4.00 1.59
CA ARG C 322 0.40 -3.62 1.06
C ARG C 322 -0.43 -2.83 2.11
N GLN C 323 -0.53 -3.36 3.34
CA GLN C 323 -1.34 -2.71 4.38
C GLN C 323 -0.77 -1.37 4.83
N ALA C 324 0.38 -0.98 4.29
CA ALA C 324 1.01 0.30 4.64
C ALA C 324 1.46 0.98 3.37
N GLU C 325 0.97 0.44 2.25
CA GLU C 325 1.18 1.02 0.91
C GLU C 325 2.53 1.66 0.64
N GLY C 326 3.56 0.82 0.51
CA GLY C 326 4.82 1.30 -0.01
C GLY C 326 5.84 1.62 1.04
N ASP C 327 5.78 2.83 1.60
CA ASP C 327 6.88 3.30 2.46
C ASP C 327 7.31 2.25 3.47
N ILE C 328 8.61 2.26 3.76
CA ILE C 328 9.24 1.22 4.53
C ILE C 328 9.15 1.49 6.06
N SER C 329 9.36 2.74 6.48
CA SER C 329 9.31 3.12 7.91
C SER C 329 8.05 2.72 8.66
N LYS C 330 6.89 2.83 8.01
CA LYS C 330 5.64 2.48 8.67
C LYS C 330 5.42 0.99 8.69
N MET C 331 5.95 0.29 7.69
CA MET C 331 5.80 -1.15 7.63
C MET C 331 6.84 -1.83 8.52
N LEU C 332 7.82 -1.05 8.98
CA LEU C 332 8.76 -1.49 10.02
C LEU C 332 8.12 -1.68 11.39
N GLN C 333 6.80 -1.54 11.47
CA GLN C 333 6.13 -1.64 12.75
C GLN C 333 4.96 -2.54 12.56
N MET C 334 4.95 -3.22 11.43
CA MET C 334 3.88 -4.13 11.15
C MET C 334 4.43 -5.52 10.80
N VAL C 335 5.71 -5.72 11.14
CA VAL C 335 6.37 -7.04 10.95
C VAL C 335 6.93 -7.72 12.27
N PRO C 336 6.06 -7.93 13.26
CA PRO C 336 6.46 -8.57 14.56
C PRO C 336 7.13 -9.99 14.47
N LEU C 337 6.54 -10.88 13.67
CA LEU C 337 7.15 -12.19 13.46
C LEU C 337 8.55 -12.10 12.82
N LEU C 338 8.77 -11.07 12.00
CA LEU C 338 10.08 -10.89 11.42
C LEU C 338 11.10 -10.46 12.45
N LYS C 339 10.82 -9.36 13.14
CA LYS C 339 11.68 -8.86 14.21
C LYS C 339 12.02 -9.88 15.33
N ALA C 340 11.17 -10.90 15.47
CA ALA C 340 11.44 -11.99 16.41
C ALA C 340 12.21 -13.20 15.82
N SER C 341 12.05 -13.46 14.52
CA SER C 341 12.86 -14.51 13.84
C SER C 341 14.33 -14.17 13.95
N ILE C 342 14.66 -12.89 14.13
CA ILE C 342 16.07 -12.47 14.31
C ILE C 342 16.60 -12.79 15.73
N LYS C 343 15.66 -12.92 16.68
CA LYS C 343 15.96 -13.16 18.07
C LYS C 343 16.15 -14.66 18.18
N GLU C 344 15.26 -15.43 17.58
CA GLU C 344 15.44 -16.89 17.46
C GLU C 344 16.82 -17.30 16.87
N THR C 345 17.33 -16.49 15.95
CA THR C 345 18.60 -16.76 15.32
C THR C 345 19.73 -16.45 16.23
N LEU C 346 19.60 -15.37 17.00
CA LEU C 346 20.67 -15.06 17.95
C LEU C 346 20.66 -16.11 19.12
N ARG C 347 19.52 -16.77 19.33
CA ARG C 347 19.40 -17.82 20.33
C ARG C 347 20.18 -19.08 19.91
N LEU C 348 19.83 -19.61 18.75
CA LEU C 348 20.55 -20.76 18.18
C LEU C 348 21.96 -20.44 17.76
N HIS C 349 22.25 -19.18 17.41
CA HIS C 349 23.49 -18.86 16.78
C HIS C 349 23.96 -17.51 17.17
N PRO C 350 24.41 -17.38 18.41
CA PRO C 350 24.85 -16.13 18.88
C PRO C 350 26.15 -15.86 18.32
N ILE C 351 26.60 -14.62 18.43
CA ILE C 351 27.93 -14.22 18.11
C ILE C 351 28.91 -14.15 19.33
N SER C 352 28.36 -13.84 20.52
CA SER C 352 29.16 -13.85 21.75
C SER C 352 28.79 -15.16 22.32
N VAL C 353 29.80 -15.96 22.69
CA VAL C 353 29.49 -17.32 23.24
C VAL C 353 28.89 -17.07 24.67
N THR C 354 29.39 -16.01 25.30
CA THR C 354 28.86 -15.58 26.59
C THR C 354 28.88 -14.05 26.75
N LEU C 355 28.23 -13.55 27.82
CA LEU C 355 28.49 -12.15 28.28
C LEU C 355 29.13 -12.30 29.62
N GLN C 356 30.08 -11.42 29.91
CA GLN C 356 30.76 -11.43 31.16
C GLN C 356 30.46 -10.14 31.92
N ARG C 357 30.37 -10.25 33.25
CA ARG C 357 30.31 -9.05 34.15
C ARG C 357 31.06 -9.28 35.45
N TYR C 358 32.08 -8.46 35.70
CA TYR C 358 32.60 -8.25 37.03
C TYR C 358 31.58 -7.47 37.96
N PRO C 359 30.86 -8.18 38.86
CA PRO C 359 29.99 -7.50 39.86
C PRO C 359 30.65 -6.31 40.59
N GLU C 360 29.91 -5.20 40.68
CA GLU C 360 30.40 -3.98 41.40
C GLU C 360 30.69 -4.21 42.90
N SER C 361 29.84 -5.02 43.53
CA SER C 361 30.01 -5.37 44.94
C SER C 361 30.02 -6.90 45.13
N ASP C 362 29.07 -7.42 45.91
CA ASP C 362 29.05 -8.87 46.21
C ASP C 362 27.64 -9.37 46.09
N LEU C 363 27.48 -10.67 45.92
CA LEU C 363 26.18 -11.23 45.71
C LEU C 363 26.31 -12.69 45.95
N VAL C 364 25.17 -13.38 45.88
CA VAL C 364 25.10 -14.77 46.20
C VAL C 364 24.37 -15.41 45.05
N LEU C 365 24.98 -16.43 44.45
CA LEU C 365 24.42 -17.02 43.26
C LEU C 365 24.32 -18.53 43.39
N GLN C 366 23.12 -19.08 43.20
CA GLN C 366 22.87 -20.48 43.45
C GLN C 366 23.35 -20.83 44.86
N ASP C 367 23.15 -19.89 45.78
CA ASP C 367 23.59 -20.02 47.14
C ASP C 367 25.09 -20.22 47.22
N TYR C 368 25.85 -19.20 46.85
CA TYR C 368 27.29 -19.26 46.94
C TYR C 368 27.73 -17.83 46.95
N LEU C 369 28.33 -17.39 48.03
CA LEU C 369 28.84 -16.03 48.07
C LEU C 369 29.85 -15.92 46.93
N ILE C 370 29.78 -14.81 46.20
CA ILE C 370 30.67 -14.56 45.08
C ILE C 370 31.31 -13.21 45.23
N PRO C 371 32.58 -13.16 45.66
CA PRO C 371 33.23 -11.88 45.94
C PRO C 371 33.21 -10.86 44.81
N ALA C 372 33.53 -9.62 45.15
CA ALA C 372 33.55 -8.53 44.21
C ALA C 372 34.70 -8.72 43.25
N LYS C 373 34.51 -8.27 42.01
CA LYS C 373 35.58 -8.20 41.02
C LYS C 373 35.90 -9.59 40.52
N THR C 374 34.88 -10.45 40.54
CA THR C 374 35.01 -11.80 40.16
C THR C 374 34.39 -11.86 38.80
N LEU C 375 35.18 -12.28 37.81
CA LEU C 375 34.70 -12.49 36.47
C LEU C 375 33.63 -13.50 36.48
N VAL C 376 32.44 -13.08 36.08
CA VAL C 376 31.29 -13.95 36.06
C VAL C 376 30.75 -13.97 34.62
N GLN C 377 30.41 -15.18 34.15
CA GLN C 377 30.22 -15.38 32.76
C GLN C 377 28.96 -16.10 32.63
N VAL C 378 28.21 -15.76 31.56
CA VAL C 378 26.93 -16.36 31.25
C VAL C 378 26.96 -17.17 29.94
N ALA C 379 26.64 -18.45 30.04
CA ALA C 379 26.77 -19.29 28.90
C ALA C 379 25.59 -19.12 27.98
N ILE C 380 25.62 -17.98 27.29
CA ILE C 380 24.62 -17.71 26.20
C ILE C 380 24.47 -18.85 25.23
N TYR C 381 25.57 -19.25 24.59
CA TYR C 381 25.46 -20.33 23.57
C TYR C 381 24.77 -21.51 24.25
N ALA C 382 25.33 -21.97 25.36
CA ALA C 382 24.70 -23.12 26.15
C ALA C 382 23.27 -22.95 26.63
N MET C 383 22.96 -21.74 27.10
CA MET C 383 21.53 -21.40 27.37
C MET C 383 20.64 -21.60 26.20
N GLY C 384 21.07 -21.09 25.04
CA GLY C 384 20.32 -21.36 23.76
C GLY C 384 19.91 -22.77 23.43
N ARG C 385 20.78 -23.74 23.73
CA ARG C 385 20.47 -25.15 23.37
C ARG C 385 19.84 -26.03 24.44
N ASP C 386 19.67 -25.48 25.64
CA ASP C 386 19.20 -26.28 26.79
C ASP C 386 17.70 -26.43 26.86
N PRO C 387 17.17 -27.66 26.85
CA PRO C 387 15.71 -27.88 26.89
C PRO C 387 15.06 -27.50 28.26
N ALA C 388 15.89 -27.11 29.24
CA ALA C 388 15.38 -26.66 30.51
C ALA C 388 14.92 -25.21 30.34
N PHE C 389 15.46 -24.55 29.30
CA PHE C 389 15.14 -23.18 29.02
C PHE C 389 14.14 -22.96 27.93
N PHE C 390 14.17 -23.81 26.89
CA PHE C 390 13.46 -23.57 25.66
C PHE C 390 13.02 -24.94 25.18
N SER C 391 11.73 -25.25 25.18
CA SER C 391 11.28 -26.55 24.77
C SER C 391 11.66 -26.77 23.31
N SER C 392 12.14 -27.98 22.99
CA SER C 392 12.73 -28.33 21.67
C SER C 392 13.63 -27.25 21.12
N PRO C 393 14.79 -27.01 21.76
CA PRO C 393 15.68 -25.92 21.35
C PRO C 393 16.31 -26.11 19.97
N ASP C 394 15.96 -27.22 19.33
CA ASP C 394 16.61 -27.56 18.05
C ASP C 394 15.89 -26.83 16.93
N LYS C 395 14.61 -26.53 17.13
CA LYS C 395 13.78 -25.98 16.07
C LYS C 395 13.63 -24.46 16.04
N PHE C 396 13.66 -23.90 14.83
CA PHE C 396 13.54 -22.44 14.62
C PHE C 396 12.07 -22.13 14.82
N ASP C 397 11.78 -21.24 15.75
CA ASP C 397 10.38 -20.91 16.05
C ASP C 397 10.32 -19.49 16.49
N PRO C 398 10.11 -18.58 15.55
CA PRO C 398 10.09 -17.18 15.89
C PRO C 398 8.98 -16.89 16.92
N THR C 399 7.91 -17.69 16.96
CA THR C 399 6.74 -17.34 17.80
C THR C 399 7.05 -17.29 19.30
N ARG C 400 8.11 -17.98 19.70
CA ARG C 400 8.46 -18.09 21.08
C ARG C 400 9.01 -16.79 21.57
N TRP C 401 9.28 -15.85 20.68
CA TRP C 401 9.68 -14.51 21.14
C TRP C 401 8.51 -13.51 21.11
N LEU C 402 7.30 -14.03 20.92
CA LEU C 402 6.14 -13.12 20.89
C LEU C 402 4.90 -13.56 21.59
N SER C 403 5.01 -14.41 22.61
CA SER C 403 3.81 -14.86 23.31
C SER C 403 3.16 -13.75 24.17
N LYS C 404 3.85 -13.32 25.23
CA LYS C 404 3.29 -12.34 26.21
C LYS C 404 1.76 -12.45 26.50
N ASP C 405 1.15 -13.58 26.16
CA ASP C 405 -0.30 -13.77 26.28
C ASP C 405 -0.68 -14.84 27.33
N LYS C 406 -0.43 -16.12 27.01
CA LYS C 406 -0.73 -17.19 27.97
C LYS C 406 0.57 -17.77 28.58
N ASP C 407 1.69 -17.11 28.29
CA ASP C 407 3.00 -17.53 28.79
C ASP C 407 3.12 -17.32 30.28
N LEU C 408 3.54 -18.36 31.01
CA LEU C 408 3.84 -18.17 32.44
C LEU C 408 5.03 -17.22 32.55
N ILE C 409 6.23 -17.72 32.26
CA ILE C 409 7.43 -16.90 32.41
C ILE C 409 7.76 -16.18 31.10
N HIS C 410 8.60 -15.17 31.16
CA HIS C 410 9.13 -14.58 29.97
C HIS C 410 10.52 -14.05 30.19
N PHE C 411 11.47 -14.59 29.42
CA PHE C 411 12.83 -14.12 29.48
C PHE C 411 13.15 -13.36 28.17
N ARG C 412 13.99 -12.32 28.29
CA ARG C 412 14.35 -11.48 27.16
C ARG C 412 15.55 -12.05 26.41
N ASN C 413 15.86 -11.46 25.24
CA ASN C 413 16.90 -11.96 24.37
C ASN C 413 18.23 -11.34 24.61
N LEU C 414 19.27 -12.17 24.66
CA LEU C 414 20.58 -11.65 25.01
C LEU C 414 21.63 -11.63 23.92
N GLY C 415 21.22 -11.97 22.69
CA GLY C 415 22.10 -11.83 21.54
C GLY C 415 22.89 -10.57 21.52
N PHE C 416 22.33 -9.48 22.05
CA PHE C 416 23.07 -8.17 22.05
C PHE C 416 23.46 -7.74 23.41
N GLY C 417 23.00 -8.51 24.40
CA GLY C 417 23.40 -8.29 25.79
C GLY C 417 22.28 -7.52 26.46
N TRP C 418 22.62 -6.68 27.46
CA TRP C 418 21.59 -6.06 28.30
C TRP C 418 22.20 -4.95 29.05
N GLY C 419 21.41 -3.92 29.33
CA GLY C 419 21.85 -2.84 30.20
C GLY C 419 22.50 -1.78 29.39
N VAL C 420 23.21 -0.88 30.05
CA VAL C 420 23.67 0.32 29.43
C VAL C 420 24.94 0.10 28.67
N ARG C 421 25.48 -1.11 28.78
CA ARG C 421 26.69 -1.43 28.08
C ARG C 421 26.39 -2.71 27.39
N GLN C 422 25.14 -2.85 26.94
CA GLN C 422 24.86 -3.71 25.82
C GLN C 422 25.49 -3.10 24.55
N CYS C 423 25.35 -3.84 23.45
CA CYS C 423 25.94 -3.44 22.12
C CYS C 423 25.40 -2.07 21.69
N VAL C 424 26.29 -1.05 21.62
CA VAL C 424 25.98 0.22 20.90
C VAL C 424 25.43 0.10 19.45
N GLY C 425 25.94 -0.87 18.68
CA GLY C 425 25.52 -1.05 17.28
C GLY C 425 24.24 -1.82 17.22
N ARG C 426 23.68 -2.12 18.39
CA ARG C 426 22.50 -3.00 18.47
C ARG C 426 21.36 -2.57 17.58
N ARG C 427 21.10 -1.27 17.47
CA ARG C 427 19.97 -0.81 16.66
C ARG C 427 20.30 -0.78 15.16
N ILE C 428 21.46 -0.23 14.84
CA ILE C 428 22.01 -0.35 13.50
C ILE C 428 21.87 -1.76 12.96
N ALA C 429 22.24 -2.76 13.77
CA ALA C 429 22.17 -4.15 13.35
C ALA C 429 20.77 -4.56 13.12
N GLU C 430 19.90 -4.33 14.08
CA GLU C 430 18.53 -4.87 13.93
C GLU C 430 17.83 -4.30 12.68
N LEU C 431 18.04 -3.01 12.44
CA LEU C 431 17.47 -2.36 11.28
C LEU C 431 18.12 -2.87 9.94
N GLU C 432 19.44 -2.90 9.93
CA GLU C 432 20.18 -3.44 8.80
C GLU C 432 19.76 -4.85 8.45
N MET C 433 19.44 -5.69 9.44
CA MET C 433 18.96 -7.06 9.13
C MET C 433 17.48 -7.16 8.92
N THR C 434 16.73 -6.24 9.50
CA THR C 434 15.29 -6.31 9.39
C THR C 434 14.91 -5.84 8.02
N LEU C 435 15.62 -4.83 7.53
CA LEU C 435 15.53 -4.41 6.11
C LEU C 435 15.90 -5.49 5.07
N PHE C 436 17.08 -6.09 5.26
CA PHE C 436 17.61 -7.11 4.36
C PHE C 436 16.57 -8.11 4.14
N LEU C 437 15.82 -8.44 5.19
CA LEU C 437 14.88 -9.57 5.11
C LEU C 437 13.54 -9.26 4.51
N ILE C 438 13.09 -8.03 4.74
CA ILE C 438 11.88 -7.55 4.16
C ILE C 438 12.08 -7.68 2.64
N HIS C 439 13.17 -7.11 2.15
CA HIS C 439 13.54 -7.24 0.75
C HIS C 439 13.80 -8.66 0.27
N ILE C 440 14.54 -9.46 1.05
CA ILE C 440 14.80 -10.88 0.63
C ILE C 440 13.54 -11.67 0.63
N LEU C 441 12.73 -11.54 1.67
CA LEU C 441 11.50 -12.33 1.73
C LEU C 441 10.51 -12.09 0.58
N GLU C 442 10.49 -10.87 0.05
CA GLU C 442 9.49 -10.52 -0.95
C GLU C 442 9.89 -11.02 -2.34
N ASN C 443 11.19 -11.13 -2.57
CA ASN C 443 11.71 -11.47 -3.88
C ASN C 443 12.09 -12.93 -4.12
N PHE C 444 12.50 -13.63 -3.07
CA PHE C 444 13.10 -14.95 -3.21
C PHE C 444 12.54 -16.05 -2.31
N LYS C 445 12.73 -17.29 -2.73
CA LYS C 445 12.51 -18.46 -1.87
C LYS C 445 13.93 -19.05 -1.65
N VAL C 446 14.36 -19.10 -0.40
CA VAL C 446 15.70 -19.63 -0.08
C VAL C 446 15.60 -21.11 0.32
N GLU C 447 16.36 -21.96 -0.38
CA GLU C 447 16.40 -23.39 -0.05
C GLU C 447 17.87 -23.80 0.09
N MET C 448 18.13 -25.09 0.26
CA MET C 448 19.52 -25.56 0.38
C MET C 448 19.76 -26.76 -0.52
N GLN C 449 20.97 -26.85 -1.09
CA GLN C 449 21.35 -28.02 -1.96
C GLN C 449 21.06 -29.39 -1.38
N HIS C 450 21.43 -29.58 -0.11
CA HIS C 450 21.08 -30.80 0.60
C HIS C 450 20.75 -30.49 2.05
N ILE C 451 20.24 -31.50 2.76
CA ILE C 451 19.95 -31.37 4.19
C ILE C 451 21.14 -30.73 4.92
N GLY C 452 20.85 -30.05 6.04
CA GLY C 452 21.89 -29.32 6.77
C GLY C 452 22.88 -30.21 7.50
N ASP C 453 24.05 -29.66 7.79
CA ASP C 453 25.11 -30.38 8.50
C ASP C 453 26.18 -29.39 8.94
N VAL C 454 25.81 -28.14 9.14
CA VAL C 454 26.78 -27.14 9.58
C VAL C 454 26.64 -26.91 11.10
N ASP C 455 27.75 -27.08 11.82
CA ASP C 455 27.78 -26.99 13.28
C ASP C 455 28.52 -25.70 13.49
N THR C 456 28.97 -25.43 14.71
CA THR C 456 29.43 -24.10 15.04
C THR C 456 30.83 -24.24 15.54
N ILE C 457 31.66 -23.27 15.20
CA ILE C 457 33.04 -23.30 15.50
C ILE C 457 33.40 -22.00 16.19
N PHE C 458 34.49 -22.01 16.96
CA PHE C 458 34.79 -20.88 17.76
C PHE C 458 35.89 -20.15 17.16
N ASN C 459 35.64 -18.90 16.75
CA ASN C 459 36.71 -18.01 16.29
C ASN C 459 36.63 -16.62 16.84
N LEU C 460 36.78 -16.49 18.18
CA LEU C 460 36.43 -15.28 18.93
C LEU C 460 34.90 -15.15 18.77
N ILE C 461 34.44 -14.81 17.56
CA ILE C 461 33.02 -14.78 17.32
C ILE C 461 32.64 -16.12 16.78
N LEU C 462 31.55 -16.70 17.26
CA LEU C 462 31.12 -17.92 16.75
C LEU C 462 30.72 -17.77 15.25
N THR C 463 31.09 -18.77 14.43
CA THR C 463 30.84 -18.74 12.97
C THR C 463 30.48 -20.14 12.55
N PRO C 464 29.78 -20.30 11.41
CA PRO C 464 29.44 -21.65 10.95
C PRO C 464 30.78 -22.30 10.52
N ASP C 465 30.89 -23.63 10.68
CA ASP C 465 32.22 -24.29 10.48
C ASP C 465 32.53 -24.81 9.03
N LYS C 466 31.58 -24.65 8.12
CA LYS C 466 31.70 -25.07 6.70
C LYS C 466 30.87 -24.07 5.89
N PRO C 467 31.25 -23.81 4.63
CA PRO C 467 30.54 -22.83 3.82
C PRO C 467 29.08 -23.20 3.73
N ILE C 468 28.21 -22.18 3.73
CA ILE C 468 26.79 -22.43 3.57
C ILE C 468 26.47 -22.17 2.12
N PHE C 469 26.00 -23.20 1.43
CA PHE C 469 25.61 -23.10 0.03
C PHE C 469 24.12 -22.99 -0.07
N LEU C 470 23.66 -21.79 -0.42
CA LEU C 470 22.23 -21.55 -0.45
C LEU C 470 21.73 -21.37 -1.86
N VAL C 471 20.61 -22.01 -2.13
CA VAL C 471 19.88 -21.86 -3.38
C VAL C 471 18.79 -20.75 -3.30
N PHE C 472 18.85 -19.76 -4.19
CA PHE C 472 17.83 -18.69 -4.29
C PHE C 472 16.94 -18.79 -5.53
N ARG C 473 15.66 -19.08 -5.35
CA ARG C 473 14.68 -18.99 -6.45
C ARG C 473 13.79 -17.71 -6.30
N PRO C 474 13.51 -16.99 -7.41
CA PRO C 474 12.61 -15.81 -7.38
C PRO C 474 11.13 -16.19 -7.27
N PHE C 475 10.35 -15.37 -6.55
CA PHE C 475 8.87 -15.56 -6.41
C PHE C 475 8.43 -15.13 -4.99
N THR D 6 21.47 -36.86 31.01
CA THR D 6 20.73 -37.80 31.93
C THR D 6 20.63 -37.17 33.33
N PRO D 7 19.47 -37.30 33.99
CA PRO D 7 19.22 -36.63 35.28
C PRO D 7 19.22 -37.58 36.51
N ARG D 8 19.55 -37.02 37.68
CA ARG D 8 19.54 -37.78 38.95
C ARG D 8 18.26 -38.62 39.14
N PRO D 9 18.21 -39.45 40.18
CA PRO D 9 17.00 -40.26 40.46
C PRO D 9 16.02 -39.54 41.41
N TYR D 10 14.72 -39.81 41.27
CA TYR D 10 13.70 -39.19 42.16
C TYR D 10 14.10 -39.38 43.63
N SER D 11 14.48 -40.61 43.96
CA SER D 11 14.96 -40.96 45.29
C SER D 11 16.05 -40.07 45.87
N GLU D 12 16.82 -39.38 45.03
CA GLU D 12 17.89 -38.50 45.55
C GLU D 12 17.43 -37.10 46.00
N ILE D 13 16.17 -36.77 45.76
CA ILE D 13 15.64 -35.44 46.14
C ILE D 13 15.62 -35.34 47.64
N PRO D 14 16.27 -34.32 48.21
CA PRO D 14 16.33 -34.17 49.66
C PRO D 14 15.02 -34.47 50.39
N SER D 15 15.09 -35.15 51.54
CA SER D 15 13.93 -35.44 52.40
C SER D 15 14.16 -35.05 53.88
N PRO D 16 13.13 -35.21 54.74
CA PRO D 16 13.37 -35.23 56.17
C PRO D 16 13.72 -36.68 56.57
N GLY D 17 13.42 -37.62 55.66
CA GLY D 17 13.60 -39.04 55.88
C GLY D 17 12.44 -39.73 55.21
N ASP D 18 12.56 -41.03 55.01
CA ASP D 18 11.56 -41.78 54.24
C ASP D 18 10.44 -42.40 55.06
N ASN D 19 10.38 -42.10 56.37
CA ASN D 19 9.31 -42.66 57.22
C ASN D 19 8.09 -41.75 57.31
N GLY D 20 7.03 -42.12 56.58
CA GLY D 20 5.83 -41.29 56.48
C GLY D 20 5.28 -41.00 57.85
N TRP D 21 4.90 -42.08 58.53
CA TRP D 21 4.52 -42.00 59.93
C TRP D 21 5.54 -41.29 60.81
N LEU D 22 6.83 -41.51 60.56
CA LEU D 22 7.83 -40.84 61.40
C LEU D 22 7.62 -39.35 61.27
N ASN D 23 7.72 -38.87 60.03
CA ASN D 23 7.49 -37.44 59.74
C ASN D 23 6.13 -36.94 60.31
N LEU D 24 5.09 -37.75 60.16
CA LEU D 24 3.79 -37.41 60.72
C LEU D 24 3.84 -37.22 62.21
N TYR D 25 4.68 -38.01 62.89
CA TYR D 25 4.79 -37.88 64.31
C TYR D 25 5.32 -36.49 64.58
N HIS D 26 6.47 -36.16 63.99
CA HIS D 26 7.09 -34.84 64.25
C HIS D 26 6.26 -33.68 63.77
N PHE D 27 5.42 -33.92 62.76
CA PHE D 27 4.57 -32.89 62.25
C PHE D 27 3.50 -32.54 63.30
N TRP D 28 2.79 -33.56 63.77
CA TRP D 28 1.83 -33.36 64.85
C TRP D 28 2.44 -32.77 66.10
N ARG D 29 3.61 -33.25 66.48
CA ARG D 29 4.28 -32.84 67.69
C ARG D 29 4.73 -31.37 67.69
N GLU D 30 5.52 -30.97 66.71
CA GLU D 30 5.94 -29.57 66.55
C GLU D 30 4.72 -28.70 66.19
N LYS D 31 3.54 -29.31 66.16
CA LYS D 31 2.32 -28.59 65.85
C LYS D 31 2.42 -27.76 64.54
N GLY D 32 2.49 -28.45 63.40
CA GLY D 32 2.53 -27.80 62.09
C GLY D 32 1.14 -27.64 61.46
N SER D 33 0.23 -28.56 61.80
CA SER D 33 -1.13 -28.49 61.29
C SER D 33 -1.43 -27.14 60.59
N GLN D 34 -1.31 -26.03 61.33
CA GLN D 34 -1.78 -24.72 60.86
C GLN D 34 -0.56 -23.86 60.70
N ARG D 35 0.59 -24.51 60.59
CA ARG D 35 1.82 -23.80 60.28
C ARG D 35 2.45 -24.29 58.92
N ILE D 36 1.62 -24.90 58.10
CA ILE D 36 2.04 -25.45 56.84
C ILE D 36 2.91 -24.50 56.02
N HIS D 37 2.58 -23.22 56.05
CA HIS D 37 3.30 -22.24 55.28
C HIS D 37 4.62 -21.84 55.84
N PHE D 38 4.72 -21.77 57.16
CA PHE D 38 5.98 -21.35 57.80
C PHE D 38 7.02 -22.45 57.64
N ARG D 39 6.53 -23.69 57.57
CA ARG D 39 7.39 -24.86 57.42
C ARG D 39 7.97 -24.98 56.00
N HIS D 40 7.16 -24.71 54.98
CA HIS D 40 7.68 -24.51 53.63
C HIS D 40 8.93 -23.66 53.68
N ILE D 41 8.86 -22.52 54.33
CA ILE D 41 10.04 -21.63 54.31
C ILE D 41 11.26 -22.31 54.97
N GLU D 42 11.05 -22.79 56.20
CA GLU D 42 12.06 -23.53 56.97
C GLU D 42 12.63 -24.75 56.19
N ASN D 43 11.79 -25.38 55.37
CA ASN D 43 12.21 -26.56 54.65
C ASN D 43 13.12 -26.28 53.44
N PHE D 44 12.75 -25.29 52.61
CA PHE D 44 13.63 -24.81 51.53
C PHE D 44 14.90 -24.27 52.11
N GLN D 45 14.77 -23.43 53.12
CA GLN D 45 15.94 -22.89 53.83
C GLN D 45 16.91 -24.00 54.25
N LYS D 46 16.39 -25.23 54.29
CA LYS D 46 17.16 -26.38 54.71
C LYS D 46 17.64 -27.17 53.46
N TYR D 47 16.73 -27.96 52.90
CA TYR D 47 17.05 -28.82 51.77
C TYR D 47 17.35 -28.13 50.42
N GLY D 48 17.29 -26.80 50.38
CA GLY D 48 17.53 -26.06 49.11
C GLY D 48 16.27 -25.72 48.30
N PRO D 49 16.41 -25.68 46.96
CA PRO D 49 15.31 -25.18 46.06
C PRO D 49 14.21 -26.17 45.71
N ILE D 50 14.37 -27.42 46.11
CA ILE D 50 13.35 -28.43 45.92
C ILE D 50 13.55 -29.48 47.03
N TYR D 51 12.46 -30.10 47.46
CA TYR D 51 12.54 -31.19 48.45
C TYR D 51 11.26 -32.01 48.38
N ARG D 52 11.15 -33.04 49.22
CA ARG D 52 9.93 -33.90 49.27
C ARG D 52 9.64 -34.28 50.71
N GLU D 53 8.38 -34.59 51.00
CA GLU D 53 7.97 -34.80 52.36
C GLU D 53 6.80 -35.73 52.35
N LYS D 54 7.01 -36.92 52.86
CA LYS D 54 5.95 -37.90 52.94
C LYS D 54 5.42 -37.83 54.35
N LEU D 55 4.10 -37.67 54.47
CA LEU D 55 3.45 -37.71 55.77
C LEU D 55 2.49 -38.81 55.52
N GLY D 56 2.30 -39.69 56.50
CA GLY D 56 1.42 -40.82 56.29
C GLY D 56 1.81 -41.50 54.99
N ASN D 57 0.82 -41.83 54.17
CA ASN D 57 1.06 -42.45 52.88
C ASN D 57 1.17 -41.44 51.71
N LEU D 58 1.15 -40.15 52.03
CA LEU D 58 1.04 -39.13 51.01
C LEU D 58 2.35 -38.48 50.73
N GLU D 59 2.90 -38.81 49.56
CA GLU D 59 4.17 -38.28 49.15
C GLU D 59 3.90 -37.03 48.33
N SER D 60 4.86 -36.10 48.31
CA SER D 60 4.72 -34.90 47.52
C SER D 60 6.04 -34.21 47.40
N VAL D 61 6.29 -33.55 46.24
CA VAL D 61 7.54 -32.75 45.98
C VAL D 61 7.21 -31.29 45.99
N TYR D 62 8.15 -30.44 46.38
CA TYR D 62 7.85 -29.07 46.60
C TYR D 62 8.80 -28.19 45.86
N ILE D 63 8.29 -27.34 44.98
CA ILE D 63 9.16 -26.38 44.31
C ILE D 63 8.79 -24.99 44.67
N ILE D 64 9.69 -24.06 44.43
CA ILE D 64 9.51 -22.71 44.79
C ILE D 64 10.05 -21.77 43.69
N HIS D 65 11.01 -22.24 42.91
CA HIS D 65 11.65 -21.37 41.87
C HIS D 65 10.77 -21.26 40.65
N PRO D 66 10.66 -20.04 40.08
CA PRO D 66 9.77 -19.78 38.94
C PRO D 66 10.09 -20.68 37.76
N GLU D 67 11.37 -20.73 37.38
CA GLU D 67 11.86 -21.64 36.27
C GLU D 67 11.23 -22.99 36.34
N ASP D 68 11.18 -23.53 37.55
CA ASP D 68 10.64 -24.89 37.76
C ASP D 68 9.15 -24.93 37.66
N VAL D 69 8.50 -23.87 38.16
CA VAL D 69 7.03 -23.81 38.16
C VAL D 69 6.63 -23.67 36.72
N ALA D 70 7.23 -22.69 36.06
CA ALA D 70 7.16 -22.60 34.58
C ALA D 70 7.22 -23.97 33.99
N HIS D 71 8.36 -24.64 34.20
CA HIS D 71 8.60 -25.96 33.63
C HIS D 71 7.51 -26.91 33.97
N LEU D 72 7.07 -26.88 35.22
CA LEU D 72 6.11 -27.87 35.74
C LEU D 72 4.72 -27.69 35.16
N PHE D 73 4.45 -26.49 34.68
CA PHE D 73 3.14 -26.18 34.04
C PHE D 73 2.95 -26.74 32.63
N LYS D 74 4.00 -26.70 31.82
CA LYS D 74 3.94 -27.32 30.48
C LYS D 74 3.69 -28.81 30.50
N PHE D 75 3.57 -29.41 31.68
CA PHE D 75 3.35 -30.89 31.79
C PHE D 75 2.04 -31.31 32.41
N GLU D 76 1.14 -30.34 32.56
CA GLU D 76 -0.11 -30.61 33.22
C GLU D 76 -1.11 -31.26 32.31
N GLY D 77 -0.90 -31.10 30.99
CA GLY D 77 -1.82 -31.66 30.00
C GLY D 77 -3.11 -30.88 29.78
N SER D 78 -4.16 -31.60 29.42
CA SER D 78 -5.39 -30.99 28.96
C SER D 78 -6.51 -31.16 29.96
N TYR D 79 -6.32 -32.07 30.92
CA TYR D 79 -7.25 -32.27 32.02
C TYR D 79 -6.55 -32.20 33.38
N PRO D 80 -5.84 -31.11 33.65
CA PRO D 80 -4.94 -31.04 34.80
C PRO D 80 -5.63 -31.39 36.13
N GLU D 81 -4.86 -32.04 37.01
CA GLU D 81 -5.40 -32.49 38.30
C GLU D 81 -4.59 -31.81 39.35
N ARG D 82 -5.26 -31.21 40.32
CA ARG D 82 -4.56 -30.56 41.42
C ARG D 82 -4.90 -31.48 42.54
N TYR D 83 -4.36 -31.19 43.72
CA TYR D 83 -4.70 -31.95 44.91
C TYR D 83 -6.18 -31.82 45.29
N ASP D 84 -6.86 -32.95 45.43
CA ASP D 84 -8.21 -33.05 46.02
C ASP D 84 -8.32 -33.15 47.61
N ILE D 85 -8.50 -32.00 48.28
CA ILE D 85 -8.78 -31.96 49.74
C ILE D 85 -9.59 -33.17 50.21
N PRO D 86 -9.01 -34.02 51.07
CA PRO D 86 -9.66 -35.31 51.33
C PRO D 86 -11.09 -35.22 51.98
N PRO D 87 -11.25 -34.44 53.06
CA PRO D 87 -12.62 -34.20 53.65
C PRO D 87 -13.72 -33.75 52.65
N TRP D 88 -13.45 -32.71 51.88
CA TRP D 88 -14.41 -32.29 50.78
C TRP D 88 -14.82 -33.43 49.96
N LEU D 89 -13.84 -34.20 49.45
CA LEU D 89 -14.13 -35.39 48.62
C LEU D 89 -14.79 -36.49 49.31
N ALA D 90 -14.40 -36.75 50.55
CA ALA D 90 -15.14 -37.81 51.33
C ALA D 90 -16.59 -37.45 51.55
N TYR D 91 -16.81 -36.14 51.74
CA TYR D 91 -18.16 -35.64 51.92
C TYR D 91 -18.99 -35.99 50.74
N HIS D 92 -18.62 -35.47 49.58
CA HIS D 92 -19.36 -35.71 48.33
C HIS D 92 -19.52 -37.14 47.97
N ARG D 93 -18.62 -38.01 48.43
CA ARG D 93 -18.74 -39.44 48.13
C ARG D 93 -19.54 -40.17 49.14
N TYR D 94 -19.21 -39.99 50.42
CA TYR D 94 -20.02 -40.67 51.47
C TYR D 94 -21.47 -40.14 51.54
N TYR D 95 -21.69 -38.91 51.06
CA TYR D 95 -23.09 -38.41 50.91
C TYR D 95 -23.59 -38.32 49.46
N GLN D 96 -22.97 -39.12 48.58
CA GLN D 96 -23.34 -39.17 47.14
C GLN D 96 -23.91 -37.83 46.68
N LYS D 97 -23.14 -36.77 46.92
CA LYS D 97 -23.56 -35.43 46.63
C LYS D 97 -23.08 -35.10 45.25
N PRO D 98 -23.87 -34.35 44.46
CA PRO D 98 -23.43 -33.92 43.15
C PRO D 98 -22.11 -33.20 43.22
N ILE D 99 -21.23 -33.48 42.26
CA ILE D 99 -19.95 -32.81 42.24
C ILE D 99 -20.01 -31.79 41.15
N GLY D 100 -19.27 -30.70 41.30
CA GLY D 100 -19.23 -29.71 40.27
C GLY D 100 -17.83 -29.58 39.74
N VAL D 101 -17.66 -28.70 38.76
CA VAL D 101 -16.36 -28.47 38.21
C VAL D 101 -15.16 -28.58 39.16
N LEU D 102 -15.39 -28.53 40.47
CA LEU D 102 -14.25 -28.54 41.40
C LEU D 102 -13.65 -29.95 41.51
N PHE D 103 -14.52 -30.95 41.54
CA PHE D 103 -14.10 -32.33 41.71
C PHE D 103 -14.23 -33.18 40.43
N LYS D 104 -14.41 -32.51 39.29
CA LYS D 104 -14.56 -33.19 38.00
C LYS D 104 -13.21 -33.36 37.35
N LYS D 105 -12.96 -34.56 36.84
CA LYS D 105 -11.71 -34.84 36.13
C LYS D 105 -11.97 -35.12 34.67
N SER D 106 -10.92 -35.01 33.86
CA SER D 106 -10.98 -35.38 32.42
C SER D 106 -12.07 -34.60 31.57
N GLY D 107 -12.69 -35.29 30.60
CA GLY D 107 -13.62 -34.65 29.68
C GLY D 107 -14.76 -33.94 30.38
N THR D 108 -15.38 -34.65 31.33
CA THR D 108 -16.43 -34.08 32.17
C THR D 108 -16.08 -32.68 32.74
N TRP D 109 -14.92 -32.55 33.37
CA TRP D 109 -14.50 -31.24 33.79
C TRP D 109 -14.59 -30.26 32.64
N LYS D 110 -13.91 -30.55 31.54
CA LYS D 110 -13.90 -29.69 30.36
C LYS D 110 -15.33 -29.32 29.93
N LYS D 111 -16.23 -30.31 29.99
CA LYS D 111 -17.62 -30.11 29.59
C LYS D 111 -18.31 -28.98 30.37
N ASP D 112 -18.03 -28.91 31.68
CA ASP D 112 -18.62 -27.93 32.56
C ASP D 112 -17.81 -26.68 32.49
N ARG D 113 -16.50 -26.81 32.55
CA ARG D 113 -15.65 -25.64 32.56
C ARG D 113 -15.90 -24.76 31.29
N VAL D 114 -15.88 -25.37 30.11
CA VAL D 114 -16.14 -24.59 28.87
C VAL D 114 -17.42 -23.73 28.98
N VAL D 115 -18.54 -24.36 29.34
CA VAL D 115 -19.78 -23.64 29.58
C VAL D 115 -19.62 -22.50 30.59
N LEU D 116 -19.18 -22.82 31.81
CA LEU D 116 -19.00 -21.83 32.86
C LEU D 116 -18.17 -20.68 32.34
N ASN D 117 -17.17 -20.99 31.54
CA ASN D 117 -16.25 -19.96 31.13
C ASN D 117 -16.96 -18.81 30.47
N THR D 118 -17.62 -19.08 29.33
CA THR D 118 -18.36 -18.05 28.58
C THR D 118 -19.32 -17.34 29.50
N GLU D 119 -20.01 -18.14 30.31
CA GLU D 119 -20.97 -17.67 31.31
C GLU D 119 -20.43 -16.98 32.58
N VAL D 120 -19.17 -17.20 32.94
CA VAL D 120 -18.65 -16.64 34.20
C VAL D 120 -17.32 -15.93 34.07
N MET D 121 -16.57 -16.28 33.02
CA MET D 121 -15.22 -15.78 32.83
C MET D 121 -15.10 -14.93 31.57
N ALA D 122 -16.08 -15.08 30.68
CA ALA D 122 -16.09 -14.38 29.39
C ALA D 122 -15.89 -12.87 29.56
N PRO D 123 -15.24 -12.21 28.60
CA PRO D 123 -15.11 -10.74 28.64
C PRO D 123 -16.39 -10.13 28.04
N GLU D 124 -17.46 -10.93 28.04
CA GLU D 124 -18.77 -10.56 27.53
C GLU D 124 -19.79 -10.67 28.66
N ALA D 125 -19.64 -11.70 29.50
CA ALA D 125 -20.41 -11.79 30.71
C ALA D 125 -19.91 -10.72 31.68
N ILE D 126 -18.65 -10.30 31.49
CA ILE D 126 -17.99 -9.36 32.41
C ILE D 126 -18.68 -8.00 32.42
N LYS D 127 -19.00 -7.50 31.23
CA LYS D 127 -19.70 -6.22 31.08
C LYS D 127 -20.97 -6.30 31.90
N ASN D 128 -21.72 -7.39 31.69
CA ASN D 128 -22.98 -7.63 32.38
C ASN D 128 -22.92 -7.77 33.91
N PHE D 129 -21.72 -7.72 34.49
CA PHE D 129 -21.56 -7.82 35.95
C PHE D 129 -21.23 -6.45 36.53
N ILE D 130 -20.81 -5.52 35.68
CA ILE D 130 -20.52 -4.17 36.16
C ILE D 130 -21.75 -3.48 36.85
N PRO D 131 -22.92 -3.50 36.20
CA PRO D 131 -24.11 -2.87 36.77
C PRO D 131 -24.72 -3.68 37.93
N LEU D 132 -24.25 -4.91 38.11
CA LEU D 132 -24.83 -5.82 39.11
C LEU D 132 -23.92 -5.97 40.33
N LEU D 133 -22.72 -5.38 40.23
CA LEU D 133 -21.78 -5.38 41.32
C LEU D 133 -21.50 -3.96 41.69
N ASN D 134 -21.31 -3.09 40.70
CA ASN D 134 -20.99 -1.69 40.98
C ASN D 134 -21.94 -1.01 41.99
N PRO D 135 -23.24 -1.30 41.91
CA PRO D 135 -24.18 -0.89 42.96
C PRO D 135 -23.80 -1.37 44.36
N VAL D 136 -23.49 -2.65 44.49
CA VAL D 136 -23.20 -3.24 45.80
C VAL D 136 -22.02 -2.57 46.45
N SER D 137 -21.01 -2.25 45.67
CA SER D 137 -19.85 -1.58 46.22
C SER D 137 -20.24 -0.23 46.76
N GLN D 138 -21.32 0.35 46.20
CA GLN D 138 -21.78 1.68 46.61
C GLN D 138 -22.43 1.60 48.00
N ASP D 139 -23.41 0.70 48.15
CA ASP D 139 -24.04 0.44 49.44
C ASP D 139 -23.03 0.27 50.57
N PHE D 140 -21.92 -0.43 50.30
CA PHE D 140 -20.85 -0.56 51.28
C PHE D 140 -20.22 0.76 51.67
N VAL D 141 -20.14 1.70 50.73
CA VAL D 141 -19.68 3.07 51.03
C VAL D 141 -20.71 3.66 52.00
N SER D 142 -21.98 3.43 51.65
CA SER D 142 -23.11 4.04 52.32
C SER D 142 -23.27 3.50 53.75
N LEU D 143 -22.85 2.24 53.94
CA LEU D 143 -22.90 1.58 55.25
C LEU D 143 -21.85 2.18 56.15
N LEU D 144 -20.66 2.41 55.63
CA LEU D 144 -19.61 3.07 56.42
C LEU D 144 -20.09 4.46 56.82
N HIS D 145 -20.72 5.15 55.88
CA HIS D 145 -21.23 6.50 56.10
C HIS D 145 -22.31 6.54 57.21
N LYS D 146 -23.29 5.64 57.11
CA LYS D 146 -24.20 5.41 58.20
C LYS D 146 -23.50 5.13 59.55
N ARG D 147 -22.30 4.55 59.49
CA ARG D 147 -21.59 4.14 60.71
C ARG D 147 -20.66 5.25 61.17
N ILE D 148 -20.51 6.28 60.34
CA ILE D 148 -19.67 7.41 60.73
C ILE D 148 -20.42 8.49 61.53
N LYS D 149 -21.75 8.52 61.40
CA LYS D 149 -22.51 9.57 62.10
C LYS D 149 -23.32 8.83 63.13
N GLN D 150 -23.07 7.52 63.21
CA GLN D 150 -23.63 6.69 64.25
C GLN D 150 -22.60 6.41 65.34
N GLN D 151 -21.36 6.85 65.15
CA GLN D 151 -20.47 6.82 66.27
C GLN D 151 -20.37 8.24 66.74
N GLY D 152 -19.33 8.97 66.38
CA GLY D 152 -19.25 10.29 66.94
C GLY D 152 -18.09 11.18 66.63
N SER D 153 -17.04 10.63 66.01
CA SER D 153 -16.02 11.53 65.49
C SER D 153 -15.72 11.47 63.98
N GLY D 154 -16.75 11.68 63.14
CA GLY D 154 -16.53 11.67 61.67
C GLY D 154 -15.39 10.68 61.35
N LYS D 155 -15.54 9.45 61.87
CA LYS D 155 -14.59 8.32 61.67
C LYS D 155 -15.20 7.03 62.23
N PHE D 156 -14.72 5.90 61.71
CA PHE D 156 -15.21 4.60 62.16
C PHE D 156 -13.99 3.83 62.60
N VAL D 157 -14.47 2.52 63.13
CA VAL D 157 -13.35 1.69 63.70
C VAL D 157 -14.05 0.39 63.95
N GLY D 158 -13.29 -0.70 63.82
CA GLY D 158 -13.90 -2.00 63.89
C GLY D 158 -13.20 -3.05 63.06
N ASP D 159 -13.72 -4.27 63.17
CA ASP D 159 -13.19 -5.37 62.51
C ASP D 159 -14.20 -5.53 61.42
N ILE D 160 -13.89 -4.95 60.26
CA ILE D 160 -14.82 -4.90 59.14
C ILE D 160 -15.10 -6.28 58.61
N LYS D 161 -14.34 -7.24 59.13
CA LYS D 161 -14.52 -8.63 58.76
C LYS D 161 -15.94 -8.96 58.38
N GLU D 162 -16.85 -8.91 59.34
CA GLU D 162 -18.23 -9.37 59.12
C GLU D 162 -18.99 -8.64 58.00
N ASP D 163 -18.46 -7.50 57.59
CA ASP D 163 -19.09 -6.70 56.55
C ASP D 163 -18.69 -7.15 55.16
N LEU D 164 -17.38 -7.14 54.90
CA LEU D 164 -16.82 -7.78 53.71
C LEU D 164 -17.54 -9.09 53.38
N PHE D 165 -17.62 -10.03 54.31
CA PHE D 165 -18.34 -11.28 54.04
C PHE D 165 -19.64 -10.93 53.37
N HIS D 166 -20.44 -10.11 54.03
CA HIS D 166 -21.74 -9.68 53.50
C HIS D 166 -21.53 -9.08 52.09
N PHE D 167 -20.65 -8.10 51.98
CA PHE D 167 -20.36 -7.50 50.71
C PHE D 167 -20.16 -8.59 49.68
N ALA D 168 -19.10 -9.38 49.86
CA ALA D 168 -18.87 -10.54 49.02
C ALA D 168 -20.15 -11.30 48.72
N PHE D 169 -20.76 -11.86 49.75
CA PHE D 169 -21.90 -12.73 49.52
C PHE D 169 -22.93 -12.00 48.68
N GLU D 170 -23.11 -10.72 49.02
CA GLU D 170 -24.07 -9.84 48.35
C GLU D 170 -23.66 -9.69 46.87
N SER D 171 -22.35 -9.54 46.64
CA SER D 171 -21.82 -9.39 45.28
C SER D 171 -22.01 -10.64 44.40
N ILE D 172 -21.85 -11.82 44.98
CA ILE D 172 -22.00 -13.05 44.19
C ILE D 172 -23.44 -13.49 44.06
N THR D 173 -24.24 -13.25 45.09
CA THR D 173 -25.62 -13.73 45.07
C THR D 173 -26.40 -12.87 44.08
N ASN D 174 -25.95 -11.64 43.90
CA ASN D 174 -26.50 -10.76 42.89
C ASN D 174 -26.14 -11.16 41.47
N VAL D 175 -24.88 -11.51 41.26
CA VAL D 175 -24.41 -11.91 39.94
C VAL D 175 -24.97 -13.26 39.52
N MET D 176 -25.32 -14.10 40.47
CA MET D 176 -25.86 -15.42 40.16
C MET D 176 -27.36 -15.45 39.88
N PHE D 177 -28.14 -14.87 40.79
CA PHE D 177 -29.59 -14.92 40.68
C PHE D 177 -30.24 -13.61 40.21
N GLY D 178 -29.50 -12.51 40.33
CA GLY D 178 -29.97 -11.20 39.87
C GLY D 178 -30.90 -10.44 40.83
N GLU D 179 -30.81 -10.76 42.13
CA GLU D 179 -31.67 -10.15 43.14
C GLU D 179 -30.91 -9.91 44.42
N ARG D 180 -30.82 -8.65 44.83
CA ARG D 180 -30.15 -8.28 46.08
C ARG D 180 -30.79 -9.01 47.27
N LEU D 181 -30.00 -9.26 48.31
CA LEU D 181 -30.50 -10.03 49.45
C LEU D 181 -30.49 -9.18 50.70
N GLY D 182 -29.86 -8.02 50.57
CA GLY D 182 -29.83 -7.02 51.62
C GLY D 182 -29.00 -7.58 52.73
N MET D 183 -27.71 -7.30 52.69
CA MET D 183 -26.81 -7.70 53.76
C MET D 183 -25.98 -6.49 54.15
N LEU D 184 -26.16 -5.41 53.40
CA LEU D 184 -25.48 -4.17 53.68
C LEU D 184 -26.43 -3.17 54.38
N GLU D 185 -27.24 -3.71 55.29
CA GLU D 185 -28.28 -2.96 55.99
C GLU D 185 -28.31 -3.27 57.52
N GLU D 186 -29.26 -2.68 58.25
CA GLU D 186 -29.35 -2.86 59.71
C GLU D 186 -29.78 -4.28 60.07
N THR D 187 -30.96 -4.68 59.58
CA THR D 187 -31.46 -6.03 59.78
C THR D 187 -30.94 -6.91 58.66
N VAL D 188 -30.30 -8.01 59.04
CA VAL D 188 -29.68 -8.93 58.07
C VAL D 188 -30.54 -10.18 57.86
N ASN D 189 -30.21 -10.97 56.84
CA ASN D 189 -30.93 -12.22 56.60
C ASN D 189 -30.37 -13.35 57.47
N PRO D 190 -31.26 -14.06 58.16
CA PRO D 190 -30.85 -15.15 59.03
C PRO D 190 -30.28 -16.34 58.25
N GLU D 191 -31.08 -16.89 57.34
CA GLU D 191 -30.67 -18.04 56.55
C GLU D 191 -29.35 -17.81 55.85
N ALA D 192 -29.24 -16.71 55.13
CA ALA D 192 -28.04 -16.39 54.36
C ALA D 192 -26.82 -16.08 55.20
N GLN D 193 -27.02 -15.89 56.51
CA GLN D 193 -25.90 -15.61 57.40
C GLN D 193 -25.28 -16.88 58.01
N LYS D 194 -26.10 -17.94 58.12
CA LYS D 194 -25.63 -19.26 58.54
C LYS D 194 -24.83 -20.00 57.40
N PHE D 195 -24.81 -19.38 56.22
CA PHE D 195 -24.22 -19.93 55.03
C PHE D 195 -22.90 -19.23 54.84
N ILE D 196 -22.82 -17.97 55.24
CA ILE D 196 -21.58 -17.23 55.18
C ILE D 196 -20.57 -17.83 56.16
N ASP D 197 -21.13 -18.46 57.20
CA ASP D 197 -20.41 -18.89 58.36
C ASP D 197 -20.22 -20.41 58.24
N ALA D 198 -21.19 -21.07 57.59
CA ALA D 198 -21.04 -22.48 57.16
C ALA D 198 -19.74 -22.58 56.35
N VAL D 199 -19.69 -21.81 55.27
CA VAL D 199 -18.54 -21.74 54.40
C VAL D 199 -17.25 -21.67 55.21
N TYR D 200 -17.15 -20.70 56.11
CA TYR D 200 -15.94 -20.58 56.96
C TYR D 200 -15.70 -21.74 57.95
N LYS D 201 -16.76 -22.49 58.23
CA LYS D 201 -16.69 -23.54 59.19
C LYS D 201 -16.28 -24.85 58.47
N MET D 202 -16.79 -25.04 57.26
CA MET D 202 -16.29 -26.09 56.34
C MET D 202 -14.76 -25.97 56.26
N PHE D 203 -14.27 -24.76 55.98
CA PHE D 203 -12.86 -24.53 55.86
C PHE D 203 -12.11 -24.96 57.10
N HIS D 204 -12.35 -24.21 58.19
CA HIS D 204 -11.69 -24.41 59.49
C HIS D 204 -11.63 -25.86 59.95
N THR D 205 -12.73 -26.60 59.80
CA THR D 205 -12.76 -27.98 60.14
C THR D 205 -12.12 -28.98 59.15
N SER D 206 -11.36 -28.45 58.19
CA SER D 206 -10.67 -29.26 57.22
C SER D 206 -9.23 -29.58 57.68
N VAL D 207 -8.50 -28.59 58.16
CA VAL D 207 -7.13 -28.82 58.60
C VAL D 207 -7.00 -30.20 59.32
N PRO D 208 -7.71 -30.37 60.44
CA PRO D 208 -7.53 -31.55 61.27
C PRO D 208 -7.81 -32.85 60.56
N LEU D 209 -8.43 -32.75 59.40
CA LEU D 209 -8.87 -33.95 58.71
C LEU D 209 -7.93 -34.22 57.54
N LEU D 210 -6.92 -33.39 57.39
CA LEU D 210 -6.11 -33.45 56.21
C LEU D 210 -5.24 -34.72 56.23
N ASN D 211 -4.42 -34.86 57.29
CA ASN D 211 -3.42 -35.92 57.33
C ASN D 211 -3.86 -37.21 58.03
N VAL D 212 -5.11 -37.66 57.77
CA VAL D 212 -5.60 -38.88 58.40
C VAL D 212 -6.62 -39.56 57.51
N PRO D 213 -6.54 -40.89 57.41
CA PRO D 213 -7.39 -41.58 56.49
C PRO D 213 -8.86 -41.28 56.65
N PRO D 214 -9.46 -40.68 55.63
CA PRO D 214 -10.87 -40.33 55.67
C PRO D 214 -11.77 -41.45 56.17
N GLU D 215 -11.33 -42.69 55.99
CA GLU D 215 -12.17 -43.85 56.38
C GLU D 215 -12.17 -44.01 57.92
N LEU D 216 -11.31 -43.21 58.57
CA LEU D 216 -11.18 -43.21 60.04
C LEU D 216 -11.62 -41.91 60.77
N TYR D 217 -12.04 -40.90 60.01
CA TYR D 217 -12.53 -39.64 60.61
C TYR D 217 -13.48 -39.89 61.81
N ARG D 218 -14.58 -40.58 61.54
CA ARG D 218 -15.55 -40.98 62.54
C ARG D 218 -15.03 -41.97 63.60
N LEU D 219 -13.81 -41.73 64.09
CA LEU D 219 -13.14 -42.67 64.98
C LEU D 219 -11.92 -42.04 65.60
N PHE D 220 -11.21 -41.20 64.85
CA PHE D 220 -9.96 -40.55 65.33
C PHE D 220 -10.13 -39.04 65.24
N ARG D 221 -11.25 -38.63 64.68
CA ARG D 221 -11.57 -37.22 64.52
C ARG D 221 -13.09 -37.06 64.66
N THR D 222 -13.71 -37.96 65.41
CA THR D 222 -15.16 -38.09 65.46
C THR D 222 -15.93 -36.76 65.61
N LYS D 223 -15.26 -35.73 66.12
CA LYS D 223 -15.93 -34.44 66.30
C LYS D 223 -15.84 -33.55 65.03
N THR D 224 -14.65 -33.02 64.75
CA THR D 224 -14.43 -32.18 63.55
C THR D 224 -15.19 -32.67 62.27
N TRP D 225 -15.21 -33.98 62.03
CA TRP D 225 -15.93 -34.59 60.90
C TRP D 225 -17.44 -34.32 60.95
N ARG D 226 -17.96 -34.28 62.17
CA ARG D 226 -19.37 -34.06 62.38
C ARG D 226 -19.68 -32.61 62.02
N ASP D 227 -18.74 -31.71 62.32
CA ASP D 227 -18.88 -30.27 62.08
C ASP D 227 -18.68 -29.88 60.64
N HIS D 228 -17.83 -30.66 59.95
CA HIS D 228 -17.47 -30.35 58.60
C HIS D 228 -18.56 -30.92 57.73
N VAL D 229 -19.19 -32.00 58.19
CA VAL D 229 -20.32 -32.57 57.46
C VAL D 229 -21.51 -31.63 57.59
N ALA D 230 -21.67 -31.03 58.77
CA ALA D 230 -22.80 -30.14 58.99
C ALA D 230 -22.51 -28.81 58.31
N ALA D 231 -21.24 -28.43 58.20
CA ALA D 231 -20.87 -27.20 57.53
C ALA D 231 -21.27 -27.33 56.06
N TRP D 232 -21.11 -28.54 55.51
CA TRP D 232 -21.41 -28.78 54.14
C TRP D 232 -22.91 -28.88 54.00
N ASP D 233 -23.54 -29.66 54.87
CA ASP D 233 -24.98 -29.85 54.82
C ASP D 233 -25.66 -28.49 54.69
N THR D 234 -25.18 -27.51 55.47
CA THR D 234 -25.73 -26.20 55.44
C THR D 234 -25.55 -25.67 54.02
N ILE D 235 -24.29 -25.47 53.63
CA ILE D 235 -23.92 -24.95 52.30
C ILE D 235 -24.79 -25.54 51.20
N PHE D 236 -24.99 -26.86 51.23
CA PHE D 236 -25.82 -27.55 50.24
C PHE D 236 -27.30 -27.33 50.34
N ASN D 237 -27.78 -27.02 51.55
CA ASN D 237 -29.18 -26.77 51.79
C ASN D 237 -29.60 -25.32 51.51
N LYS D 238 -28.74 -24.37 51.89
CA LYS D 238 -29.04 -22.95 51.68
C LYS D 238 -28.84 -22.54 50.21
N ALA D 239 -28.14 -23.39 49.44
CA ALA D 239 -28.01 -23.16 48.01
C ALA D 239 -29.08 -23.95 47.24
N GLU D 240 -29.44 -25.13 47.72
CA GLU D 240 -30.54 -25.90 47.10
C GLU D 240 -31.83 -25.10 47.10
N LYS D 241 -32.23 -24.64 48.28
CA LYS D 241 -33.32 -23.66 48.46
C LYS D 241 -33.23 -22.47 47.49
N TYR D 242 -32.23 -21.61 47.69
CA TYR D 242 -32.03 -20.41 46.85
C TYR D 242 -32.13 -20.71 45.36
N THR D 243 -31.43 -21.75 44.90
CA THR D 243 -31.51 -22.16 43.50
C THR D 243 -32.93 -22.56 43.11
N GLU D 244 -33.76 -22.98 44.08
CA GLU D 244 -35.18 -23.28 43.80
C GLU D 244 -36.08 -22.06 43.57
N ILE D 245 -36.12 -21.15 44.55
CA ILE D 245 -36.95 -19.94 44.43
C ILE D 245 -36.65 -19.23 43.10
N PHE D 246 -35.38 -19.22 42.71
CA PHE D 246 -34.94 -18.47 41.53
C PHE D 246 -35.22 -19.19 40.22
N TYR D 247 -35.31 -20.51 40.26
CA TYR D 247 -35.53 -21.29 39.05
C TYR D 247 -36.99 -21.19 38.63
N GLN D 248 -37.89 -21.52 39.54
CA GLN D 248 -39.32 -21.42 39.28
C GLN D 248 -39.72 -19.98 38.94
N ASP D 249 -39.18 -19.03 39.70
CA ASP D 249 -39.49 -17.61 39.51
C ASP D 249 -39.04 -17.10 38.15
N LEU D 250 -37.93 -17.65 37.66
CA LEU D 250 -37.40 -17.25 36.36
C LEU D 250 -38.05 -18.02 35.21
N ARG D 251 -38.95 -18.95 35.56
CA ARG D 251 -39.78 -19.63 34.55
C ARG D 251 -41.09 -18.84 34.37
N ARG D 252 -41.40 -18.01 35.35
CA ARG D 252 -42.56 -17.10 35.29
C ARG D 252 -42.13 -15.67 34.92
N LYS D 253 -41.18 -15.09 35.65
CA LYS D 253 -40.56 -13.79 35.27
C LYS D 253 -39.60 -13.96 34.06
N THR D 254 -40.11 -14.60 33.01
CA THR D 254 -39.34 -14.87 31.78
C THR D 254 -40.20 -14.51 30.53
N GLU D 255 -40.76 -13.31 30.56
CA GLU D 255 -41.54 -12.79 29.43
C GLU D 255 -40.89 -11.52 28.93
N PHE D 256 -39.74 -11.19 29.52
CA PHE D 256 -38.95 -9.99 29.14
C PHE D 256 -37.46 -10.35 28.90
N ARG D 257 -36.56 -9.37 29.04
CA ARG D 257 -35.12 -9.60 28.87
C ARG D 257 -34.30 -8.74 29.86
N ASN D 258 -32.97 -8.85 29.78
CA ASN D 258 -32.06 -7.81 30.33
C ASN D 258 -30.84 -8.07 31.27
N TYR D 259 -30.88 -9.09 32.17
CA TYR D 259 -29.64 -9.36 32.99
C TYR D 259 -28.80 -10.52 32.29
N PRO D 260 -27.45 -10.65 32.52
CA PRO D 260 -26.96 -11.92 33.20
C PRO D 260 -26.80 -12.11 34.66
N GLY D 261 -27.13 -13.33 35.07
CA GLY D 261 -27.01 -13.85 36.44
C GLY D 261 -26.99 -15.30 36.04
N ILE D 262 -25.87 -15.95 36.34
CA ILE D 262 -25.63 -17.26 35.78
C ILE D 262 -26.85 -18.18 35.81
N LEU D 263 -27.72 -18.06 36.81
CA LEU D 263 -28.87 -18.97 36.82
C LEU D 263 -29.63 -19.02 35.50
N TYR D 264 -29.81 -17.86 34.84
CA TYR D 264 -30.59 -17.79 33.60
C TYR D 264 -29.78 -18.09 32.33
N CYS D 265 -28.64 -17.42 32.21
CA CYS D 265 -27.74 -17.65 31.11
C CYS D 265 -27.27 -19.12 30.96
N LEU D 266 -27.21 -19.83 32.08
CA LEU D 266 -26.78 -21.22 32.09
C LEU D 266 -27.90 -22.11 31.67
N LEU D 267 -29.11 -21.79 32.15
CA LEU D 267 -30.28 -22.59 31.87
C LEU D 267 -30.79 -22.39 30.45
N LYS D 268 -30.63 -21.17 29.94
CA LYS D 268 -31.00 -20.84 28.56
C LYS D 268 -29.75 -20.83 27.70
N SER D 269 -29.05 -21.97 27.68
CA SER D 269 -27.95 -22.16 26.77
C SER D 269 -28.11 -23.55 26.21
N GLU D 270 -28.80 -24.40 26.97
CA GLU D 270 -29.03 -25.82 26.61
C GLU D 270 -27.70 -26.63 26.58
N LYS D 271 -26.65 -26.00 27.09
CA LYS D 271 -25.32 -26.58 27.08
C LYS D 271 -24.96 -27.41 28.35
N MET D 272 -25.57 -27.05 29.49
CA MET D 272 -25.36 -27.77 30.77
C MET D 272 -26.64 -28.50 31.24
N LEU D 273 -26.49 -29.71 31.79
CA LEU D 273 -27.64 -30.49 32.28
C LEU D 273 -28.24 -29.93 33.58
N LEU D 274 -29.40 -30.45 33.97
CA LEU D 274 -30.11 -30.00 35.20
C LEU D 274 -29.27 -30.10 36.47
N GLU D 275 -28.86 -31.31 36.82
CA GLU D 275 -28.15 -31.54 38.07
C GLU D 275 -26.83 -30.78 38.15
N ASP D 276 -26.13 -30.70 37.03
CA ASP D 276 -24.84 -30.04 36.98
C ASP D 276 -24.95 -28.60 37.42
N VAL D 277 -26.05 -27.97 37.02
CA VAL D 277 -26.33 -26.56 37.36
C VAL D 277 -26.30 -26.33 38.87
N LYS D 278 -27.27 -26.94 39.57
CA LYS D 278 -27.34 -26.90 41.03
C LYS D 278 -25.95 -26.97 41.61
N ALA D 279 -25.29 -28.10 41.38
CA ALA D 279 -23.90 -28.31 41.81
C ALA D 279 -22.96 -27.11 41.64
N ASN D 280 -22.77 -26.65 40.40
CA ASN D 280 -21.84 -25.55 40.17
C ASN D 280 -22.29 -24.32 40.92
N ILE D 281 -23.58 -24.04 40.85
CA ILE D 281 -24.11 -22.87 41.52
C ILE D 281 -23.72 -22.95 42.98
N THR D 282 -23.95 -24.14 43.56
CA THR D 282 -23.59 -24.41 44.96
C THR D 282 -22.15 -24.03 45.24
N GLU D 283 -21.27 -24.40 44.33
CA GLU D 283 -19.86 -24.25 44.57
C GLU D 283 -19.45 -22.84 44.33
N MET D 284 -20.11 -22.21 43.37
CA MET D 284 -19.71 -20.88 43.05
C MET D 284 -20.02 -20.00 44.24
N LEU D 285 -21.26 -20.09 44.73
CA LEU D 285 -21.66 -19.37 45.98
C LEU D 285 -20.57 -19.49 47.02
N ALA D 286 -20.29 -20.71 47.47
CA ALA D 286 -19.27 -20.96 48.51
C ALA D 286 -17.95 -20.32 48.22
N GLY D 287 -17.56 -20.32 46.94
CA GLY D 287 -16.29 -19.71 46.54
C GLY D 287 -16.25 -18.22 46.69
N GLY D 288 -17.41 -17.58 46.58
CA GLY D 288 -17.48 -16.08 46.69
C GLY D 288 -17.21 -15.48 48.05
N VAL D 289 -17.67 -16.18 49.08
CA VAL D 289 -17.69 -15.61 50.42
C VAL D 289 -16.41 -15.15 51.07
N ASN D 290 -15.46 -16.06 51.29
CA ASN D 290 -14.39 -15.74 52.24
C ASN D 290 -13.15 -15.18 51.64
N THR D 291 -12.82 -15.72 50.47
CA THR D 291 -11.62 -15.42 49.70
C THR D 291 -11.43 -13.95 49.34
N THR D 292 -12.50 -13.37 48.78
CA THR D 292 -12.47 -11.95 48.32
C THR D 292 -12.39 -11.07 49.50
N SER D 293 -13.22 -11.45 50.46
CA SER D 293 -13.20 -10.86 51.79
C SER D 293 -11.82 -10.81 52.37
N MET D 294 -11.22 -11.97 52.63
CA MET D 294 -9.88 -11.96 53.29
C MET D 294 -8.95 -11.08 52.55
N THR D 295 -8.89 -11.30 51.23
CA THR D 295 -7.90 -10.56 50.41
C THR D 295 -8.15 -9.09 50.58
N LEU D 296 -9.39 -8.70 50.28
CA LEU D 296 -9.79 -7.30 50.39
C LEU D 296 -9.44 -6.75 51.79
N GLN D 297 -9.79 -7.50 52.85
CA GLN D 297 -9.25 -7.11 54.18
C GLN D 297 -7.78 -6.84 54.22
N TRP D 298 -7.00 -7.74 53.62
CA TRP D 298 -5.54 -7.56 53.61
C TRP D 298 -5.11 -6.32 52.89
N HIS D 299 -5.80 -6.03 51.77
CA HIS D 299 -5.45 -4.85 50.94
C HIS D 299 -5.47 -3.65 51.85
N LEU D 300 -6.61 -3.48 52.51
CA LEU D 300 -6.77 -2.34 53.46
C LEU D 300 -5.67 -2.38 54.48
N TYR D 301 -5.50 -3.52 55.12
CA TYR D 301 -4.32 -3.71 56.03
C TYR D 301 -3.07 -3.10 55.46
N GLU D 302 -2.70 -3.54 54.26
CA GLU D 302 -1.50 -2.97 53.58
C GLU D 302 -1.52 -1.52 53.32
N MET D 303 -2.62 -1.08 52.72
CA MET D 303 -2.82 0.35 52.49
C MET D 303 -2.59 1.13 53.79
N ALA D 304 -3.00 0.55 54.93
CA ALA D 304 -2.65 1.14 56.27
C ALA D 304 -1.17 1.17 56.69
N ARG D 305 -0.42 0.13 56.33
CA ARG D 305 1.05 0.17 56.58
C ARG D 305 1.80 0.92 55.50
N SER D 306 1.14 1.15 54.37
CA SER D 306 1.83 1.80 53.26
C SER D 306 1.06 3.03 52.78
N LEU D 307 1.14 4.07 53.60
CA LEU D 307 0.29 5.25 53.45
C LEU D 307 0.50 5.98 52.13
N ASN D 308 1.75 6.18 51.75
CA ASN D 308 2.03 6.73 50.43
C ASN D 308 1.28 6.02 49.30
N VAL D 309 1.49 4.70 49.16
CA VAL D 309 0.86 3.97 48.04
C VAL D 309 -0.64 4.19 47.98
N GLN D 310 -1.22 4.44 49.15
CA GLN D 310 -2.66 4.68 49.29
C GLN D 310 -3.11 6.01 48.70
N GLU D 311 -2.22 7.01 48.77
CA GLU D 311 -2.42 8.30 48.09
C GLU D 311 -2.24 8.21 46.57
N MET D 312 -1.18 7.51 46.16
CA MET D 312 -0.92 7.18 44.75
C MET D 312 -2.05 6.40 44.10
N LEU D 313 -2.74 5.57 44.88
CA LEU D 313 -3.87 4.80 44.34
C LEU D 313 -5.08 5.69 44.10
N ARG D 314 -5.33 6.56 45.09
CA ARG D 314 -6.36 7.58 45.01
C ARG D 314 -6.10 8.57 43.87
N GLU D 315 -4.86 9.05 43.77
CA GLU D 315 -4.47 9.85 42.62
C GLU D 315 -5.05 9.18 41.38
N GLU D 316 -4.71 7.90 41.19
CA GLU D 316 -5.07 7.17 39.97
C GLU D 316 -6.52 6.76 39.90
N VAL D 317 -7.16 6.58 41.05
CA VAL D 317 -8.59 6.21 41.03
C VAL D 317 -9.36 7.48 40.74
N LEU D 318 -9.11 8.52 41.53
CA LEU D 318 -9.87 9.79 41.45
C LEU D 318 -9.76 10.44 40.07
N ASN D 319 -8.52 10.77 39.66
CA ASN D 319 -8.27 11.23 38.30
C ASN D 319 -9.19 10.49 37.33
N ALA D 320 -9.03 9.17 37.21
CA ALA D 320 -9.85 8.38 36.27
C ALA D 320 -11.35 8.74 36.18
N ARG D 321 -11.95 9.18 37.29
CA ARG D 321 -13.36 9.66 37.25
C ARG D 321 -13.42 10.95 36.35
N ARG D 322 -12.63 11.95 36.72
CA ARG D 322 -12.47 13.11 35.89
C ARG D 322 -12.16 12.57 34.46
N GLN D 323 -10.97 11.98 34.33
CA GLN D 323 -10.43 11.61 33.05
C GLN D 323 -11.18 10.54 32.24
N ALA D 324 -12.28 10.03 32.79
CA ALA D 324 -13.17 9.08 32.09
C ALA D 324 -14.65 9.57 32.06
N GLU D 325 -14.88 10.70 32.77
CA GLU D 325 -16.20 11.38 32.84
C GLU D 325 -17.45 10.57 33.25
N GLY D 326 -17.46 10.21 34.53
CA GLY D 326 -18.60 9.55 35.13
C GLY D 326 -18.59 8.04 35.02
N ASP D 327 -18.83 7.51 33.81
CA ASP D 327 -19.19 6.09 33.75
C ASP D 327 -18.00 5.16 34.24
N ILE D 328 -18.39 4.04 34.84
CA ILE D 328 -17.48 3.17 35.54
C ILE D 328 -16.76 2.21 34.57
N SER D 329 -17.56 1.50 33.75
CA SER D 329 -17.04 0.66 32.65
C SER D 329 -15.81 1.22 31.93
N LYS D 330 -15.80 2.52 31.66
CA LYS D 330 -14.67 3.14 31.00
C LYS D 330 -13.51 3.37 31.96
N MET D 331 -13.79 3.88 33.15
CA MET D 331 -12.69 4.19 34.09
C MET D 331 -12.08 2.91 34.66
N LEU D 332 -12.77 1.79 34.45
CA LEU D 332 -12.24 0.48 34.75
C LEU D 332 -11.12 0.08 33.75
N GLN D 333 -10.26 1.05 33.41
CA GLN D 333 -9.19 0.84 32.42
C GLN D 333 -8.08 1.85 32.59
N MET D 334 -8.35 2.88 33.37
CA MET D 334 -7.37 3.94 33.61
C MET D 334 -6.64 3.75 34.96
N VAL D 335 -7.00 2.68 35.66
CA VAL D 335 -6.42 2.36 36.97
C VAL D 335 -5.56 1.06 37.06
N PRO D 336 -4.54 0.93 36.20
CA PRO D 336 -3.71 -0.27 36.21
C PRO D 336 -2.99 -0.53 37.56
N LEU D 337 -2.45 0.50 38.21
CA LEU D 337 -1.84 0.36 39.58
C LEU D 337 -2.79 -0.33 40.56
N LEU D 338 -3.98 0.22 40.70
CA LEU D 338 -5.02 -0.47 41.44
C LEU D 338 -5.24 -1.92 40.96
N LYS D 339 -5.14 -2.14 39.66
CA LYS D 339 -5.21 -3.51 39.13
C LYS D 339 -3.99 -4.30 39.66
N ALA D 340 -2.90 -3.61 39.92
CA ALA D 340 -1.66 -4.26 40.32
C ALA D 340 -1.58 -4.47 41.84
N SER D 341 -2.10 -3.51 42.61
CA SER D 341 -2.22 -3.59 44.07
C SER D 341 -2.86 -4.91 44.43
N ILE D 342 -4.01 -5.23 43.84
CA ILE D 342 -4.68 -6.49 44.10
C ILE D 342 -3.72 -7.66 43.92
N LYS D 343 -2.98 -7.67 42.80
CA LYS D 343 -1.96 -8.71 42.54
C LYS D 343 -0.90 -8.71 43.66
N GLU D 344 -0.50 -7.54 44.14
CA GLU D 344 0.49 -7.42 45.22
C GLU D 344 -0.02 -7.98 46.60
N THR D 345 -1.33 -7.97 46.80
CA THR D 345 -1.83 -8.34 48.08
C THR D 345 -1.82 -9.83 48.02
N LEU D 346 -2.21 -10.37 46.86
CA LEU D 346 -2.20 -11.83 46.67
C LEU D 346 -0.73 -12.37 46.71
N ARG D 347 0.23 -11.47 46.57
CA ARG D 347 1.61 -11.83 46.69
C ARG D 347 1.91 -12.19 48.16
N LEU D 348 2.09 -11.18 49.01
CA LEU D 348 2.20 -11.39 50.46
C LEU D 348 1.09 -12.20 51.17
N HIS D 349 -0.14 -12.24 50.64
CA HIS D 349 -1.23 -12.84 51.35
C HIS D 349 -2.03 -13.70 50.45
N PRO D 350 -1.43 -14.79 49.98
CA PRO D 350 -2.12 -15.70 49.17
C PRO D 350 -3.15 -16.33 49.98
N ILE D 351 -4.23 -16.77 49.36
CA ILE D 351 -5.23 -17.61 49.94
C ILE D 351 -4.93 -19.15 49.78
N SER D 352 -4.12 -19.52 48.78
CA SER D 352 -3.73 -20.95 48.64
C SER D 352 -2.29 -20.92 48.92
N VAL D 353 -1.90 -21.75 49.89
CA VAL D 353 -0.47 -21.86 50.32
C VAL D 353 0.37 -22.42 49.13
N THR D 354 -0.18 -23.44 48.48
CA THR D 354 0.44 -23.97 47.25
C THR D 354 -0.54 -24.20 46.00
N LEU D 355 0.07 -24.26 44.82
CA LEU D 355 -0.63 -24.91 43.70
C LEU D 355 -0.06 -26.31 43.53
N GLN D 356 -0.93 -27.26 43.19
CA GLN D 356 -0.54 -28.60 43.01
C GLN D 356 -0.94 -29.00 41.63
N ARG D 357 -0.10 -29.83 40.98
CA ARG D 357 -0.36 -30.40 39.62
C ARG D 357 0.25 -31.80 39.55
N TYR D 358 -0.59 -32.79 39.27
CA TYR D 358 -0.15 -34.13 38.92
C TYR D 358 0.25 -34.26 37.40
N PRO D 359 1.53 -34.04 37.06
CA PRO D 359 1.97 -34.07 35.65
C PRO D 359 1.54 -35.29 34.86
N GLU D 360 1.24 -35.09 33.58
CA GLU D 360 0.81 -36.17 32.69
C GLU D 360 1.96 -37.15 32.24
N SER D 361 3.17 -36.60 32.10
CA SER D 361 4.36 -37.32 31.60
C SER D 361 5.50 -37.17 32.62
N ASP D 362 6.70 -37.67 32.30
CA ASP D 362 7.81 -37.47 33.21
C ASP D 362 8.40 -36.15 32.86
N LEU D 363 9.15 -35.57 33.80
CA LEU D 363 9.79 -34.31 33.53
C LEU D 363 10.95 -34.22 34.48
N VAL D 364 11.75 -33.18 34.36
CA VAL D 364 12.94 -33.04 35.17
C VAL D 364 12.86 -31.67 35.82
N LEU D 365 13.15 -31.59 37.13
CA LEU D 365 13.12 -30.32 37.86
C LEU D 365 14.33 -30.14 38.77
N GLN D 366 15.05 -29.04 38.63
CA GLN D 366 16.31 -28.88 39.34
C GLN D 366 17.20 -30.12 39.16
N ASP D 367 16.99 -30.84 38.06
CA ASP D 367 17.86 -31.94 37.63
C ASP D 367 17.52 -33.24 38.32
N TYR D 368 16.22 -33.55 38.38
CA TYR D 368 15.79 -34.73 39.05
C TYR D 368 14.72 -35.22 38.15
N LEU D 369 14.58 -36.53 38.04
CA LEU D 369 13.54 -37.11 37.27
C LEU D 369 12.24 -37.03 38.08
N ILE D 370 11.14 -36.73 37.40
CA ILE D 370 9.87 -36.61 38.05
C ILE D 370 8.86 -37.44 37.33
N PRO D 371 8.47 -38.56 37.93
CA PRO D 371 7.51 -39.49 37.33
C PRO D 371 6.07 -38.98 37.19
N ALA D 372 5.45 -39.28 36.06
CA ALA D 372 4.05 -39.00 35.84
C ALA D 372 3.25 -39.29 37.12
N LYS D 373 2.18 -38.51 37.33
CA LYS D 373 1.20 -38.74 38.41
C LYS D 373 1.79 -38.59 39.86
N THR D 374 2.80 -37.73 39.97
CA THR D 374 3.42 -37.31 41.21
C THR D 374 2.84 -35.95 41.60
N LEU D 375 2.52 -35.79 42.89
CA LEU D 375 2.00 -34.56 43.43
C LEU D 375 3.09 -33.60 43.61
N VAL D 376 3.12 -32.58 42.76
CA VAL D 376 4.10 -31.53 42.92
C VAL D 376 3.38 -30.25 43.37
N GLN D 377 3.94 -29.57 44.37
CA GLN D 377 3.32 -28.38 44.94
C GLN D 377 4.20 -27.21 44.82
N VAL D 378 3.61 -26.09 44.45
CA VAL D 378 4.35 -24.88 44.37
C VAL D 378 4.13 -24.04 45.59
N ALA D 379 5.23 -23.68 46.23
CA ALA D 379 5.20 -22.91 47.44
C ALA D 379 4.90 -21.45 47.16
N ILE D 380 3.68 -21.24 46.69
CA ILE D 380 3.14 -19.90 46.46
C ILE D 380 3.35 -18.94 47.61
N TYR D 381 3.01 -19.36 48.84
CA TYR D 381 3.27 -18.53 50.02
C TYR D 381 4.76 -18.27 50.20
N ALA D 382 5.56 -19.33 50.06
CA ALA D 382 6.99 -19.21 50.31
C ALA D 382 7.74 -18.61 49.15
N MET D 383 7.09 -18.54 48.00
CA MET D 383 7.67 -17.73 46.92
C MET D 383 7.52 -16.27 47.22
N GLY D 384 6.32 -15.88 47.62
CA GLY D 384 6.01 -14.46 47.89
C GLY D 384 6.94 -13.86 48.91
N ARG D 385 7.48 -14.72 49.77
CA ARG D 385 8.28 -14.19 50.85
C ARG D 385 9.70 -14.07 50.52
N ASP D 386 10.15 -14.83 49.55
CA ASP D 386 11.57 -14.96 49.28
C ASP D 386 12.17 -13.77 48.53
N PRO D 387 13.25 -13.20 49.06
CA PRO D 387 13.92 -12.02 48.46
C PRO D 387 14.86 -12.40 47.33
N ALA D 388 14.78 -13.64 46.90
CA ALA D 388 15.58 -14.11 45.78
C ALA D 388 14.69 -13.90 44.56
N PHE D 389 13.39 -13.80 44.80
CA PHE D 389 12.39 -13.47 43.77
C PHE D 389 11.76 -12.03 43.82
N PHE D 390 11.63 -11.45 45.00
CA PHE D 390 11.04 -10.12 45.08
C PHE D 390 11.85 -9.17 45.95
N SER D 391 12.69 -8.33 45.33
CA SER D 391 13.50 -7.34 46.08
C SER D 391 12.64 -6.72 47.17
N SER D 392 13.19 -6.62 48.39
CA SER D 392 12.43 -6.18 49.57
C SER D 392 11.04 -6.81 49.59
N PRO D 393 10.96 -8.10 49.95
CA PRO D 393 9.71 -8.80 49.93
C PRO D 393 8.73 -8.38 51.05
N ASP D 394 9.22 -7.71 52.10
CA ASP D 394 8.32 -7.26 53.21
C ASP D 394 7.62 -5.93 52.86
N LYS D 395 8.05 -5.32 51.74
CA LYS D 395 7.53 -4.02 51.29
C LYS D 395 6.38 -4.19 50.30
N PHE D 396 5.29 -3.47 50.51
CA PHE D 396 4.14 -3.61 49.64
C PHE D 396 4.32 -2.66 48.48
N ASP D 397 4.60 -3.20 47.29
CA ASP D 397 4.94 -2.35 46.13
C ASP D 397 4.27 -2.79 44.83
N PRO D 398 3.16 -2.15 44.46
CA PRO D 398 2.38 -2.53 43.29
C PRO D 398 3.07 -2.25 41.92
N THR D 399 4.08 -1.39 41.91
CA THR D 399 4.81 -1.09 40.68
C THR D 399 5.51 -2.34 40.14
N ARG D 400 5.86 -3.26 41.04
CA ARG D 400 6.55 -4.48 40.66
C ARG D 400 5.74 -5.39 39.72
N TRP D 401 4.51 -5.00 39.38
CA TRP D 401 3.58 -5.94 38.71
C TRP D 401 3.21 -5.47 37.33
N LEU D 402 4.03 -4.56 36.82
CA LEU D 402 3.71 -3.93 35.56
C LEU D 402 4.95 -3.37 34.92
N SER D 403 6.13 -3.81 35.38
CA SER D 403 7.37 -3.25 34.84
C SER D 403 7.49 -3.31 33.30
N LYS D 404 7.50 -4.52 32.73
CA LYS D 404 7.67 -4.69 31.24
C LYS D 404 8.47 -3.61 30.42
N ASP D 405 9.62 -3.16 30.92
CA ASP D 405 10.42 -2.23 30.11
C ASP D 405 11.93 -2.29 30.31
N LYS D 406 12.34 -1.95 31.52
CA LYS D 406 13.76 -1.96 31.90
C LYS D 406 13.96 -3.23 32.74
N ASP D 407 12.94 -4.08 32.75
CA ASP D 407 12.96 -5.34 33.51
C ASP D 407 13.55 -6.41 32.59
N LEU D 408 14.40 -7.27 33.15
CA LEU D 408 14.99 -8.38 32.40
C LEU D 408 14.06 -9.58 32.27
N ILE D 409 13.89 -10.32 33.36
CA ILE D 409 13.00 -11.47 33.38
C ILE D 409 11.69 -10.96 33.97
N HIS D 410 10.59 -11.65 33.66
CA HIS D 410 9.31 -11.21 34.07
C HIS D 410 8.49 -12.42 34.31
N PHE D 411 7.76 -12.39 35.43
CA PHE D 411 6.97 -13.49 35.82
C PHE D 411 5.60 -12.90 36.14
N ARG D 412 4.54 -13.68 35.98
CA ARG D 412 3.19 -13.20 36.31
C ARG D 412 2.60 -13.82 37.61
N ASN D 413 1.51 -13.23 38.09
CA ASN D 413 0.98 -13.46 39.42
C ASN D 413 0.21 -14.75 39.53
N LEU D 414 0.46 -15.53 40.58
CA LEU D 414 -0.21 -16.85 40.67
C LEU D 414 -1.41 -16.96 41.59
N GLY D 415 -1.70 -15.86 42.31
CA GLY D 415 -2.78 -15.86 43.32
C GLY D 415 -3.95 -16.65 42.93
N PHE D 416 -4.31 -16.63 41.63
CA PHE D 416 -5.49 -17.42 41.16
C PHE D 416 -5.19 -18.77 40.59
N GLY D 417 -3.91 -19.09 40.56
CA GLY D 417 -3.51 -20.33 39.85
C GLY D 417 -3.08 -20.02 38.42
N TRP D 418 -3.25 -20.99 37.51
CA TRP D 418 -2.74 -20.76 36.10
C TRP D 418 -3.18 -21.79 35.17
N GLY D 419 -3.20 -21.42 33.88
CA GLY D 419 -3.62 -22.32 32.81
C GLY D 419 -5.11 -22.39 32.83
N VAL D 420 -5.63 -23.49 32.31
CA VAL D 420 -7.00 -23.67 32.01
C VAL D 420 -7.78 -24.24 33.14
N ARG D 421 -7.11 -24.39 34.29
CA ARG D 421 -7.85 -24.86 35.49
C ARG D 421 -7.67 -23.85 36.60
N GLN D 422 -7.22 -22.63 36.25
CA GLN D 422 -7.21 -21.53 37.20
C GLN D 422 -8.59 -21.24 37.86
N CYS D 423 -8.65 -20.14 38.63
CA CYS D 423 -9.92 -19.74 39.31
C CYS D 423 -10.94 -19.36 38.25
N VAL D 424 -12.05 -20.10 38.15
CA VAL D 424 -13.12 -19.66 37.30
C VAL D 424 -13.69 -18.30 37.88
N GLY D 425 -13.96 -18.25 39.19
CA GLY D 425 -14.36 -17.03 39.84
C GLY D 425 -13.30 -15.98 39.75
N ARG D 426 -12.27 -16.19 38.94
CA ARG D 426 -11.16 -15.22 38.89
C ARG D 426 -11.62 -13.84 38.44
N ARG D 427 -12.39 -13.80 37.35
CA ARG D 427 -12.79 -12.54 36.73
C ARG D 427 -13.93 -11.89 37.53
N ILE D 428 -14.77 -12.72 38.18
CA ILE D 428 -15.78 -12.20 39.12
C ILE D 428 -15.13 -11.49 40.30
N ALA D 429 -14.20 -12.17 40.96
CA ALA D 429 -13.46 -11.62 42.05
C ALA D 429 -12.77 -10.37 41.64
N GLU D 430 -12.04 -10.38 40.53
CA GLU D 430 -11.13 -9.24 40.21
C GLU D 430 -11.94 -7.97 39.95
N LEU D 431 -13.15 -8.15 39.45
CA LEU D 431 -14.01 -7.01 39.20
C LEU D 431 -14.69 -6.62 40.52
N GLU D 432 -15.24 -7.62 41.21
CA GLU D 432 -15.80 -7.42 42.54
C GLU D 432 -14.92 -6.64 43.52
N MET D 433 -13.61 -6.72 43.39
CA MET D 433 -12.73 -6.07 44.34
C MET D 433 -12.21 -4.81 43.76
N THR D 434 -12.10 -4.78 42.43
CA THR D 434 -11.57 -3.62 41.77
C THR D 434 -12.61 -2.55 42.02
N LEU D 435 -13.85 -2.89 41.79
CA LEU D 435 -14.95 -2.02 42.07
C LEU D 435 -14.78 -1.51 43.51
N PHE D 436 -15.23 -2.31 44.47
CA PHE D 436 -15.01 -2.03 45.89
C PHE D 436 -13.87 -1.08 46.17
N LEU D 437 -12.68 -1.33 45.61
CA LEU D 437 -11.53 -0.45 45.89
C LEU D 437 -11.59 0.88 45.19
N ILE D 438 -12.49 0.97 44.21
CA ILE D 438 -12.64 2.19 43.42
C ILE D 438 -13.34 3.17 44.36
N HIS D 439 -14.52 2.76 44.80
CA HIS D 439 -15.38 3.51 45.69
C HIS D 439 -14.82 3.70 47.08
N ILE D 440 -13.82 2.91 47.48
CA ILE D 440 -13.22 3.07 48.81
C ILE D 440 -12.21 4.17 48.81
N LEU D 441 -11.57 4.40 47.68
CA LEU D 441 -10.53 5.44 47.65
C LEU D 441 -11.13 6.81 47.34
N GLU D 442 -12.27 6.81 46.68
CA GLU D 442 -12.99 8.04 46.41
C GLU D 442 -13.81 8.53 47.65
N ASN D 443 -13.64 7.89 48.80
CA ASN D 443 -14.48 8.15 49.97
C ASN D 443 -13.80 8.13 51.33
N PHE D 444 -12.86 7.20 51.55
CA PHE D 444 -12.25 7.01 52.88
C PHE D 444 -10.74 6.94 52.78
N LYS D 445 -10.02 7.44 53.80
CA LYS D 445 -8.56 7.32 53.84
C LYS D 445 -8.29 6.32 54.96
N VAL D 446 -7.73 5.15 54.60
CA VAL D 446 -7.63 4.04 55.54
C VAL D 446 -6.33 4.06 56.32
N GLU D 447 -6.45 4.15 57.66
CA GLU D 447 -5.29 4.10 58.55
C GLU D 447 -5.51 2.97 59.54
N MET D 448 -4.57 2.80 60.47
CA MET D 448 -4.69 1.77 61.52
C MET D 448 -4.15 2.33 62.82
N GLN D 449 -4.81 2.00 63.93
CA GLN D 449 -4.40 2.56 65.23
C GLN D 449 -2.92 2.27 65.54
N HIS D 450 -2.57 1.00 65.71
CA HIS D 450 -1.16 0.61 65.93
C HIS D 450 -0.51 0.15 64.61
N ILE D 451 0.83 0.23 64.57
CA ILE D 451 1.59 -0.31 63.45
C ILE D 451 1.32 -1.82 63.33
N GLY D 452 1.44 -2.35 62.11
CA GLY D 452 1.09 -3.76 61.82
C GLY D 452 1.92 -4.81 62.55
N ASP D 453 1.27 -5.91 62.91
CA ASP D 453 1.94 -7.07 63.50
C ASP D 453 1.02 -8.30 63.44
N VAL D 454 0.21 -8.34 62.40
CA VAL D 454 -0.69 -9.48 62.13
C VAL D 454 0.09 -10.47 61.25
N ASP D 455 -0.19 -11.76 61.44
CA ASP D 455 0.59 -12.83 60.85
C ASP D 455 -0.40 -13.80 60.32
N THR D 456 0.08 -14.73 59.48
CA THR D 456 -0.81 -15.61 58.75
C THR D 456 -0.88 -16.91 59.46
N ILE D 457 -2.03 -17.56 59.37
CA ILE D 457 -2.25 -18.80 60.03
C ILE D 457 -3.03 -19.53 58.99
N PHE D 458 -2.94 -20.86 58.99
CA PHE D 458 -3.48 -21.65 57.93
C PHE D 458 -4.75 -22.32 58.34
N ASN D 459 -5.82 -22.06 57.61
CA ASN D 459 -7.07 -22.82 57.78
C ASN D 459 -7.67 -23.40 56.55
N LEU D 460 -6.84 -24.07 55.73
CA LEU D 460 -7.18 -24.47 54.32
C LEU D 460 -6.80 -23.17 53.51
N ILE D 461 -7.55 -22.08 53.72
CA ILE D 461 -7.21 -20.82 53.13
C ILE D 461 -6.44 -20.03 54.13
N LEU D 462 -5.46 -19.27 53.70
CA LEU D 462 -4.71 -18.50 54.62
C LEU D 462 -5.50 -17.28 55.17
N THR D 463 -5.45 -17.10 56.48
CA THR D 463 -6.19 -16.05 57.17
C THR D 463 -5.26 -15.37 58.14
N PRO D 464 -5.54 -14.10 58.48
CA PRO D 464 -4.70 -13.44 59.50
C PRO D 464 -4.98 -14.15 60.86
N ASP D 465 -4.06 -14.03 61.80
CA ASP D 465 -4.19 -14.75 63.08
C ASP D 465 -5.08 -13.98 64.04
N LYS D 466 -4.85 -12.67 64.10
CA LYS D 466 -5.59 -11.79 65.01
C LYS D 466 -6.47 -10.84 64.18
N PRO D 467 -7.56 -10.35 64.77
CA PRO D 467 -8.41 -9.33 64.17
C PRO D 467 -7.67 -8.07 63.71
N ILE D 468 -8.30 -7.32 62.81
CA ILE D 468 -7.66 -6.17 62.20
C ILE D 468 -8.62 -5.00 62.31
N PHE D 469 -8.32 -4.08 63.23
CA PHE D 469 -9.17 -2.92 63.48
C PHE D 469 -8.66 -1.79 62.62
N LEU D 470 -9.41 -1.48 61.56
CA LEU D 470 -9.06 -0.38 60.65
C LEU D 470 -9.81 0.92 60.99
N VAL D 471 -9.15 2.05 60.73
CA VAL D 471 -9.77 3.37 60.84
C VAL D 471 -10.36 3.73 59.47
N PHE D 472 -11.25 4.72 59.46
CA PHE D 472 -11.90 5.17 58.24
C PHE D 472 -12.25 6.66 58.28
N ARG D 473 -11.35 7.51 57.79
CA ARG D 473 -11.61 8.95 57.65
C ARG D 473 -12.20 9.31 56.26
N PRO D 474 -13.43 9.85 56.23
CA PRO D 474 -14.08 10.22 54.96
C PRO D 474 -13.45 11.39 54.22
N PHE D 475 -13.82 11.54 52.94
CA PHE D 475 -13.19 12.52 52.04
C PHE D 475 -11.75 12.10 51.70
#